data_6F6J
#
_entry.id   6F6J
#
_cell.length_a   56.950
_cell.length_b   67.390
_cell.length_c   110.650
_cell.angle_alpha   107.55
_cell.angle_beta   102.87
_cell.angle_gamma   93.58
#
_symmetry.space_group_name_H-M   'P 1'
#
loop_
_entity.id
_entity.type
_entity.pdbx_description
1 polymer 'L-lysine 3-hydroxylase'
2 non-polymer 'FE (III) ION'
3 non-polymer 'SUCCINIC ACID'
4 non-polymer '(2~{S},3~{R})-2,6-bis(azanyl)-3-oxidanyl-hexanoic acid'
5 non-polymer 'ACETATE ION'
6 water water
#
_entity_poly.entity_id   1
_entity_poly.type   'polypeptide(L)'
_entity_poly.pdbx_seq_one_letter_code
;MKNLSAYEVYESPKTSGESRTEAVSEAAFESDPEVSAILVLTSSEASTLERVADLVTAHALYAAHDFCAQAQLAAAELPS
RVVARLQEFAWGDMNEGHLLIKGLPQVRSLPPTPTSNVHAVAATTPMSRYQALINECVGRMIAYEAEGHGHTFQDMVPSA
MSAHSQTSLGSAVELELHTEQAFSPLRPDFVSLACLRGDPRALTYLFSARQLVATLTTQEIAMLREPMWTTTVDESFLAE
GRTFLLGFERGPIPILSGADDDPFIVFDQDLMRGISAPAQELQQTVIRAYYAERVSHCLAPGEMLLIDNRRAVHGRSIFA
PRFDGADRFLSRSFIVADGSRSRHARSSFGRVVSARFS
;
_entity_poly.pdbx_strand_id   A,B,C,D
#
loop_
_chem_comp.id
_chem_comp.type
_chem_comp.name
_chem_comp.formula
ACT non-polymer 'ACETATE ION' 'C2 H3 O2 -1'
CUW non-polymer '(2~{S},3~{R})-2,6-bis(azanyl)-3-oxidanyl-hexanoic acid' 'C6 H14 N2 O3'
FE non-polymer 'FE (III) ION' 'Fe 3'
SIN non-polymer 'SUCCINIC ACID' 'C4 H6 O4'
#
# COMPACT_ATOMS: atom_id res chain seq x y z
N GLU A 34 26.21 26.34 5.45
CA GLU A 34 25.21 27.40 5.49
C GLU A 34 24.19 27.22 6.64
N VAL A 35 23.80 25.95 6.96
CA VAL A 35 22.85 25.63 8.05
C VAL A 35 23.48 25.89 9.44
N SER A 36 22.74 26.58 10.34
CA SER A 36 23.17 26.97 11.68
C SER A 36 22.61 26.05 12.78
N ALA A 37 21.27 25.90 12.83
CA ALA A 37 20.52 25.10 13.81
C ALA A 37 20.89 23.60 13.72
N ILE A 38 21.96 23.23 14.43
CA ILE A 38 22.51 21.88 14.39
C ILE A 38 22.53 21.25 15.79
N LEU A 39 22.06 20.00 15.87
CA LEU A 39 22.11 19.16 17.05
C LEU A 39 23.07 18.02 16.68
N VAL A 40 24.21 17.94 17.38
CA VAL A 40 25.23 16.91 17.14
C VAL A 40 25.12 15.90 18.30
N LEU A 41 24.72 14.67 17.99
CA LEU A 41 24.61 13.62 19.01
C LEU A 41 26.01 13.10 19.34
N THR A 42 26.29 12.92 20.62
CA THR A 42 27.56 12.32 21.04
C THR A 42 27.44 10.80 20.83
N SER A 43 28.57 10.09 20.87
CA SER A 43 28.63 8.63 20.75
C SER A 43 27.71 7.94 21.78
N SER A 44 27.71 8.42 23.03
CA SER A 44 26.89 7.93 24.13
C SER A 44 25.38 8.16 23.85
N GLU A 45 25.03 9.36 23.36
CA GLU A 45 23.63 9.72 23.01
C GLU A 45 23.14 8.86 21.84
N ALA A 46 23.99 8.65 20.82
CA ALA A 46 23.67 7.79 19.67
C ALA A 46 23.47 6.33 20.13
N SER A 47 24.28 5.85 21.08
CA SER A 47 24.15 4.51 21.66
C SER A 47 22.84 4.35 22.43
N THR A 48 22.42 5.41 23.18
CA THR A 48 21.14 5.43 23.91
C THR A 48 19.98 5.31 22.90
N LEU A 49 20.00 6.11 21.81
CA LEU A 49 18.99 6.11 20.74
C LEU A 49 18.82 4.70 20.16
N GLU A 50 19.96 4.04 19.88
CA GLU A 50 20.04 2.69 19.34
C GLU A 50 19.34 1.67 20.25
N ARG A 51 19.61 1.77 21.57
CA ARG A 51 19.03 0.92 22.61
C ARG A 51 17.53 1.19 22.75
N VAL A 52 17.13 2.47 22.79
CA VAL A 52 15.73 2.90 22.94
C VAL A 52 14.86 2.45 21.72
N ALA A 53 15.46 2.38 20.51
CA ALA A 53 14.77 1.91 19.28
C ALA A 53 14.22 0.47 19.41
N ASP A 54 14.86 -0.37 20.25
CA ASP A 54 14.43 -1.75 20.52
C ASP A 54 13.06 -1.81 21.20
N LEU A 55 12.64 -0.69 21.85
CA LEU A 55 11.33 -0.61 22.48
C LEU A 55 10.20 -0.41 21.47
N VAL A 56 10.55 -0.07 20.20
CA VAL A 56 9.59 0.18 19.14
C VAL A 56 9.59 -1.08 18.26
N THR A 57 8.58 -1.95 18.47
CA THR A 57 8.52 -3.27 17.82
C THR A 57 7.40 -3.43 16.77
N ALA A 58 6.33 -2.59 16.82
CA ALA A 58 5.21 -2.69 15.87
C ALA A 58 5.67 -2.38 14.43
N HIS A 59 4.95 -2.94 13.43
CA HIS A 59 5.25 -2.74 12.02
C HIS A 59 4.87 -1.30 11.66
N ALA A 60 5.83 -0.50 11.18
CA ALA A 60 5.60 0.91 10.87
C ALA A 60 4.52 1.08 9.82
N LEU A 61 4.42 0.14 8.85
CA LEU A 61 3.42 0.24 7.79
C LEU A 61 2.08 -0.38 8.09
N TYR A 62 2.08 -1.56 8.72
CA TYR A 62 0.85 -2.31 8.90
C TYR A 62 0.22 -2.15 10.30
N ALA A 63 0.94 -1.49 11.24
CA ALA A 63 0.43 -1.17 12.58
C ALA A 63 0.95 0.22 12.95
N ALA A 64 0.79 1.20 12.01
CA ALA A 64 1.29 2.57 12.12
C ALA A 64 0.97 3.28 13.44
N HIS A 65 -0.29 3.24 13.90
CA HIS A 65 -0.67 3.87 15.15
C HIS A 65 0.09 3.29 16.35
N ASP A 66 0.14 1.93 16.47
CA ASP A 66 0.86 1.24 17.54
C ASP A 66 2.36 1.58 17.49
N PHE A 67 2.93 1.60 16.27
CA PHE A 67 4.33 1.94 16.04
C PHE A 67 4.62 3.37 16.57
N CYS A 68 3.80 4.36 16.13
CA CYS A 68 3.99 5.76 16.51
C CYS A 68 3.76 5.97 17.98
N ALA A 69 2.74 5.29 18.57
CA ALA A 69 2.46 5.39 20.02
C ALA A 69 3.62 4.80 20.83
N GLN A 70 4.23 3.68 20.35
CA GLN A 70 5.38 3.07 21.02
C GLN A 70 6.56 4.00 20.98
N ALA A 71 6.75 4.71 19.83
CA ALA A 71 7.83 5.66 19.67
C ALA A 71 7.63 6.80 20.66
N GLN A 72 6.39 7.32 20.77
CA GLN A 72 6.07 8.44 21.68
C GLN A 72 6.39 8.10 23.12
N LEU A 73 6.07 6.87 23.53
CA LEU A 73 6.36 6.42 24.89
C LEU A 73 7.87 6.19 25.11
N ALA A 74 8.53 5.50 24.19
CA ALA A 74 9.97 5.20 24.27
C ALA A 74 10.84 6.47 24.24
N ALA A 75 10.35 7.58 23.57
CA ALA A 75 11.05 8.86 23.49
C ALA A 75 11.37 9.46 24.89
N ALA A 76 10.61 9.05 25.92
CA ALA A 76 10.88 9.45 27.33
C ALA A 76 12.23 8.91 27.80
N GLU A 77 12.73 7.83 27.17
CA GLU A 77 14.03 7.22 27.53
C GLU A 77 15.20 7.87 26.77
N LEU A 78 14.95 8.83 25.85
CA LEU A 78 16.07 9.47 25.12
C LEU A 78 16.93 10.40 26.02
N PRO A 79 18.20 10.75 25.66
CA PRO A 79 19.00 11.65 26.53
C PRO A 79 18.29 13.00 26.73
N SER A 80 18.20 13.48 27.99
CA SER A 80 17.50 14.72 28.35
C SER A 80 17.96 15.95 27.54
N ARG A 81 19.26 16.05 27.20
CA ARG A 81 19.80 17.15 26.39
C ARG A 81 19.16 17.17 25.00
N VAL A 82 18.98 15.99 24.40
CA VAL A 82 18.38 15.81 23.08
C VAL A 82 16.87 16.16 23.13
N VAL A 83 16.15 15.63 24.11
CA VAL A 83 14.71 15.87 24.34
C VAL A 83 14.48 17.39 24.54
N ALA A 84 15.31 18.07 25.37
CA ALA A 84 15.21 19.53 25.62
C ALA A 84 15.30 20.33 24.32
N ARG A 85 16.28 20.01 23.48
N ARG A 85 16.29 20.02 23.47
CA ARG A 85 16.48 20.68 22.18
CA ARG A 85 16.49 20.68 22.19
C ARG A 85 15.30 20.48 21.24
C ARG A 85 15.30 20.48 21.25
N LEU A 86 14.75 19.24 21.18
CA LEU A 86 13.59 18.92 20.33
C LEU A 86 12.29 19.59 20.82
N GLN A 87 12.08 19.66 22.15
CA GLN A 87 10.90 20.31 22.73
C GLN A 87 10.96 21.83 22.47
N GLU A 88 12.18 22.42 22.53
CA GLU A 88 12.41 23.84 22.27
C GLU A 88 12.12 24.14 20.80
N PHE A 89 12.65 23.32 19.90
CA PHE A 89 12.37 23.44 18.46
C PHE A 89 10.84 23.28 18.17
N ALA A 90 10.18 22.30 18.82
CA ALA A 90 8.73 22.06 18.67
C ALA A 90 7.87 23.23 19.14
N TRP A 91 8.26 23.90 20.27
CA TRP A 91 7.53 25.06 20.79
C TRP A 91 7.50 26.15 19.69
N GLY A 92 8.61 26.26 18.98
CA GLY A 92 8.75 27.07 17.77
C GLY A 92 9.21 28.48 17.87
N ASP A 93 8.96 29.16 19.01
CA ASP A 93 9.32 30.56 19.20
C ASP A 93 10.75 30.79 18.86
N MET A 94 10.99 31.70 17.90
N MET A 94 11.00 31.71 17.91
CA MET A 94 12.31 32.13 17.40
CA MET A 94 12.32 32.13 17.44
C MET A 94 13.21 30.98 16.92
C MET A 94 13.21 30.96 16.96
N ASN A 95 12.61 29.82 16.53
CA ASN A 95 13.39 28.68 16.00
C ASN A 95 13.86 29.15 14.59
N GLU A 96 14.90 28.53 14.07
CA GLU A 96 15.51 28.93 12.79
C GLU A 96 14.74 28.44 11.54
N GLY A 97 13.60 27.75 11.75
CA GLY A 97 12.78 27.17 10.67
C GLY A 97 13.17 25.73 10.38
N HIS A 98 14.28 25.26 10.98
CA HIS A 98 14.77 23.88 10.79
C HIS A 98 15.72 23.45 11.86
N LEU A 99 15.95 22.14 11.98
CA LEU A 99 16.90 21.57 12.88
C LEU A 99 17.58 20.41 12.18
N LEU A 100 18.92 20.50 12.02
CA LEU A 100 19.70 19.43 11.43
C LEU A 100 20.31 18.61 12.57
N ILE A 101 20.07 17.29 12.56
CA ILE A 101 20.60 16.36 13.55
C ILE A 101 21.70 15.51 12.91
N LYS A 102 22.91 15.54 13.49
CA LYS A 102 24.06 14.76 13.05
C LYS A 102 24.39 13.73 14.11
N GLY A 103 25.05 12.66 13.70
CA GLY A 103 25.50 11.62 14.61
C GLY A 103 24.51 10.54 14.95
N LEU A 104 23.47 10.34 14.14
CA LEU A 104 22.55 9.22 14.41
C LEU A 104 23.32 7.89 14.23
N PRO A 105 22.83 6.75 14.80
CA PRO A 105 23.56 5.48 14.63
C PRO A 105 23.73 5.16 13.13
N GLN A 106 24.95 4.73 12.73
CA GLN A 106 25.32 4.44 11.35
C GLN A 106 24.37 3.46 10.66
N VAL A 107 24.01 3.76 9.39
CA VAL A 107 23.14 2.94 8.55
C VAL A 107 23.91 1.67 8.10
N ARG A 108 23.56 0.50 8.68
CA ARG A 108 24.21 -0.77 8.33
C ARG A 108 23.29 -1.64 7.47
N SER A 109 23.88 -2.58 6.70
CA SER A 109 23.16 -3.44 5.74
C SER A 109 21.92 -2.78 5.11
N LEU A 110 22.12 -1.61 4.49
CA LEU A 110 21.05 -0.89 3.81
C LEU A 110 20.75 -1.59 2.46
N PRO A 111 19.47 -1.89 2.13
CA PRO A 111 19.19 -2.50 0.83
C PRO A 111 19.45 -1.53 -0.34
N PRO A 112 19.51 -2.00 -1.61
CA PRO A 112 19.75 -1.05 -2.70
C PRO A 112 18.65 0.01 -2.73
N THR A 113 19.00 1.21 -3.15
CA THR A 113 18.04 2.31 -3.28
C THR A 113 16.99 1.87 -4.30
N PRO A 114 15.68 1.88 -3.93
CA PRO A 114 14.65 1.45 -4.90
C PRO A 114 14.56 2.46 -6.06
N THR A 115 14.23 1.95 -7.28
CA THR A 115 14.07 2.80 -8.47
C THR A 115 12.76 3.58 -8.47
N SER A 116 11.81 3.22 -7.58
CA SER A 116 10.51 3.89 -7.41
C SER A 116 10.16 3.99 -5.91
N ASN A 117 9.09 4.73 -5.53
CA ASN A 117 8.64 4.91 -4.14
C ASN A 117 7.60 3.87 -3.62
N VAL A 118 7.19 2.91 -4.42
CA VAL A 118 6.13 2.01 -3.96
C VAL A 118 6.67 0.85 -3.04
N HIS A 119 7.99 0.58 -3.03
CA HIS A 119 8.55 -0.50 -2.19
C HIS A 119 8.51 -0.22 -0.65
N ALA A 120 8.35 1.07 -0.20
CA ALA A 120 8.43 1.52 1.22
C ALA A 120 9.57 0.77 2.00
N VAL A 121 10.80 0.79 1.39
CA VAL A 121 12.02 0.15 1.92
C VAL A 121 12.48 0.83 3.24
N ALA A 122 12.46 2.17 3.30
CA ALA A 122 12.91 2.89 4.50
C ALA A 122 12.19 2.55 5.78
N ALA A 123 10.88 2.24 5.68
CA ALA A 123 9.98 1.94 6.78
C ALA A 123 10.34 0.64 7.58
N THR A 124 11.27 -0.20 7.10
CA THR A 124 11.69 -1.39 7.86
C THR A 124 13.18 -1.34 8.23
N THR A 125 13.83 -0.18 8.05
CA THR A 125 15.27 -0.03 8.38
C THR A 125 15.44 0.42 9.85
N PRO A 126 16.61 0.20 10.53
CA PRO A 126 16.76 0.73 11.90
C PRO A 126 16.63 2.25 11.95
N MET A 127 17.04 2.96 10.86
CA MET A 127 16.97 4.41 10.76
C MET A 127 15.54 4.95 10.98
N SER A 128 14.49 4.22 10.51
CA SER A 128 13.08 4.60 10.69
C SER A 128 12.61 4.58 12.16
N ARG A 129 13.05 3.60 13.00
CA ARG A 129 12.75 3.61 14.44
C ARG A 129 13.48 4.82 15.09
N TYR A 130 14.73 5.17 14.62
CA TYR A 130 15.45 6.33 15.20
C TYR A 130 14.71 7.60 14.84
N GLN A 131 14.27 7.67 13.56
CA GLN A 131 13.52 8.83 13.04
C GLN A 131 12.19 8.97 13.78
N ALA A 132 11.49 7.85 14.05
CA ALA A 132 10.21 7.86 14.78
C ALA A 132 10.38 8.40 16.20
N LEU A 133 11.46 8.00 16.89
CA LEU A 133 11.75 8.39 18.27
C LEU A 133 11.96 9.91 18.35
N ILE A 134 12.76 10.46 17.44
CA ILE A 134 13.01 11.90 17.37
C ILE A 134 11.71 12.63 16.98
N ASN A 135 10.99 12.14 15.93
CA ASN A 135 9.74 12.74 15.47
C ASN A 135 8.73 12.88 16.61
N GLU A 136 8.54 11.80 17.36
CA GLU A 136 7.53 11.71 18.40
C GLU A 136 7.89 12.52 19.66
N CYS A 137 9.13 13.05 19.74
N CYS A 137 9.12 13.04 19.72
CA CYS A 137 9.57 14.00 20.77
CA CYS A 137 9.59 13.93 20.77
C CYS A 137 8.91 15.31 20.36
C CYS A 137 9.21 15.39 20.36
N VAL A 138 8.99 15.62 19.05
CA VAL A 138 8.54 16.88 18.46
C VAL A 138 6.99 16.95 18.41
N GLY A 139 6.34 15.91 17.87
CA GLY A 139 4.87 15.89 17.78
C GLY A 139 4.37 14.56 17.30
N ARG A 140 3.13 14.49 16.81
CA ARG A 140 2.52 13.25 16.33
C ARG A 140 2.78 12.99 14.86
N MET A 141 3.26 11.80 14.55
CA MET A 141 3.48 11.40 13.16
C MET A 141 2.12 11.18 12.51
N ILE A 142 2.04 11.54 11.25
CA ILE A 142 0.81 11.43 10.47
C ILE A 142 1.21 11.14 9.02
N ALA A 143 0.30 10.53 8.27
CA ALA A 143 0.50 10.26 6.85
C ALA A 143 -0.78 10.65 6.09
N TYR A 144 -0.67 10.75 4.76
CA TYR A 144 -1.75 11.21 3.88
C TYR A 144 -1.94 10.18 2.82
N GLU A 145 -3.18 9.69 2.68
CA GLU A 145 -3.54 8.69 1.66
C GLU A 145 -3.08 9.16 0.25
N ALA A 146 -3.23 10.47 -0.04
CA ALA A 146 -2.89 11.05 -1.36
C ALA A 146 -1.39 11.32 -1.60
N GLU A 147 -0.55 11.15 -0.55
CA GLU A 147 0.89 11.37 -0.67
C GLU A 147 1.64 10.06 -0.35
N GLY A 148 2.27 9.49 -1.37
CA GLY A 148 3.03 8.25 -1.27
C GLY A 148 2.27 7.09 -0.64
N HIS A 149 1.00 6.92 -1.04
N HIS A 149 1.00 6.92 -1.04
CA HIS A 149 0.06 5.87 -0.62
CA HIS A 149 0.07 5.85 -0.62
C HIS A 149 -0.16 5.76 0.91
C HIS A 149 -0.18 5.77 0.91
N GLY A 150 0.00 6.88 1.62
CA GLY A 150 -0.16 6.96 3.07
C GLY A 150 0.84 6.15 3.86
N HIS A 151 2.02 5.85 3.27
CA HIS A 151 3.11 5.11 3.94
C HIS A 151 3.64 5.98 5.08
N THR A 152 3.89 5.37 6.26
CA THR A 152 4.36 6.04 7.49
C THR A 152 5.66 6.76 7.21
N PHE A 153 6.54 6.09 6.45
CA PHE A 153 7.80 6.64 5.96
C PHE A 153 7.76 6.42 4.46
N GLN A 154 7.99 7.48 3.69
CA GLN A 154 8.02 7.42 2.24
C GLN A 154 9.47 7.36 1.78
N ASP A 155 9.72 6.59 0.71
CA ASP A 155 11.06 6.53 0.12
C ASP A 155 11.20 7.75 -0.79
N MET A 156 12.11 8.64 -0.45
N MET A 156 12.13 8.63 -0.47
CA MET A 156 12.39 9.82 -1.28
CA MET A 156 12.41 9.83 -1.28
C MET A 156 13.58 9.44 -2.11
C MET A 156 13.60 9.49 -2.14
N VAL A 157 13.29 8.91 -3.29
CA VAL A 157 14.27 8.38 -4.23
C VAL A 157 14.05 8.99 -5.60
N PRO A 158 15.10 9.18 -6.44
CA PRO A 158 14.84 9.78 -7.76
C PRO A 158 14.01 8.86 -8.67
N SER A 159 13.14 9.44 -9.49
CA SER A 159 12.32 8.66 -10.41
C SER A 159 12.79 8.90 -11.82
N ALA A 160 12.86 7.84 -12.63
CA ALA A 160 13.29 8.01 -14.02
C ALA A 160 12.22 8.76 -14.82
N MET A 161 10.95 8.48 -14.54
CA MET A 161 9.82 9.13 -15.17
C MET A 161 9.65 10.58 -14.75
N SER A 162 9.58 10.82 -13.44
CA SER A 162 9.33 12.15 -12.89
C SER A 162 10.63 12.93 -12.58
N ALA A 163 11.75 12.62 -13.29
CA ALA A 163 13.04 13.29 -13.14
C ALA A 163 12.96 14.81 -13.38
N HIS A 164 12.17 15.24 -14.39
CA HIS A 164 11.95 16.64 -14.78
C HIS A 164 10.70 17.27 -14.13
N SER A 165 10.11 16.59 -13.14
CA SER A 165 8.89 17.02 -12.47
C SER A 165 9.13 17.80 -11.16
N GLN A 166 8.10 18.58 -10.75
CA GLN A 166 8.11 19.34 -9.49
C GLN A 166 7.59 18.47 -8.35
N THR A 167 8.34 17.40 -8.06
CA THR A 167 7.99 16.42 -7.03
C THR A 167 9.24 15.99 -6.24
N SER A 168 9.03 15.29 -5.13
CA SER A 168 10.04 14.71 -4.25
C SER A 168 10.94 13.70 -5.00
N LEU A 169 10.46 13.18 -6.13
CA LEU A 169 11.18 12.17 -6.90
C LEU A 169 11.94 12.76 -8.10
N GLY A 170 11.91 14.08 -8.28
CA GLY A 170 12.65 14.76 -9.34
C GLY A 170 14.16 14.78 -9.10
N SER A 171 14.93 15.26 -10.12
CA SER A 171 16.41 15.39 -10.04
C SER A 171 17.01 16.27 -11.13
N ALA A 172 16.59 16.09 -12.39
CA ALA A 172 17.11 16.83 -13.55
C ALA A 172 16.79 18.32 -13.54
N VAL A 173 15.76 18.71 -12.81
CA VAL A 173 15.34 20.10 -12.65
C VAL A 173 15.39 20.40 -11.16
N GLU A 174 15.57 21.67 -10.84
CA GLU A 174 15.60 22.12 -9.45
C GLU A 174 14.17 22.04 -8.89
N LEU A 175 14.03 21.47 -7.70
CA LEU A 175 12.75 21.43 -7.01
C LEU A 175 12.54 22.83 -6.41
N GLU A 176 11.59 23.57 -6.98
CA GLU A 176 11.25 24.96 -6.63
C GLU A 176 10.82 25.16 -5.17
N LEU A 177 11.04 26.38 -4.65
CA LEU A 177 10.75 26.70 -3.24
C LEU A 177 9.27 26.50 -2.92
N HIS A 178 8.98 25.80 -1.81
CA HIS A 178 7.61 25.53 -1.41
C HIS A 178 7.44 25.20 0.04
N THR A 179 6.21 25.38 0.50
CA THR A 179 5.64 24.91 1.75
C THR A 179 5.13 23.52 1.33
N GLU A 180 5.24 22.55 2.21
CA GLU A 180 4.71 21.21 1.99
C GLU A 180 3.19 21.33 2.06
N GLN A 181 2.47 20.87 1.00
CA GLN A 181 1.00 20.90 0.89
C GLN A 181 0.45 22.31 1.14
N ALA A 182 0.99 23.33 0.39
CA ALA A 182 0.58 24.73 0.53
C ALA A 182 -0.97 24.91 0.37
N PHE A 183 -1.60 24.04 -0.43
CA PHE A 183 -3.03 24.06 -0.74
C PHE A 183 -3.91 23.54 0.43
N SER A 184 -3.33 22.76 1.33
CA SER A 184 -4.07 22.04 2.36
C SER A 184 -4.09 22.64 3.78
N PRO A 185 -5.29 22.82 4.37
CA PRO A 185 -5.34 23.24 5.79
C PRO A 185 -4.86 22.11 6.70
N LEU A 186 -4.81 20.85 6.20
CA LEU A 186 -4.30 19.73 7.00
C LEU A 186 -2.81 19.45 6.77
N ARG A 187 -2.10 20.39 6.11
CA ARG A 187 -0.66 20.31 5.81
C ARG A 187 0.15 20.01 7.09
N PRO A 188 1.30 19.31 6.96
CA PRO A 188 2.06 18.99 8.18
C PRO A 188 2.66 20.21 8.87
N ASP A 189 2.85 20.12 10.19
CA ASP A 189 3.53 21.18 10.96
C ASP A 189 5.04 21.03 10.74
N PHE A 190 5.51 19.78 10.56
CA PHE A 190 6.92 19.52 10.28
C PHE A 190 7.12 18.46 9.24
N VAL A 191 8.19 18.60 8.46
CA VAL A 191 8.62 17.58 7.51
C VAL A 191 9.90 17.01 8.12
N SER A 192 10.00 15.67 8.18
CA SER A 192 11.14 14.95 8.76
C SER A 192 11.86 14.16 7.66
N LEU A 193 13.16 14.43 7.46
CA LEU A 193 13.92 13.75 6.42
C LEU A 193 15.15 13.08 7.00
N ALA A 194 15.17 11.72 6.99
CA ALA A 194 16.32 10.96 7.46
C ALA A 194 17.08 10.44 6.25
N CYS A 195 18.39 10.75 6.20
CA CYS A 195 19.22 10.35 5.08
C CYS A 195 19.79 8.93 5.22
N LEU A 196 19.46 8.05 4.25
CA LEU A 196 19.97 6.66 4.17
C LEU A 196 21.17 6.64 3.21
N ARG A 197 21.03 7.29 2.06
CA ARG A 197 22.10 7.49 1.06
C ARG A 197 21.97 8.94 0.61
N GLY A 198 23.09 9.64 0.55
CA GLY A 198 23.09 11.01 0.08
C GLY A 198 23.56 11.07 -1.37
N ASP A 199 23.52 12.25 -1.99
CA ASP A 199 24.14 12.45 -3.33
C ASP A 199 24.92 13.77 -3.15
N PRO A 200 26.24 13.83 -3.45
CA PRO A 200 27.01 15.05 -3.14
C PRO A 200 26.55 16.30 -3.91
N ARG A 201 25.79 16.09 -5.02
CA ARG A 201 25.29 17.22 -5.78
C ARG A 201 23.89 17.64 -5.37
N ALA A 202 23.24 16.84 -4.52
CA ALA A 202 21.87 17.11 -4.07
C ALA A 202 21.84 17.99 -2.80
N LEU A 203 21.65 19.28 -3.02
CA LEU A 203 21.58 20.26 -1.91
C LEU A 203 20.14 20.53 -1.52
N THR A 204 19.87 20.51 -0.22
CA THR A 204 18.58 20.90 0.32
C THR A 204 18.71 22.40 0.58
N TYR A 205 17.75 23.18 0.10
CA TYR A 205 17.72 24.63 0.34
C TYR A 205 16.66 24.95 1.37
N LEU A 206 17.00 25.83 2.31
CA LEU A 206 16.08 26.25 3.37
C LEU A 206 16.04 27.78 3.40
N PHE A 207 14.86 28.32 3.63
CA PHE A 207 14.66 29.77 3.64
C PHE A 207 13.51 30.08 4.56
N SER A 208 13.78 30.81 5.62
CA SER A 208 12.76 31.09 6.64
C SER A 208 11.94 32.32 6.33
N ALA A 209 10.72 32.37 6.88
CA ALA A 209 9.81 33.52 6.80
C ALA A 209 10.48 34.75 7.44
N ARG A 210 11.30 34.54 8.52
CA ARG A 210 12.08 35.62 9.16
C ARG A 210 13.16 36.16 8.21
N GLN A 211 13.85 35.28 7.46
CA GLN A 211 14.86 35.72 6.48
C GLN A 211 14.19 36.56 5.40
N LEU A 212 13.01 36.12 4.92
CA LEU A 212 12.23 36.83 3.91
C LEU A 212 11.85 38.24 4.35
N VAL A 213 11.18 38.36 5.51
CA VAL A 213 10.68 39.64 6.04
C VAL A 213 11.83 40.65 6.25
N ALA A 214 13.04 40.17 6.62
CA ALA A 214 14.24 41.02 6.80
C ALA A 214 14.67 41.74 5.49
N THR A 215 14.32 41.20 4.30
CA THR A 215 14.70 41.77 2.99
C THR A 215 13.61 42.69 2.39
N LEU A 216 12.37 42.64 2.92
CA LEU A 216 11.22 43.33 2.38
C LEU A 216 10.93 44.69 3.01
N THR A 217 10.21 45.54 2.26
CA THR A 217 9.73 46.84 2.74
C THR A 217 8.44 46.58 3.53
N THR A 218 8.02 47.56 4.34
CA THR A 218 6.80 47.52 5.16
C THR A 218 5.57 47.24 4.26
N GLN A 219 5.52 47.85 3.06
CA GLN A 219 4.43 47.70 2.08
C GLN A 219 4.33 46.27 1.52
N GLU A 220 5.49 45.65 1.17
CA GLU A 220 5.52 44.28 0.67
C GLU A 220 5.06 43.30 1.73
N ILE A 221 5.49 43.49 3.00
CA ILE A 221 5.09 42.63 4.12
C ILE A 221 3.55 42.67 4.30
N ALA A 222 2.97 43.89 4.28
CA ALA A 222 1.53 44.11 4.41
C ALA A 222 0.76 43.46 3.27
N MET A 223 1.25 43.58 2.03
CA MET A 223 0.62 42.95 0.87
C MET A 223 0.68 41.40 0.94
N LEU A 224 1.81 40.84 1.42
CA LEU A 224 1.98 39.39 1.59
C LEU A 224 1.01 38.83 2.63
N ARG A 225 0.58 39.69 3.59
CA ARG A 225 -0.37 39.33 4.63
C ARG A 225 -1.83 39.43 4.13
N GLU A 226 -2.04 39.91 2.89
CA GLU A 226 -3.37 40.05 2.30
C GLU A 226 -3.77 38.78 1.51
N PRO A 227 -5.07 38.40 1.48
CA PRO A 227 -5.45 37.18 0.73
C PRO A 227 -5.45 37.42 -0.78
N MET A 228 -4.25 37.40 -1.41
CA MET A 228 -4.10 37.72 -2.85
C MET A 228 -3.64 36.58 -3.75
N TRP A 229 -3.50 35.36 -3.21
CA TRP A 229 -2.99 34.21 -3.96
C TRP A 229 -3.88 32.99 -3.87
N THR A 230 -4.28 32.47 -5.03
CA THR A 230 -5.03 31.22 -5.10
C THR A 230 -3.97 30.11 -5.18
N THR A 231 -4.34 28.90 -4.82
CA THR A 231 -3.41 27.78 -4.95
C THR A 231 -4.19 26.55 -5.39
N THR A 232 -3.50 25.63 -6.06
CA THR A 232 -4.18 24.44 -6.55
C THR A 232 -3.65 23.19 -5.91
N VAL A 233 -4.48 22.13 -5.90
CA VAL A 233 -4.08 20.82 -5.38
C VAL A 233 -2.99 20.31 -6.31
N ASP A 234 -1.89 19.87 -5.72
CA ASP A 234 -0.77 19.29 -6.45
C ASP A 234 -1.30 18.13 -7.33
N GLU A 235 -0.93 18.13 -8.64
CA GLU A 235 -1.31 17.11 -9.65
C GLU A 235 -1.20 15.69 -9.12
N SER A 236 -0.10 15.40 -8.38
CA SER A 236 0.21 14.13 -7.76
C SER A 236 -0.90 13.64 -6.78
N PHE A 237 -1.72 14.58 -6.25
CA PHE A 237 -2.79 14.26 -5.32
C PHE A 237 -4.06 13.86 -6.07
N LEU A 238 -4.14 14.11 -7.42
CA LEU A 238 -5.32 13.72 -8.21
C LEU A 238 -5.31 12.22 -8.51
N ALA A 239 -6.52 11.65 -8.74
CA ALA A 239 -6.77 10.23 -9.04
C ALA A 239 -8.18 10.06 -9.61
N GLU A 240 -8.44 8.92 -10.30
CA GLU A 240 -9.75 8.59 -10.86
C GLU A 240 -10.79 8.51 -9.74
N GLY A 241 -11.91 9.21 -9.95
CA GLY A 241 -13.00 9.25 -8.98
C GLY A 241 -12.68 9.97 -7.69
N ARG A 242 -11.55 10.71 -7.65
CA ARG A 242 -11.15 11.46 -6.45
C ARG A 242 -11.62 12.90 -6.48
N THR A 243 -12.51 13.23 -5.55
CA THR A 243 -13.06 14.57 -5.37
C THR A 243 -12.57 15.07 -4.02
N PHE A 244 -12.07 16.30 -3.95
CA PHE A 244 -11.64 16.88 -2.69
C PHE A 244 -12.76 17.76 -2.20
N LEU A 245 -13.07 17.65 -0.91
CA LEU A 245 -14.09 18.45 -0.23
C LEU A 245 -13.88 19.95 -0.47
N LEU A 246 -12.61 20.40 -0.51
CA LEU A 246 -12.23 21.80 -0.70
C LEU A 246 -11.93 22.20 -2.16
N GLY A 247 -12.18 21.27 -3.08
CA GLY A 247 -12.03 21.50 -4.51
C GLY A 247 -10.60 21.39 -5.01
N PHE A 248 -10.40 21.71 -6.29
CA PHE A 248 -9.07 21.68 -6.90
C PHE A 248 -8.37 23.00 -6.65
N GLU A 249 -9.07 24.12 -6.85
CA GLU A 249 -8.53 25.46 -6.65
C GLU A 249 -9.02 26.00 -5.33
N ARG A 250 -8.09 26.51 -4.55
CA ARG A 250 -8.36 27.06 -3.23
C ARG A 250 -7.87 28.49 -3.10
N GLY A 251 -8.45 29.20 -2.15
CA GLY A 251 -8.10 30.56 -1.83
C GLY A 251 -9.08 31.58 -2.36
N PRO A 252 -8.68 32.85 -2.47
CA PRO A 252 -7.33 33.38 -2.18
C PRO A 252 -6.95 33.35 -0.71
N ILE A 253 -5.64 33.16 -0.47
CA ILE A 253 -5.05 33.13 0.86
C ILE A 253 -3.85 34.11 0.89
N PRO A 254 -3.42 34.53 2.10
CA PRO A 254 -2.17 35.29 2.16
C PRO A 254 -0.93 34.35 2.13
N ILE A 255 0.24 34.94 1.87
CA ILE A 255 1.50 34.18 1.89
C ILE A 255 1.97 34.24 3.34
N LEU A 256 1.94 35.43 3.95
CA LEU A 256 2.37 35.58 5.33
C LEU A 256 1.21 35.72 6.31
N SER A 257 1.42 35.22 7.53
CA SER A 257 0.44 35.33 8.62
C SER A 257 1.19 35.24 9.96
N GLY A 258 0.44 35.30 11.06
CA GLY A 258 0.99 35.16 12.40
C GLY A 258 1.62 36.42 12.94
N ALA A 259 2.43 36.25 14.01
CA ALA A 259 3.10 37.35 14.71
C ALA A 259 4.05 38.10 13.77
N ASP A 260 4.24 39.41 13.99
CA ASP A 260 5.12 40.24 13.18
C ASP A 260 6.58 39.79 13.30
N ASP A 261 7.00 39.41 14.53
CA ASP A 261 8.37 38.96 14.82
C ASP A 261 8.61 37.46 14.63
N ASP A 262 7.55 36.66 14.39
CA ASP A 262 7.67 35.22 14.15
C ASP A 262 6.65 34.81 13.06
N PRO A 263 6.82 35.29 11.80
CA PRO A 263 5.78 35.04 10.80
C PRO A 263 5.67 33.61 10.28
N PHE A 264 4.45 33.23 9.89
CA PHE A 264 4.20 31.94 9.26
C PHE A 264 4.07 32.16 7.77
N ILE A 265 4.54 31.20 6.99
CA ILE A 265 4.56 31.29 5.54
C ILE A 265 3.84 30.11 4.90
N VAL A 266 3.15 30.40 3.80
CA VAL A 266 2.50 29.44 2.91
C VAL A 266 2.97 29.91 1.53
N PHE A 267 3.69 29.06 0.83
CA PHE A 267 4.19 29.46 -0.48
C PHE A 267 4.38 28.32 -1.42
N ASP A 268 4.03 28.53 -2.68
CA ASP A 268 4.33 27.54 -3.67
C ASP A 268 4.57 28.30 -4.95
N GLN A 269 5.86 28.45 -5.28
CA GLN A 269 6.43 29.14 -6.42
C GLN A 269 5.76 28.72 -7.72
N ASP A 270 5.65 27.40 -7.93
CA ASP A 270 5.11 26.78 -9.12
C ASP A 270 3.57 26.80 -9.24
N LEU A 271 2.86 26.67 -8.10
CA LEU A 271 1.40 26.54 -8.09
C LEU A 271 0.58 27.78 -7.74
N MET A 272 1.04 28.62 -6.81
CA MET A 272 0.27 29.81 -6.39
C MET A 272 0.17 30.85 -7.49
N ARG A 273 -1.03 31.37 -7.69
CA ARG A 273 -1.27 32.40 -8.70
C ARG A 273 -1.82 33.64 -8.05
N GLY A 274 -1.18 34.78 -8.30
CA GLY A 274 -1.63 36.07 -7.80
C GLY A 274 -2.90 36.48 -8.50
N ILE A 275 -3.85 37.06 -7.73
CA ILE A 275 -5.17 37.51 -8.25
C ILE A 275 -5.07 38.79 -9.07
N SER A 276 -4.00 39.57 -8.86
CA SER A 276 -3.74 40.83 -9.58
C SER A 276 -2.26 40.90 -9.97
N ALA A 277 -1.91 41.83 -10.89
CA ALA A 277 -0.56 42.11 -11.36
C ALA A 277 0.40 42.38 -10.19
N PRO A 278 0.07 43.22 -9.16
CA PRO A 278 1.00 43.40 -8.04
C PRO A 278 1.22 42.11 -7.25
N ALA A 279 0.22 41.21 -7.21
CA ALA A 279 0.30 39.94 -6.47
C ALA A 279 1.21 38.94 -7.19
N GLN A 280 1.26 39.02 -8.54
CA GLN A 280 2.13 38.19 -9.35
C GLN A 280 3.57 38.67 -9.18
N GLU A 281 3.78 39.99 -9.05
CA GLU A 281 5.11 40.59 -8.86
C GLU A 281 5.69 40.32 -7.47
N LEU A 282 4.87 40.37 -6.42
CA LEU A 282 5.30 40.06 -5.04
C LEU A 282 5.71 38.58 -4.89
N GLN A 283 5.09 37.69 -5.66
CA GLN A 283 5.48 36.28 -5.68
C GLN A 283 6.91 36.19 -6.26
N GLN A 284 7.22 37.01 -7.32
CA GLN A 284 8.56 37.09 -7.91
C GLN A 284 9.59 37.67 -6.91
N THR A 285 9.16 38.65 -6.10
CA THR A 285 9.98 39.26 -5.06
C THR A 285 10.40 38.21 -4.03
N VAL A 286 9.46 37.34 -3.62
CA VAL A 286 9.73 36.23 -2.67
C VAL A 286 10.76 35.28 -3.25
N ILE A 287 10.62 34.94 -4.55
CA ILE A 287 11.52 34.03 -5.28
C ILE A 287 12.97 34.62 -5.33
N ARG A 288 13.11 35.91 -5.66
CA ARG A 288 14.41 36.58 -5.72
C ARG A 288 15.09 36.62 -4.36
N ALA A 289 14.32 36.90 -3.30
CA ALA A 289 14.83 36.93 -1.92
C ALA A 289 15.33 35.53 -1.52
N TYR A 290 14.62 34.49 -1.99
CA TYR A 290 14.97 33.09 -1.76
C TYR A 290 16.32 32.75 -2.40
N TYR A 291 16.52 33.08 -3.71
CA TYR A 291 17.77 32.81 -4.39
C TYR A 291 18.96 33.56 -3.78
N ALA A 292 18.71 34.75 -3.25
CA ALA A 292 19.73 35.58 -2.62
C ALA A 292 20.12 35.13 -1.21
N GLU A 293 19.14 34.68 -0.39
CA GLU A 293 19.33 34.38 1.04
C GLU A 293 19.27 32.90 1.48
N ARG A 294 18.74 31.98 0.65
CA ARG A 294 18.59 30.58 1.05
C ARG A 294 19.87 29.95 1.62
N VAL A 295 19.73 29.07 2.60
CA VAL A 295 20.87 28.34 3.12
C VAL A 295 20.84 26.97 2.45
N SER A 296 22.00 26.31 2.31
CA SER A 296 22.04 25.00 1.71
C SER A 296 22.73 23.98 2.62
N HIS A 297 22.36 22.72 2.45
CA HIS A 297 22.97 21.58 3.13
C HIS A 297 22.86 20.34 2.26
N CYS A 298 23.95 19.59 2.13
CA CYS A 298 23.93 18.32 1.39
C CYS A 298 23.72 17.22 2.42
N LEU A 299 22.54 16.60 2.43
CA LEU A 299 22.27 15.53 3.40
C LEU A 299 23.17 14.33 3.20
N ALA A 300 23.77 13.85 4.30
CA ALA A 300 24.70 12.72 4.32
C ALA A 300 24.16 11.59 5.20
N PRO A 301 24.57 10.31 4.98
CA PRO A 301 24.05 9.23 5.83
C PRO A 301 24.22 9.49 7.33
N GLY A 302 23.21 9.08 8.08
CA GLY A 302 23.16 9.28 9.52
C GLY A 302 22.59 10.63 9.93
N GLU A 303 22.33 11.54 8.96
CA GLU A 303 21.80 12.86 9.29
C GLU A 303 20.30 12.83 9.13
N MET A 304 19.65 13.70 9.88
CA MET A 304 18.21 13.87 9.88
C MET A 304 17.90 15.37 9.91
N LEU A 305 17.00 15.81 9.05
CA LEU A 305 16.58 17.20 8.98
C LEU A 305 15.10 17.36 9.31
N LEU A 306 14.80 18.23 10.30
CA LEU A 306 13.41 18.57 10.63
C LEU A 306 13.16 19.95 10.07
N ILE A 307 12.14 20.11 9.26
CA ILE A 307 11.80 21.41 8.67
C ILE A 307 10.51 21.90 9.37
N ASP A 308 10.50 23.11 9.90
CA ASP A 308 9.29 23.67 10.48
C ASP A 308 8.48 24.21 9.26
N ASN A 309 7.42 23.48 8.88
CA ASN A 309 6.60 23.76 7.71
C ASN A 309 5.73 25.04 7.81
N ARG A 310 5.69 25.69 8.98
CA ARG A 310 4.97 26.96 9.11
C ARG A 310 5.95 28.11 9.04
N ARG A 311 7.24 27.84 9.36
CA ARG A 311 8.27 28.89 9.47
C ARG A 311 9.32 28.96 8.36
N ALA A 312 9.35 27.95 7.52
CA ALA A 312 10.34 27.90 6.46
C ALA A 312 9.82 27.20 5.23
N VAL A 313 10.42 27.52 4.09
CA VAL A 313 10.11 26.92 2.81
C VAL A 313 11.38 26.19 2.37
N HIS A 314 11.22 25.22 1.50
CA HIS A 314 12.35 24.42 1.10
C HIS A 314 12.36 24.09 -0.39
N GLY A 315 13.54 23.73 -0.86
CA GLY A 315 13.76 23.37 -2.26
C GLY A 315 14.91 22.40 -2.35
N ARG A 316 15.26 21.97 -3.58
CA ARG A 316 16.34 21.00 -3.80
C ARG A 316 17.03 21.23 -5.16
N SER A 317 18.36 21.20 -5.17
CA SER A 317 19.15 21.40 -6.38
C SER A 317 19.04 20.22 -7.36
N ILE A 318 19.54 20.43 -8.55
CA ILE A 318 19.70 19.42 -9.60
C ILE A 318 20.80 18.44 -9.11
N PHE A 319 20.70 17.17 -9.51
CA PHE A 319 21.70 16.14 -9.28
C PHE A 319 21.53 15.13 -10.38
N ALA A 320 22.50 14.25 -10.58
CA ALA A 320 22.40 13.30 -11.70
C ALA A 320 22.35 11.87 -11.18
N PRO A 321 21.14 11.34 -10.85
CA PRO A 321 21.04 9.95 -10.41
C PRO A 321 21.42 8.94 -11.47
N ARG A 322 21.86 7.76 -11.04
CA ARG A 322 22.31 6.69 -11.93
C ARG A 322 21.30 5.53 -12.05
N PHE A 323 20.37 5.39 -11.09
CA PHE A 323 19.35 4.32 -11.03
C PHE A 323 20.02 2.93 -11.01
N ASP A 324 21.12 2.81 -10.25
CA ASP A 324 21.98 1.61 -10.13
C ASP A 324 21.90 0.91 -8.74
N GLY A 325 20.98 1.38 -7.89
CA GLY A 325 20.82 0.88 -6.53
C GLY A 325 21.56 1.67 -5.47
N ALA A 326 22.40 2.63 -5.86
CA ALA A 326 23.20 3.41 -4.91
C ALA A 326 22.85 4.92 -4.90
N ASP A 327 21.68 5.26 -5.45
CA ASP A 327 21.23 6.66 -5.52
C ASP A 327 20.81 7.23 -4.17
N ARG A 328 20.68 8.56 -4.11
CA ARG A 328 20.18 9.28 -2.95
C ARG A 328 18.87 8.63 -2.47
N PHE A 329 18.76 8.45 -1.17
CA PHE A 329 17.64 7.75 -0.57
C PHE A 329 17.37 8.39 0.79
N LEU A 330 16.25 9.09 0.90
CA LEU A 330 15.81 9.68 2.15
C LEU A 330 14.54 8.97 2.59
N SER A 331 14.31 8.97 3.90
CA SER A 331 13.11 8.47 4.52
C SER A 331 12.34 9.72 4.96
N ARG A 332 11.16 9.98 4.33
CA ARG A 332 10.35 11.15 4.69
C ARG A 332 9.17 10.75 5.53
N SER A 333 8.91 11.56 6.56
CA SER A 333 7.73 11.42 7.39
C SER A 333 7.22 12.82 7.73
N PHE A 334 5.98 12.88 8.27
CA PHE A 334 5.33 14.13 8.59
C PHE A 334 4.91 14.16 10.03
N ILE A 335 4.88 15.38 10.61
CA ILE A 335 4.55 15.57 12.02
C ILE A 335 3.52 16.68 12.15
N VAL A 336 2.55 16.49 13.07
CA VAL A 336 1.54 17.49 13.42
C VAL A 336 1.58 17.65 14.94
N ALA A 337 1.37 18.88 15.43
CA ALA A 337 1.38 19.08 16.89
C ALA A 337 0.14 18.46 17.50
N ASP A 338 -0.99 18.60 16.77
CA ASP A 338 -2.30 18.19 17.21
C ASP A 338 -2.96 17.22 16.24
N GLY A 339 -3.04 15.93 16.67
CA GLY A 339 -3.72 14.87 15.94
C GLY A 339 -5.23 15.04 15.88
N SER A 340 -5.85 15.83 16.82
CA SER A 340 -7.31 16.07 16.82
C SER A 340 -7.78 16.90 15.64
N ARG A 341 -6.90 17.75 15.07
N ARG A 341 -6.89 17.74 15.08
CA ARG A 341 -7.23 18.59 13.92
CA ARG A 341 -7.19 18.60 13.92
C ARG A 341 -7.59 17.75 12.69
C ARG A 341 -7.54 17.78 12.67
N SER A 342 -7.03 16.54 12.58
CA SER A 342 -7.29 15.66 11.43
C SER A 342 -8.22 14.48 11.80
N ARG A 343 -8.74 14.42 13.05
CA ARG A 343 -9.60 13.28 13.49
C ARG A 343 -10.83 13.02 12.53
N HIS A 344 -11.48 14.09 12.05
CA HIS A 344 -12.63 14.03 11.12
C HIS A 344 -12.21 13.33 9.78
N ALA A 345 -10.89 13.34 9.48
CA ALA A 345 -10.29 12.82 8.22
C ALA A 345 -9.61 11.47 8.39
N ARG A 346 -9.62 10.93 9.61
CA ARG A 346 -8.96 9.67 9.91
C ARG A 346 -9.94 8.65 10.43
N SER A 347 -9.48 7.40 10.55
CA SER A 347 -10.28 6.39 11.23
C SER A 347 -9.77 6.36 12.70
N SER A 348 -10.58 5.79 13.60
CA SER A 348 -10.23 5.64 15.01
C SER A 348 -8.92 4.82 15.07
N PHE A 349 -7.91 5.31 15.82
CA PHE A 349 -6.57 4.68 15.94
C PHE A 349 -5.87 4.57 14.56
N GLY A 350 -6.14 5.55 13.71
CA GLY A 350 -5.57 5.61 12.38
C GLY A 350 -4.62 6.79 12.25
N ARG A 351 -3.58 6.65 11.45
CA ARG A 351 -2.61 7.73 11.24
C ARG A 351 -2.66 8.34 9.84
N VAL A 352 -3.62 7.90 9.02
CA VAL A 352 -3.73 8.32 7.62
C VAL A 352 -4.90 9.26 7.36
N VAL A 353 -4.60 10.46 6.82
CA VAL A 353 -5.59 11.46 6.42
C VAL A 353 -6.17 10.96 5.07
N SER A 354 -7.51 10.70 5.01
CA SER A 354 -8.15 10.26 3.76
C SER A 354 -8.04 11.35 2.71
N ALA A 355 -7.76 10.94 1.46
CA ALA A 355 -7.51 11.82 0.33
C ALA A 355 -8.47 13.02 0.16
N ARG A 356 -9.80 12.80 0.21
CA ARG A 356 -10.81 13.84 0.00
C ARG A 356 -10.75 15.01 1.01
N PHE A 357 -10.12 14.79 2.17
CA PHE A 357 -10.00 15.80 3.20
C PHE A 357 -8.76 16.69 3.05
N SER A 358 -7.87 16.32 2.13
CA SER A 358 -6.67 17.12 1.90
C SER A 358 -7.04 18.42 1.13
N PRO B 33 -15.21 9.22 36.99
CA PRO B 33 -16.32 8.46 37.59
C PRO B 33 -16.29 6.97 37.27
N GLU B 34 -15.84 6.59 36.06
CA GLU B 34 -15.73 5.19 35.61
C GLU B 34 -14.26 4.74 35.61
N VAL B 35 -13.98 3.46 35.95
CA VAL B 35 -12.63 2.85 36.00
C VAL B 35 -11.79 3.16 34.72
N SER B 36 -12.45 3.17 33.55
CA SER B 36 -11.85 3.51 32.25
C SER B 36 -11.35 4.97 32.21
N ALA B 37 -12.09 5.89 32.88
CA ALA B 37 -11.75 7.31 32.96
C ALA B 37 -11.09 7.69 34.31
N ILE B 38 -10.56 6.70 35.06
CA ILE B 38 -9.86 6.96 36.33
C ILE B 38 -8.44 6.40 36.30
N LEU B 39 -7.47 7.23 36.68
CA LEU B 39 -6.07 6.85 36.81
C LEU B 39 -5.72 6.99 38.30
N VAL B 40 -5.49 5.87 38.97
CA VAL B 40 -5.14 5.88 40.40
C VAL B 40 -3.62 5.73 40.53
N LEU B 41 -2.96 6.76 41.07
CA LEU B 41 -1.52 6.71 41.28
C LEU B 41 -1.23 5.87 42.51
N THR B 42 -0.26 4.96 42.40
CA THR B 42 0.17 4.17 43.55
C THR B 42 1.04 5.08 44.44
N SER B 43 1.32 4.67 45.67
CA SER B 43 2.17 5.39 46.61
C SER B 43 3.57 5.67 46.02
N SER B 44 4.13 4.67 45.32
CA SER B 44 5.43 4.74 44.65
C SER B 44 5.38 5.75 43.47
N GLU B 45 4.31 5.73 42.67
CA GLU B 45 4.13 6.63 41.53
C GLU B 45 3.96 8.07 42.01
N ALA B 46 3.18 8.28 43.11
CA ALA B 46 2.99 9.60 43.73
C ALA B 46 4.33 10.13 44.27
N SER B 47 5.16 9.23 44.86
CA SER B 47 6.49 9.59 45.37
C SER B 47 7.43 9.99 44.24
N THR B 48 7.35 9.29 43.07
CA THR B 48 8.15 9.61 41.88
C THR B 48 7.77 11.03 41.40
N LEU B 49 6.45 11.33 41.29
CA LEU B 49 5.91 12.64 40.87
C LEU B 49 6.49 13.74 41.77
N GLU B 50 6.48 13.52 43.09
CA GLU B 50 7.01 14.42 44.12
C GLU B 50 8.53 14.68 43.94
N ARG B 51 9.31 13.60 43.67
N ARG B 51 9.31 13.60 43.69
CA ARG B 51 10.75 13.68 43.39
CA ARG B 51 10.75 13.70 43.42
C ARG B 51 11.00 14.45 42.08
C ARG B 51 11.00 14.44 42.07
N VAL B 52 10.27 14.07 40.99
CA VAL B 52 10.41 14.69 39.65
C VAL B 52 10.07 16.20 39.67
N ALA B 53 9.14 16.62 40.57
CA ALA B 53 8.77 18.04 40.77
C ALA B 53 9.95 18.92 41.15
N ASP B 54 10.98 18.35 41.81
CA ASP B 54 12.21 19.06 42.20
C ASP B 54 13.01 19.54 40.99
N LEU B 55 12.77 18.94 39.80
CA LEU B 55 13.42 19.35 38.56
C LEU B 55 12.78 20.61 37.96
N VAL B 56 11.59 21.00 38.48
CA VAL B 56 10.86 22.18 38.02
C VAL B 56 11.13 23.29 39.05
N THR B 57 12.09 24.18 38.75
CA THR B 57 12.56 25.20 39.68
C THR B 57 12.18 26.65 39.32
N ALA B 58 11.77 26.90 38.04
CA ALA B 58 11.36 28.26 37.63
C ALA B 58 10.05 28.68 38.31
N HIS B 59 9.85 29.99 38.44
CA HIS B 59 8.66 30.53 39.08
C HIS B 59 7.49 30.42 38.11
N ALA B 60 6.39 29.76 38.54
CA ALA B 60 5.21 29.54 37.68
C ALA B 60 4.59 30.86 37.20
N LEU B 61 4.63 31.92 38.05
CA LEU B 61 4.05 33.21 37.65
C LEU B 61 4.99 34.16 36.95
N TYR B 62 6.23 34.26 37.41
CA TYR B 62 7.18 35.25 36.93
C TYR B 62 8.14 34.73 35.84
N ALA B 63 8.14 33.40 35.59
CA ALA B 63 8.93 32.78 34.52
C ALA B 63 8.10 31.61 33.96
N ALA B 64 6.83 31.89 33.62
CA ALA B 64 5.85 30.90 33.15
C ALA B 64 6.34 29.97 32.03
N HIS B 65 6.94 30.55 30.98
CA HIS B 65 7.46 29.74 29.88
C HIS B 65 8.55 28.77 30.33
N ASP B 66 9.55 29.23 31.10
CA ASP B 66 10.65 28.40 31.63
C ASP B 66 10.09 27.32 32.54
N PHE B 67 9.11 27.67 33.39
CA PHE B 67 8.44 26.75 34.30
C PHE B 67 7.78 25.60 33.51
N CYS B 68 6.95 25.97 32.53
CA CYS B 68 6.22 25.01 31.68
C CYS B 68 7.17 24.16 30.86
N ALA B 69 8.25 24.76 30.30
CA ALA B 69 9.27 24.02 29.52
C ALA B 69 10.03 23.05 30.42
N GLN B 70 10.32 23.44 31.68
CA GLN B 70 10.99 22.53 32.61
C GLN B 70 10.08 21.35 32.96
N ALA B 71 8.78 21.60 33.16
CA ALA B 71 7.81 20.52 33.47
C ALA B 71 7.66 19.59 32.25
N GLN B 72 7.71 20.15 31.00
CA GLN B 72 7.65 19.31 29.77
C GLN B 72 8.85 18.36 29.71
N LEU B 73 10.05 18.86 30.05
CA LEU B 73 11.26 18.04 30.03
C LEU B 73 11.27 16.99 31.15
N ALA B 74 10.97 17.43 32.40
CA ALA B 74 10.94 16.58 33.57
C ALA B 74 9.87 15.49 33.51
N ALA B 75 8.76 15.72 32.78
CA ALA B 75 7.68 14.76 32.57
C ALA B 75 8.18 13.41 31.99
N ALA B 76 9.32 13.42 31.27
CA ALA B 76 9.96 12.21 30.75
C ALA B 76 10.41 11.29 31.90
N GLU B 77 10.63 11.85 33.11
CA GLU B 77 11.05 11.09 34.28
C GLU B 77 9.87 10.48 35.08
N LEU B 78 8.61 10.76 34.67
CA LEU B 78 7.44 10.23 35.37
C LEU B 78 7.28 8.70 35.17
N PRO B 79 6.50 7.96 36.01
CA PRO B 79 6.34 6.50 35.77
C PRO B 79 5.73 6.23 34.39
N SER B 80 6.33 5.29 33.63
CA SER B 80 5.94 4.95 32.27
C SER B 80 4.45 4.61 32.12
N ARG B 81 3.83 3.94 33.13
CA ARG B 81 2.42 3.58 33.13
C ARG B 81 1.55 4.85 33.09
N VAL B 82 1.94 5.87 33.86
CA VAL B 82 1.23 7.15 33.96
C VAL B 82 1.38 7.92 32.61
N VAL B 83 2.61 8.02 32.08
CA VAL B 83 2.92 8.70 30.82
C VAL B 83 2.10 8.06 29.69
N ALA B 84 2.09 6.71 29.60
CA ALA B 84 1.34 5.97 28.55
C ALA B 84 -0.16 6.31 28.57
N ARG B 85 -0.78 6.34 29.75
CA ARG B 85 -2.19 6.69 29.96
C ARG B 85 -2.47 8.14 29.52
N LEU B 86 -1.60 9.09 29.89
CA LEU B 86 -1.76 10.51 29.54
C LEU B 86 -1.57 10.76 28.03
N GLN B 87 -0.62 10.06 27.38
CA GLN B 87 -0.39 10.17 25.93
C GLN B 87 -1.57 9.58 25.16
N GLU B 88 -2.18 8.49 25.66
CA GLU B 88 -3.36 7.84 25.06
C GLU B 88 -4.56 8.78 25.18
N PHE B 89 -4.76 9.38 26.36
CA PHE B 89 -5.84 10.35 26.58
C PHE B 89 -5.63 11.58 25.66
N ALA B 90 -4.37 12.10 25.56
CA ALA B 90 -4.03 13.25 24.73
C ALA B 90 -4.30 12.98 23.25
N TRP B 91 -4.00 11.76 22.74
CA TRP B 91 -4.24 11.38 21.33
C TRP B 91 -5.74 11.57 21.04
N GLY B 92 -6.56 11.19 22.01
CA GLY B 92 -7.99 11.46 22.04
C GLY B 92 -8.95 10.45 21.49
N ASP B 93 -8.51 9.65 20.49
CA ASP B 93 -9.38 8.68 19.84
C ASP B 93 -10.08 7.80 20.83
N MET B 94 -11.41 7.91 20.82
CA MET B 94 -12.37 7.16 21.63
C MET B 94 -12.14 7.32 23.15
N ASN B 95 -11.48 8.43 23.61
CA ASN B 95 -11.30 8.74 25.04
C ASN B 95 -12.71 9.09 25.60
N GLU B 96 -12.90 9.01 26.91
CA GLU B 96 -14.19 9.23 27.58
C GLU B 96 -14.60 10.70 27.74
N GLY B 97 -13.77 11.63 27.24
CA GLY B 97 -14.01 13.07 27.34
C GLY B 97 -13.35 13.68 28.57
N HIS B 98 -12.84 12.82 29.47
CA HIS B 98 -12.18 13.26 30.72
C HIS B 98 -11.33 12.16 31.30
N LEU B 99 -10.43 12.56 32.21
CA LEU B 99 -9.58 11.64 32.94
C LEU B 99 -9.44 12.18 34.35
N LEU B 100 -9.89 11.38 35.31
CA LEU B 100 -9.79 11.72 36.72
C LEU B 100 -8.58 10.99 37.27
N ILE B 101 -7.65 11.74 37.88
CA ILE B 101 -6.44 11.21 38.49
C ILE B 101 -6.60 11.30 40.02
N LYS B 102 -6.42 10.16 40.71
CA LYS B 102 -6.48 10.06 42.16
C LYS B 102 -5.08 9.73 42.68
N GLY B 103 -4.82 10.11 43.92
CA GLY B 103 -3.55 9.82 44.60
C GLY B 103 -2.40 10.77 44.34
N LEU B 104 -2.68 12.04 43.98
CA LEU B 104 -1.64 13.03 43.75
C LEU B 104 -1.00 13.47 45.08
N PRO B 105 0.32 13.80 45.14
CA PRO B 105 0.87 14.34 46.40
C PRO B 105 0.14 15.65 46.77
N GLN B 106 -0.05 15.87 48.06
CA GLN B 106 -0.74 17.06 48.55
C GLN B 106 0.17 18.03 49.30
N VAL B 107 -0.18 19.34 49.24
CA VAL B 107 0.50 20.45 49.94
C VAL B 107 0.43 20.16 51.43
N ARG B 108 1.58 20.24 52.12
CA ARG B 108 1.67 20.00 53.57
C ARG B 108 1.03 21.11 54.41
N SER B 109 1.19 22.37 53.97
CA SER B 109 0.67 23.52 54.72
C SER B 109 -0.04 24.43 53.74
N LEU B 110 -1.28 24.06 53.43
CA LEU B 110 -2.09 24.80 52.47
C LEU B 110 -2.57 26.10 53.10
N PRO B 111 -2.30 27.28 52.49
CA PRO B 111 -2.79 28.54 53.08
C PRO B 111 -4.32 28.64 53.05
N PRO B 112 -4.97 29.59 53.76
CA PRO B 112 -6.44 29.66 53.69
C PRO B 112 -6.91 29.91 52.28
N THR B 113 -8.13 29.45 51.97
CA THR B 113 -8.74 29.61 50.67
C THR B 113 -8.90 31.12 50.42
N PRO B 114 -8.34 31.68 49.33
CA PRO B 114 -8.50 33.12 49.10
C PRO B 114 -9.96 33.51 48.84
N THR B 115 -10.33 34.74 49.22
CA THR B 115 -11.67 35.29 49.09
C THR B 115 -11.99 35.66 47.62
N SER B 116 -10.96 35.77 46.77
CA SER B 116 -11.06 36.10 45.34
C SER B 116 -9.92 35.39 44.57
N ASN B 117 -9.91 35.51 43.23
CA ASN B 117 -8.91 34.90 42.34
C ASN B 117 -7.69 35.80 42.03
N VAL B 118 -7.61 37.04 42.57
CA VAL B 118 -6.56 38.02 42.24
C VAL B 118 -5.14 37.68 42.70
N HIS B 119 -4.98 36.84 43.73
CA HIS B 119 -3.68 36.53 44.32
C HIS B 119 -2.86 35.42 43.68
N ALA B 120 -3.52 34.46 42.96
CA ALA B 120 -2.84 33.31 42.35
C ALA B 120 -2.05 32.51 43.40
N VAL B 121 -2.75 32.09 44.44
CA VAL B 121 -2.21 31.37 45.58
C VAL B 121 -1.70 30.00 45.14
N ALA B 122 -2.58 29.21 44.46
CA ALA B 122 -2.26 27.85 44.00
C ALA B 122 -0.91 27.77 43.24
N ALA B 123 -0.61 28.76 42.38
CA ALA B 123 0.59 28.83 41.54
C ALA B 123 1.93 28.89 42.35
N THR B 124 1.88 29.39 43.60
CA THR B 124 3.09 29.50 44.42
C THR B 124 3.07 28.49 45.59
N THR B 125 2.31 27.40 45.44
CA THR B 125 2.30 26.30 46.42
C THR B 125 3.09 25.15 45.75
N PRO B 126 3.62 24.15 46.50
CA PRO B 126 4.37 23.06 45.83
C PRO B 126 3.58 22.24 44.82
N MET B 127 2.24 22.26 44.91
CA MET B 127 1.43 21.46 44.01
C MET B 127 1.36 22.01 42.58
N SER B 128 1.70 23.30 42.35
CA SER B 128 1.66 23.84 40.98
C SER B 128 2.58 23.00 40.08
N ARG B 129 3.65 22.44 40.67
CA ARG B 129 4.62 21.59 39.99
C ARG B 129 4.06 20.20 39.62
N TYR B 130 3.24 19.59 40.50
CA TYR B 130 2.67 18.26 40.24
C TYR B 130 1.66 18.35 39.09
N GLN B 131 0.82 19.40 39.12
CA GLN B 131 -0.20 19.64 38.08
C GLN B 131 0.48 19.95 36.76
N ALA B 132 1.55 20.75 36.77
CA ALA B 132 2.33 21.11 35.57
C ALA B 132 2.92 19.89 34.90
N LEU B 133 3.49 18.95 35.69
CA LEU B 133 4.14 17.74 35.18
C LEU B 133 3.15 16.85 34.44
N ILE B 134 1.96 16.64 35.02
CA ILE B 134 0.87 15.88 34.37
C ILE B 134 0.37 16.65 33.13
N ASN B 135 0.12 17.97 33.27
CA ASN B 135 -0.35 18.82 32.15
C ASN B 135 0.57 18.71 30.95
N GLU B 136 1.89 18.88 31.19
CA GLU B 136 2.89 18.93 30.14
C GLU B 136 3.16 17.56 29.48
N CYS B 137 2.62 16.47 30.06
N CYS B 137 2.62 16.48 30.07
CA CYS B 137 2.62 15.13 29.45
CA CYS B 137 2.67 15.14 29.50
C CYS B 137 1.61 15.20 28.33
C CYS B 137 1.50 14.97 28.50
N VAL B 138 0.46 15.81 28.65
CA VAL B 138 -0.71 15.90 27.77
C VAL B 138 -0.48 16.90 26.63
N GLY B 139 -0.01 18.10 26.94
CA GLY B 139 0.22 19.14 25.95
C GLY B 139 0.86 20.36 26.57
N ARG B 140 0.80 21.50 25.86
CA ARG B 140 1.39 22.76 26.29
C ARG B 140 0.45 23.62 27.12
N MET B 141 0.93 24.03 28.29
CA MET B 141 0.18 24.93 29.18
C MET B 141 0.11 26.30 28.56
N ILE B 142 -1.02 26.95 28.73
CA ILE B 142 -1.27 28.27 28.16
C ILE B 142 -2.17 29.03 29.13
N ALA B 143 -2.15 30.36 29.07
CA ALA B 143 -3.00 31.21 29.85
C ALA B 143 -3.54 32.32 28.97
N TYR B 144 -4.58 32.99 29.43
CA TYR B 144 -5.30 34.02 28.70
C TYR B 144 -5.36 35.25 29.54
N GLU B 145 -4.87 36.39 29.00
CA GLU B 145 -4.89 37.69 29.69
C GLU B 145 -6.30 38.02 30.24
N ALA B 146 -7.35 37.67 29.46
CA ALA B 146 -8.73 37.98 29.82
C ALA B 146 -9.36 37.03 30.85
N GLU B 147 -8.69 35.91 31.16
CA GLU B 147 -9.19 34.93 32.12
C GLU B 147 -8.24 34.82 33.31
N GLY B 148 -8.73 35.23 34.46
CA GLY B 148 -7.97 35.19 35.70
C GLY B 148 -6.61 35.87 35.64
N HIS B 149 -6.55 37.04 34.95
CA HIS B 149 -5.36 37.91 34.82
C HIS B 149 -4.16 37.24 34.12
N GLY B 150 -4.41 36.20 33.34
CA GLY B 150 -3.37 35.44 32.64
C GLY B 150 -2.46 34.64 33.56
N HIS B 151 -2.89 34.36 34.78
CA HIS B 151 -2.10 33.59 35.76
C HIS B 151 -1.95 32.16 35.25
N THR B 152 -0.75 31.59 35.38
CA THR B 152 -0.42 30.22 34.94
C THR B 152 -1.42 29.20 35.53
N PHE B 153 -1.75 29.40 36.80
CA PHE B 153 -2.73 28.61 37.54
C PHE B 153 -3.68 29.62 38.11
N GLN B 154 -4.98 29.37 37.96
N GLN B 154 -4.99 29.41 37.93
CA GLN B 154 -6.04 30.21 38.47
CA GLN B 154 -6.02 30.30 38.48
C GLN B 154 -6.71 29.61 39.69
C GLN B 154 -6.68 29.64 39.68
N ASP B 155 -6.92 30.42 40.74
CA ASP B 155 -7.58 29.96 41.95
C ASP B 155 -9.07 29.88 41.69
N MET B 156 -9.67 28.70 41.90
CA MET B 156 -11.10 28.46 41.69
C MET B 156 -11.64 28.31 43.05
N VAL B 157 -12.22 29.41 43.54
CA VAL B 157 -12.71 29.59 44.90
C VAL B 157 -14.07 30.30 44.87
N PRO B 158 -14.98 30.04 45.84
CA PRO B 158 -16.27 30.78 45.86
C PRO B 158 -16.10 32.24 46.35
N SER B 159 -16.57 33.20 45.55
CA SER B 159 -16.48 34.62 45.90
C SER B 159 -17.84 35.10 46.40
N ALA B 160 -17.86 35.86 47.53
CA ALA B 160 -19.10 36.40 48.10
C ALA B 160 -19.77 37.34 47.09
N MET B 161 -18.96 38.25 46.49
CA MET B 161 -19.34 39.29 45.54
C MET B 161 -20.04 38.76 44.28
N SER B 162 -19.63 37.57 43.79
CA SER B 162 -20.15 36.96 42.56
C SER B 162 -20.75 35.55 42.76
N ALA B 163 -21.46 35.34 43.89
CA ALA B 163 -22.11 34.06 44.25
C ALA B 163 -23.20 33.60 43.27
N HIS B 164 -23.91 34.56 42.66
CA HIS B 164 -25.01 34.32 41.72
C HIS B 164 -24.61 34.50 40.24
N SER B 165 -23.29 34.50 39.96
CA SER B 165 -22.78 34.70 38.61
C SER B 165 -22.39 33.41 37.91
N GLN B 166 -22.39 33.47 36.56
CA GLN B 166 -22.01 32.38 35.68
C GLN B 166 -20.47 32.40 35.49
N THR B 167 -19.76 32.30 36.62
CA THR B 167 -18.29 32.31 36.66
C THR B 167 -17.79 31.15 37.50
N SER B 168 -16.47 30.90 37.41
CA SER B 168 -15.72 29.91 38.18
C SER B 168 -15.77 30.26 39.68
N LEU B 169 -16.06 31.55 40.01
CA LEU B 169 -16.17 32.07 41.38
C LEU B 169 -17.63 32.10 41.91
N GLY B 170 -18.53 31.35 41.26
CA GLY B 170 -19.93 31.25 41.66
C GLY B 170 -20.19 30.09 42.61
N SER B 171 -21.40 30.04 43.21
CA SER B 171 -21.78 28.99 44.15
C SER B 171 -23.29 28.88 44.40
N ALA B 172 -23.98 30.02 44.63
CA ALA B 172 -25.42 30.08 44.91
C ALA B 172 -26.31 29.63 43.74
N VAL B 173 -25.78 29.70 42.50
CA VAL B 173 -26.47 29.31 41.26
C VAL B 173 -25.64 28.21 40.59
N GLU B 174 -26.31 27.24 39.95
CA GLU B 174 -25.68 26.15 39.20
C GLU B 174 -24.96 26.75 38.00
N LEU B 175 -23.68 26.37 37.82
CA LEU B 175 -22.87 26.77 36.68
C LEU B 175 -23.35 25.87 35.52
N GLU B 176 -24.02 26.49 34.54
CA GLU B 176 -24.64 25.83 33.39
C GLU B 176 -23.63 25.13 32.46
N LEU B 177 -24.09 24.09 31.71
CA LEU B 177 -23.21 23.29 30.84
C LEU B 177 -22.56 24.13 29.75
N HIS B 178 -21.25 23.94 29.61
CA HIS B 178 -20.48 24.70 28.65
C HIS B 178 -19.19 24.03 28.26
N THR B 179 -18.71 24.46 27.10
CA THR B 179 -17.39 24.24 26.57
C THR B 179 -16.65 25.43 27.17
N GLU B 180 -15.39 25.24 27.58
CA GLU B 180 -14.56 26.33 28.06
C GLU B 180 -14.27 27.25 26.85
N GLN B 181 -14.59 28.55 26.99
CA GLN B 181 -14.41 29.58 25.95
C GLN B 181 -15.07 29.15 24.62
N ALA B 182 -16.38 28.77 24.65
CA ALA B 182 -17.13 28.34 23.47
C ALA B 182 -17.07 29.36 22.33
N PHE B 183 -16.96 30.66 22.67
CA PHE B 183 -16.93 31.79 21.73
C PHE B 183 -15.56 31.92 21.02
N SER B 184 -14.51 31.34 21.59
CA SER B 184 -13.14 31.55 21.11
C SER B 184 -12.51 30.48 20.25
N PRO B 185 -11.97 30.85 19.07
CA PRO B 185 -11.21 29.87 18.27
C PRO B 185 -9.89 29.50 18.97
N LEU B 186 -9.44 30.31 19.97
CA LEU B 186 -8.22 30.01 20.71
C LEU B 186 -8.48 29.26 22.02
N ARG B 187 -9.72 28.74 22.18
CA ARG B 187 -10.17 28.00 23.37
C ARG B 187 -9.22 26.85 23.70
N PRO B 188 -9.10 26.46 24.98
CA PRO B 188 -8.16 25.36 25.30
C PRO B 188 -8.61 24.00 24.78
N ASP B 189 -7.64 23.11 24.53
CA ASP B 189 -7.94 21.73 24.12
C ASP B 189 -8.29 20.93 25.38
N PHE B 190 -7.69 21.31 26.53
CA PHE B 190 -7.99 20.66 27.82
C PHE B 190 -8.09 21.66 28.95
N VAL B 191 -8.96 21.35 29.91
CA VAL B 191 -9.07 22.11 31.16
C VAL B 191 -8.50 21.16 32.23
N SER B 192 -7.59 21.68 33.06
CA SER B 192 -6.92 20.92 34.13
C SER B 192 -7.35 21.48 35.50
N LEU B 193 -7.96 20.64 36.33
CA LEU B 193 -8.43 21.09 37.64
C LEU B 193 -7.85 20.22 38.74
N ALA B 194 -6.99 20.78 39.57
CA ALA B 194 -6.44 20.02 40.69
C ALA B 194 -7.14 20.53 41.95
N CYS B 195 -7.60 19.60 42.76
CA CYS B 195 -8.32 19.94 43.99
C CYS B 195 -7.39 20.12 45.19
N LEU B 196 -7.42 21.32 45.82
CA LEU B 196 -6.64 21.65 47.03
C LEU B 196 -7.53 21.44 48.24
N ARG B 197 -8.76 21.97 48.19
CA ARG B 197 -9.83 21.78 49.18
C ARG B 197 -11.09 21.51 48.38
N GLY B 198 -11.84 20.49 48.77
CA GLY B 198 -13.10 20.16 48.12
C GLY B 198 -14.26 20.65 48.96
N ASP B 199 -15.48 20.42 48.49
CA ASP B 199 -16.72 20.71 49.21
C ASP B 199 -17.70 19.58 48.89
N PRO B 200 -18.26 18.90 49.93
CA PRO B 200 -19.16 17.75 49.68
C PRO B 200 -20.38 17.98 48.79
N ARG B 201 -20.97 19.17 48.77
CA ARG B 201 -22.13 19.34 47.89
C ARG B 201 -21.74 20.00 46.54
N ALA B 202 -20.43 20.24 46.33
CA ALA B 202 -19.95 20.82 45.08
C ALA B 202 -19.60 19.70 44.06
N LEU B 203 -20.52 19.45 43.13
CA LEU B 203 -20.36 18.42 42.13
C LEU B 203 -19.94 18.97 40.79
N THR B 204 -18.97 18.31 40.17
CA THR B 204 -18.54 18.65 38.81
C THR B 204 -19.38 17.73 37.92
N TYR B 205 -20.04 18.30 36.91
CA TYR B 205 -20.84 17.51 35.98
C TYR B 205 -20.10 17.40 34.67
N LEU B 206 -20.10 16.20 34.09
CA LEU B 206 -19.42 15.93 32.82
C LEU B 206 -20.40 15.26 31.89
N PHE B 207 -20.35 15.65 30.62
CA PHE B 207 -21.26 15.12 29.61
C PHE B 207 -20.55 15.14 28.28
N SER B 208 -20.29 13.96 27.74
CA SER B 208 -19.55 13.85 26.49
C SER B 208 -20.43 14.01 25.24
N ALA B 209 -19.79 14.39 24.12
CA ALA B 209 -20.43 14.51 22.81
C ALA B 209 -20.96 13.12 22.40
N ARG B 210 -20.22 12.04 22.78
CA ARG B 210 -20.65 10.65 22.51
C ARG B 210 -21.92 10.30 23.30
N GLN B 211 -22.02 10.75 24.56
CA GLN B 211 -23.22 10.52 25.38
C GLN B 211 -24.41 11.23 24.76
N LEU B 212 -24.19 12.48 24.29
CA LEU B 212 -25.23 13.28 23.65
C LEU B 212 -25.79 12.60 22.40
N VAL B 213 -24.91 12.26 21.43
CA VAL B 213 -25.26 11.64 20.15
C VAL B 213 -26.05 10.32 20.35
N ALA B 214 -25.71 9.52 21.39
CA ALA B 214 -26.40 8.27 21.74
C ALA B 214 -27.89 8.46 22.09
N THR B 215 -28.31 9.67 22.54
CA THR B 215 -29.70 9.98 22.92
C THR B 215 -30.53 10.63 21.79
N LEU B 216 -29.87 11.12 20.74
CA LEU B 216 -30.48 11.87 19.65
C LEU B 216 -30.88 11.05 18.45
N THR B 217 -31.82 11.57 17.66
CA THR B 217 -32.24 10.97 16.39
C THR B 217 -31.21 11.43 15.34
N THR B 218 -31.17 10.74 14.20
CA THR B 218 -30.27 11.05 13.08
C THR B 218 -30.51 12.50 12.56
N GLN B 219 -31.76 12.98 12.59
CA GLN B 219 -32.13 14.34 12.16
C GLN B 219 -31.58 15.42 13.12
N GLU B 220 -31.67 15.19 14.43
CA GLU B 220 -31.12 16.11 15.44
C GLU B 220 -29.60 16.21 15.35
N ILE B 221 -28.91 15.07 15.15
CA ILE B 221 -27.45 15.04 14.99
C ILE B 221 -27.02 15.87 13.75
N ALA B 222 -27.73 15.71 12.63
CA ALA B 222 -27.47 16.43 11.38
C ALA B 222 -27.69 17.94 11.55
N MET B 223 -28.75 18.33 12.26
CA MET B 223 -29.03 19.75 12.53
C MET B 223 -27.97 20.38 13.46
N LEU B 224 -27.51 19.62 14.47
CA LEU B 224 -26.46 20.08 15.40
C LEU B 224 -25.12 20.31 14.67
N ARG B 225 -24.92 19.60 13.54
CA ARG B 225 -23.74 19.74 12.69
C ARG B 225 -23.84 20.92 11.73
N GLU B 226 -25.00 21.61 11.70
CA GLU B 226 -25.22 22.78 10.83
C GLU B 226 -24.85 24.07 11.56
N PRO B 227 -24.33 25.11 10.86
CA PRO B 227 -23.98 26.36 11.58
C PRO B 227 -25.23 27.19 11.94
N MET B 228 -25.91 26.81 13.04
CA MET B 228 -27.17 27.44 13.43
C MET B 228 -27.16 28.15 14.78
N TRP B 229 -25.99 28.28 15.45
CA TRP B 229 -25.92 28.90 16.76
C TRP B 229 -24.87 29.96 16.87
N THR B 230 -25.27 31.16 17.32
CA THR B 230 -24.34 32.24 17.62
C THR B 230 -24.03 32.10 19.12
N THR B 231 -22.96 32.74 19.58
CA THR B 231 -22.60 32.77 21.01
C THR B 231 -21.89 34.07 21.30
N THR B 232 -21.88 34.49 22.56
CA THR B 232 -21.24 35.74 22.95
C THR B 232 -20.06 35.46 23.88
N VAL B 233 -19.22 36.47 24.09
CA VAL B 233 -18.04 36.40 24.97
C VAL B 233 -18.47 36.24 26.45
N ASP B 234 -17.81 35.30 27.20
CA ASP B 234 -18.03 35.01 28.64
C ASP B 234 -17.94 36.26 29.51
N GLU B 235 -18.67 36.25 30.65
CA GLU B 235 -18.75 37.33 31.65
C GLU B 235 -17.35 37.71 32.17
N SER B 236 -16.58 36.70 32.62
CA SER B 236 -15.22 36.82 33.15
C SER B 236 -14.22 37.44 32.16
N PHE B 237 -14.52 37.38 30.85
CA PHE B 237 -13.67 37.90 29.77
C PHE B 237 -13.89 39.38 29.43
N LEU B 238 -14.99 39.97 29.89
CA LEU B 238 -15.31 41.37 29.59
C LEU B 238 -14.65 42.35 30.55
N ALA B 239 -14.19 43.51 30.00
CA ALA B 239 -13.55 44.59 30.77
C ALA B 239 -13.79 45.96 30.12
N GLU B 240 -13.75 47.05 30.94
CA GLU B 240 -13.93 48.44 30.50
C GLU B 240 -12.90 48.79 29.43
N GLY B 241 -13.39 49.31 28.30
CA GLY B 241 -12.57 49.69 27.15
C GLY B 241 -11.87 48.53 26.44
N ARG B 242 -12.29 47.28 26.73
CA ARG B 242 -11.67 46.09 26.12
C ARG B 242 -12.48 45.63 24.89
N THR B 243 -11.81 45.67 23.70
CA THR B 243 -12.32 45.31 22.39
C THR B 243 -11.62 44.04 21.82
N PHE B 244 -12.43 43.09 21.34
CA PHE B 244 -11.94 41.86 20.74
C PHE B 244 -11.97 42.03 19.24
N LEU B 245 -10.90 41.59 18.58
CA LEU B 245 -10.76 41.59 17.12
C LEU B 245 -11.96 40.91 16.44
N LEU B 246 -12.48 39.82 17.05
CA LEU B 246 -13.61 39.06 16.50
C LEU B 246 -14.99 39.51 17.03
N GLY B 247 -15.02 40.59 17.81
CA GLY B 247 -16.24 41.18 18.36
C GLY B 247 -16.77 40.47 19.60
N PHE B 248 -17.96 40.92 20.06
CA PHE B 248 -18.67 40.37 21.22
C PHE B 248 -19.54 39.16 20.87
N GLU B 249 -20.10 39.13 19.64
CA GLU B 249 -20.92 38.02 19.17
C GLU B 249 -20.17 37.25 18.07
N ARG B 250 -20.16 35.91 18.20
CA ARG B 250 -19.51 35.01 17.26
C ARG B 250 -20.45 34.02 16.58
N GLY B 251 -20.03 33.56 15.40
CA GLY B 251 -20.78 32.59 14.62
C GLY B 251 -21.68 33.17 13.54
N PRO B 252 -22.74 32.46 13.10
CA PRO B 252 -23.22 31.14 13.58
C PRO B 252 -22.22 30.02 13.39
N ILE B 253 -22.18 29.11 14.36
CA ILE B 253 -21.30 27.95 14.34
C ILE B 253 -22.13 26.68 14.62
N PRO B 254 -21.67 25.48 14.19
CA PRO B 254 -22.38 24.25 14.58
C PRO B 254 -22.09 23.91 16.04
N ILE B 255 -22.93 23.07 16.66
CA ILE B 255 -22.67 22.60 18.02
C ILE B 255 -21.76 21.38 17.86
N LEU B 256 -22.08 20.48 16.90
CA LEU B 256 -21.29 19.28 16.67
C LEU B 256 -20.45 19.36 15.42
N SER B 257 -19.29 18.71 15.44
CA SER B 257 -18.39 18.62 14.28
C SER B 257 -17.52 17.37 14.43
N GLY B 258 -16.61 17.16 13.47
CA GLY B 258 -15.68 16.04 13.50
C GLY B 258 -16.26 14.74 13.00
N ALA B 259 -15.55 13.65 13.29
CA ALA B 259 -15.90 12.28 12.89
C ALA B 259 -17.26 11.89 13.47
N ASP B 260 -18.02 11.06 12.75
CA ASP B 260 -19.32 10.58 13.17
C ASP B 260 -19.24 9.75 14.46
N ASP B 261 -18.20 8.90 14.57
CA ASP B 261 -17.97 8.03 15.74
C ASP B 261 -17.17 8.69 16.88
N ASP B 262 -16.60 9.88 16.64
CA ASP B 262 -15.83 10.60 17.68
C ASP B 262 -16.14 12.11 17.54
N PRO B 263 -17.39 12.53 17.83
CA PRO B 263 -17.74 13.94 17.58
C PRO B 263 -17.14 14.96 18.54
N PHE B 264 -16.91 16.18 18.00
CA PHE B 264 -16.44 17.31 18.78
C PHE B 264 -17.63 18.20 19.08
N ILE B 265 -17.62 18.84 20.24
CA ILE B 265 -18.72 19.68 20.70
C ILE B 265 -18.25 21.07 21.10
N VAL B 266 -19.06 22.07 20.79
CA VAL B 266 -18.91 23.46 21.24
C VAL B 266 -20.34 23.80 21.71
N PHE B 267 -20.50 24.05 23.01
CA PHE B 267 -21.83 24.35 23.54
C PHE B 267 -21.75 25.34 24.68
N ASP B 268 -22.77 26.18 24.82
CA ASP B 268 -22.90 27.14 25.93
C ASP B 268 -24.40 27.33 26.19
N GLN B 269 -24.92 26.61 27.22
CA GLN B 269 -26.33 26.61 27.62
C GLN B 269 -26.91 28.02 27.78
N ASP B 270 -26.13 28.92 28.41
CA ASP B 270 -26.49 30.29 28.75
C ASP B 270 -26.31 31.31 27.63
N LEU B 271 -25.19 31.24 26.88
CA LEU B 271 -24.85 32.25 25.86
C LEU B 271 -25.23 31.92 24.42
N MET B 272 -25.43 30.64 24.07
CA MET B 272 -25.84 30.29 22.70
C MET B 272 -27.26 30.68 22.36
N ARG B 273 -27.48 31.06 21.09
CA ARG B 273 -28.78 31.43 20.56
C ARG B 273 -28.94 30.84 19.17
N GLY B 274 -30.01 30.07 18.98
CA GLY B 274 -30.35 29.49 17.70
C GLY B 274 -30.80 30.57 16.73
N ILE B 275 -30.37 30.48 15.47
CA ILE B 275 -30.71 31.47 14.43
C ILE B 275 -32.14 31.28 13.90
N SER B 276 -32.77 30.13 14.22
CA SER B 276 -34.15 29.78 13.84
C SER B 276 -34.85 29.07 15.00
N ALA B 277 -36.19 28.98 14.96
CA ALA B 277 -36.97 28.30 16.00
C ALA B 277 -36.52 26.82 16.18
N PRO B 278 -36.31 26.00 15.10
CA PRO B 278 -35.81 24.63 15.32
C PRO B 278 -34.46 24.55 16.04
N ALA B 279 -33.51 25.46 15.72
CA ALA B 279 -32.19 25.51 16.34
C ALA B 279 -32.29 25.85 17.83
N GLN B 280 -33.25 26.72 18.21
CA GLN B 280 -33.51 27.11 19.60
C GLN B 280 -34.06 25.90 20.39
N GLU B 281 -34.98 25.12 19.74
N GLU B 281 -34.97 25.12 19.77
CA GLU B 281 -35.59 23.90 20.29
CA GLU B 281 -35.56 23.92 20.39
C GLU B 281 -34.52 22.83 20.52
C GLU B 281 -34.49 22.83 20.53
N LEU B 282 -33.58 22.71 19.56
CA LEU B 282 -32.47 21.75 19.61
C LEU B 282 -31.48 22.04 20.74
N GLN B 283 -31.29 23.32 21.07
CA GLN B 283 -30.44 23.74 22.18
C GLN B 283 -31.09 23.22 23.49
N GLN B 284 -32.45 23.29 23.59
CA GLN B 284 -33.20 22.76 24.75
C GLN B 284 -33.10 21.24 24.84
N THR B 285 -33.09 20.56 23.69
CA THR B 285 -32.94 19.11 23.59
C THR B 285 -31.56 18.69 24.16
N VAL B 286 -30.49 19.44 23.81
CA VAL B 286 -29.13 19.20 24.33
C VAL B 286 -29.12 19.33 25.86
N ILE B 287 -29.77 20.39 26.38
CA ILE B 287 -29.88 20.66 27.84
C ILE B 287 -30.62 19.51 28.56
N ARG B 288 -31.75 19.02 27.99
N ARG B 288 -31.74 19.03 27.98
CA ARG B 288 -32.53 17.92 28.58
CA ARG B 288 -32.56 17.92 28.51
C ARG B 288 -31.72 16.63 28.63
C ARG B 288 -31.74 16.63 28.60
N ALA B 289 -30.96 16.33 27.54
CA ALA B 289 -30.09 15.15 27.45
C ALA B 289 -28.97 15.22 28.50
N TYR B 290 -28.46 16.44 28.73
CA TYR B 290 -27.43 16.72 29.73
C TYR B 290 -27.95 16.41 31.14
N TYR B 291 -29.15 16.93 31.52
CA TYR B 291 -29.72 16.67 32.85
C TYR B 291 -30.03 15.20 33.08
N ALA B 292 -30.40 14.48 32.02
CA ALA B 292 -30.72 13.06 32.08
C ALA B 292 -29.50 12.14 32.15
N GLU B 293 -28.41 12.47 31.41
CA GLU B 293 -27.23 11.61 31.26
C GLU B 293 -25.92 12.04 31.93
N ARG B 294 -25.78 13.31 32.35
CA ARG B 294 -24.52 13.81 32.92
C ARG B 294 -23.97 12.94 34.04
N VAL B 295 -22.65 12.81 34.09
CA VAL B 295 -22.02 12.08 35.19
C VAL B 295 -21.59 13.14 36.19
N SER B 296 -21.56 12.78 37.47
CA SER B 296 -21.13 13.73 38.48
C SER B 296 -19.98 13.17 39.30
N HIS B 297 -19.13 14.07 39.76
CA HIS B 297 -18.01 13.75 40.61
C HIS B 297 -17.77 14.88 41.58
N CYS B 298 -17.60 14.56 42.86
CA CYS B 298 -17.27 15.56 43.85
C CYS B 298 -15.76 15.55 44.01
N LEU B 299 -15.07 16.59 43.48
CA LEU B 299 -13.61 16.68 43.62
C LEU B 299 -13.18 16.75 45.09
N ALA B 300 -12.18 15.91 45.42
CA ALA B 300 -11.61 15.75 46.75
C ALA B 300 -10.11 16.07 46.73
N PRO B 301 -9.49 16.50 47.86
CA PRO B 301 -8.04 16.79 47.85
C PRO B 301 -7.20 15.63 47.31
N GLY B 302 -6.15 15.97 46.57
CA GLY B 302 -5.29 14.97 45.94
C GLY B 302 -5.82 14.48 44.60
N GLU B 303 -6.99 15.00 44.17
CA GLU B 303 -7.52 14.61 42.86
C GLU B 303 -7.23 15.71 41.86
N MET B 304 -7.13 15.29 40.61
CA MET B 304 -6.90 16.14 39.46
C MET B 304 -7.79 15.65 38.32
N LEU B 305 -8.54 16.57 37.71
CA LEU B 305 -9.44 16.23 36.61
C LEU B 305 -8.99 16.92 35.34
N LEU B 306 -8.79 16.13 34.27
CA LEU B 306 -8.48 16.64 32.94
C LEU B 306 -9.74 16.51 32.12
N ILE B 307 -10.23 17.61 31.57
CA ILE B 307 -11.43 17.60 30.75
C ILE B 307 -10.97 17.81 29.30
N ASP B 308 -11.39 16.93 28.38
CA ASP B 308 -11.10 17.11 26.96
C ASP B 308 -12.17 18.10 26.47
N ASN B 309 -11.74 19.36 26.26
CA ASN B 309 -12.59 20.50 25.88
C ASN B 309 -13.18 20.41 24.47
N ARG B 310 -12.78 19.42 23.66
CA ARG B 310 -13.37 19.20 22.33
C ARG B 310 -14.39 18.09 22.38
N ARG B 311 -14.27 17.18 23.36
CA ARG B 311 -15.11 15.98 23.46
C ARG B 311 -16.15 15.97 24.57
N ALA B 312 -16.10 16.93 25.49
CA ALA B 312 -17.02 16.97 26.61
C ALA B 312 -17.31 18.38 27.06
N VAL B 313 -18.46 18.55 27.69
CA VAL B 313 -18.94 19.81 28.24
C VAL B 313 -19.05 19.61 29.74
N HIS B 314 -18.96 20.69 30.49
CA HIS B 314 -18.99 20.55 31.93
C HIS B 314 -19.86 21.62 32.61
N GLY B 315 -20.21 21.33 33.84
CA GLY B 315 -21.00 22.21 34.68
C GLY B 315 -20.63 22.00 36.14
N ARG B 316 -21.23 22.79 37.03
CA ARG B 316 -21.00 22.68 38.47
C ARG B 316 -22.25 23.00 39.27
N SER B 317 -22.55 22.15 40.28
CA SER B 317 -23.72 22.29 41.14
C SER B 317 -23.63 23.50 42.08
N ILE B 318 -24.78 23.83 42.67
CA ILE B 318 -24.91 24.85 43.72
C ILE B 318 -24.16 24.29 44.94
N PHE B 319 -23.41 25.14 45.65
CA PHE B 319 -22.81 24.76 46.93
C PHE B 319 -22.97 25.92 47.93
N ALA B 320 -22.84 25.65 49.24
CA ALA B 320 -23.02 26.67 50.28
C ALA B 320 -21.70 27.01 50.98
N PRO B 321 -20.87 27.91 50.40
CA PRO B 321 -19.60 28.26 51.05
C PRO B 321 -19.77 28.98 52.39
N ARG B 322 -18.76 28.87 53.25
CA ARG B 322 -18.79 29.45 54.59
C ARG B 322 -17.95 30.72 54.72
N PHE B 323 -16.96 30.93 53.83
CA PHE B 323 -16.01 32.07 53.84
C PHE B 323 -15.26 32.14 55.18
N ASP B 324 -14.82 30.96 55.66
CA ASP B 324 -14.12 30.75 56.92
C ASP B 324 -12.62 30.37 56.71
N GLY B 325 -12.19 30.41 55.45
CA GLY B 325 -10.84 30.06 55.02
C GLY B 325 -10.63 28.59 54.68
N ALA B 326 -11.70 27.75 54.78
CA ALA B 326 -11.65 26.31 54.50
C ALA B 326 -12.57 25.88 53.35
N ASP B 327 -13.01 26.86 52.54
CA ASP B 327 -13.85 26.63 51.39
C ASP B 327 -13.14 25.92 50.25
N ARG B 328 -13.95 25.37 49.33
CA ARG B 328 -13.48 24.69 48.13
C ARG B 328 -12.43 25.56 47.43
N PHE B 329 -11.37 24.93 46.99
CA PHE B 329 -10.23 25.59 46.37
C PHE B 329 -9.64 24.66 45.32
N LEU B 330 -9.78 25.03 44.04
CA LEU B 330 -9.20 24.28 42.93
C LEU B 330 -8.15 25.14 42.28
N SER B 331 -7.17 24.50 41.62
CA SER B 331 -6.14 25.17 40.84
C SER B 331 -6.47 24.82 39.40
N ARG B 332 -6.84 25.83 38.60
CA ARG B 332 -7.16 25.63 37.20
C ARG B 332 -6.05 26.07 36.27
N SER B 333 -5.79 25.25 35.25
CA SER B 333 -4.86 25.57 34.19
C SER B 333 -5.44 25.07 32.87
N PHE B 334 -4.87 25.53 31.76
CA PHE B 334 -5.34 25.20 30.43
C PHE B 334 -4.22 24.61 29.61
N ILE B 335 -4.60 23.71 28.70
CA ILE B 335 -3.64 22.99 27.86
C ILE B 335 -4.10 23.08 26.41
N VAL B 336 -3.14 23.28 25.49
CA VAL B 336 -3.32 23.27 24.04
C VAL B 336 -2.32 22.26 23.46
N ALA B 337 -2.71 21.54 22.42
CA ALA B 337 -1.80 20.58 21.82
C ALA B 337 -0.72 21.31 21.05
N ASP B 338 -1.10 22.45 20.46
CA ASP B 338 -0.25 23.25 19.58
C ASP B 338 -0.16 24.70 20.00
N GLY B 339 0.99 25.08 20.54
CA GLY B 339 1.33 26.44 20.92
C GLY B 339 1.45 27.41 19.74
N SER B 340 1.71 26.88 18.49
CA SER B 340 1.80 27.74 17.30
C SER B 340 0.49 28.37 16.89
N ARG B 341 -0.65 27.74 17.25
N ARG B 341 -0.64 27.74 17.26
CA ARG B 341 -1.98 28.27 16.93
CA ARG B 341 -1.99 28.23 16.95
C ARG B 341 -2.24 29.63 17.57
C ARG B 341 -2.28 29.59 17.60
N SER B 342 -1.62 29.89 18.74
CA SER B 342 -1.78 31.15 19.45
C SER B 342 -0.57 32.09 19.33
N ARG B 343 0.47 31.73 18.54
CA ARG B 343 1.70 32.53 18.46
C ARG B 343 1.45 34.03 18.06
N HIS B 344 0.49 34.27 17.15
CA HIS B 344 0.11 35.62 16.68
C HIS B 344 -0.46 36.46 17.85
N ALA B 345 -0.95 35.77 18.91
CA ALA B 345 -1.61 36.35 20.08
C ALA B 345 -0.71 36.41 21.30
N ARG B 346 0.53 35.91 21.21
CA ARG B 346 1.47 35.85 22.33
C ARG B 346 2.71 36.64 22.05
N SER B 347 3.54 36.82 23.08
CA SER B 347 4.87 37.40 22.89
C SER B 347 5.84 36.21 22.74
N SER B 348 7.02 36.46 22.19
CA SER B 348 8.08 35.46 22.02
C SER B 348 8.40 34.88 23.41
N PHE B 349 8.38 33.54 23.56
CA PHE B 349 8.62 32.82 24.84
C PHE B 349 7.59 33.22 25.91
N GLY B 350 6.38 33.53 25.46
CA GLY B 350 5.27 33.92 26.33
C GLY B 350 4.20 32.85 26.33
N ARG B 351 3.53 32.71 27.46
CA ARG B 351 2.47 31.71 27.61
C ARG B 351 1.06 32.33 27.67
N VAL B 352 0.97 33.65 27.52
CA VAL B 352 -0.31 34.38 27.68
C VAL B 352 -0.89 34.88 26.35
N VAL B 353 -2.13 34.49 26.06
CA VAL B 353 -2.89 34.96 24.90
C VAL B 353 -3.42 36.37 25.24
N SER B 354 -3.02 37.39 24.46
CA SER B 354 -3.51 38.78 24.70
C SER B 354 -5.02 38.85 24.52
N ALA B 355 -5.69 39.60 25.39
CA ALA B 355 -7.14 39.75 25.49
C ALA B 355 -7.87 39.92 24.14
N ARG B 356 -7.44 40.88 23.30
CA ARG B 356 -8.08 41.22 22.01
C ARG B 356 -8.14 40.06 21.01
N PHE B 357 -7.30 39.03 21.17
CA PHE B 357 -7.28 37.87 20.28
C PHE B 357 -8.23 36.74 20.70
N SER B 358 -8.81 36.84 21.90
CA SER B 358 -9.77 35.82 22.37
C SER B 358 -11.11 35.94 21.62
N GLU C 34 -19.23 -37.37 -3.16
CA GLU C 34 -19.73 -36.16 -3.81
C GLU C 34 -18.89 -35.78 -5.05
N VAL C 35 -17.58 -36.06 -5.02
CA VAL C 35 -16.66 -35.79 -6.15
C VAL C 35 -16.98 -36.71 -7.35
N SER C 36 -17.01 -36.14 -8.58
CA SER C 36 -17.30 -36.83 -9.84
C SER C 36 -16.12 -36.89 -10.84
N ALA C 37 -15.33 -35.80 -10.98
CA ALA C 37 -14.17 -35.73 -11.89
C ALA C 37 -13.05 -36.58 -11.28
N ILE C 38 -13.09 -37.87 -11.57
CA ILE C 38 -12.19 -38.85 -10.99
C ILE C 38 -11.38 -39.57 -12.06
N LEU C 39 -10.06 -39.69 -11.84
CA LEU C 39 -9.16 -40.46 -12.68
C LEU C 39 -8.67 -41.65 -11.81
N VAL C 40 -9.07 -42.87 -12.19
CA VAL C 40 -8.68 -44.09 -11.47
C VAL C 40 -7.53 -44.77 -12.24
N LEU C 41 -6.33 -44.82 -11.63
CA LEU C 41 -5.19 -45.47 -12.26
C LEU C 41 -5.34 -46.98 -12.13
N THR C 42 -5.08 -47.72 -13.22
CA THR C 42 -5.10 -49.18 -13.17
C THR C 42 -3.78 -49.63 -12.51
N SER C 43 -3.68 -50.91 -12.13
CA SER C 43 -2.48 -51.50 -11.54
C SER C 43 -1.26 -51.31 -12.45
N SER C 44 -1.44 -51.50 -13.77
CA SER C 44 -0.40 -51.33 -14.80
C SER C 44 0.06 -49.85 -14.89
N GLU C 45 -0.90 -48.92 -14.88
CA GLU C 45 -0.61 -47.47 -14.93
C GLU C 45 0.14 -47.02 -13.67
N ALA C 46 -0.29 -47.53 -12.48
CA ALA C 46 0.37 -47.23 -11.21
C ALA C 46 1.81 -47.78 -11.21
N SER C 47 2.01 -48.98 -11.80
CA SER C 47 3.34 -49.59 -11.92
C SER C 47 4.26 -48.77 -12.84
N THR C 48 3.71 -48.21 -13.94
CA THR C 48 4.43 -47.34 -14.87
C THR C 48 4.89 -46.05 -14.12
N LEU C 49 3.97 -45.42 -13.36
CA LEU C 49 4.24 -44.22 -12.55
C LEU C 49 5.42 -44.47 -11.60
N GLU C 50 5.39 -45.63 -10.93
CA GLU C 50 6.41 -46.07 -9.97
C GLU C 50 7.79 -46.18 -10.63
N ARG C 51 7.83 -46.77 -11.84
CA ARG C 51 9.03 -46.96 -12.65
C ARG C 51 9.55 -45.62 -13.14
N VAL C 52 8.65 -44.76 -13.65
CA VAL C 52 8.98 -43.44 -14.18
C VAL C 52 9.55 -42.50 -13.06
N ALA C 53 9.09 -42.66 -11.80
CA ALA C 53 9.59 -41.87 -10.64
C ALA C 53 11.09 -42.03 -10.41
N ASP C 54 11.68 -43.19 -10.80
CA ASP C 54 13.12 -43.47 -10.71
C ASP C 54 13.95 -42.51 -11.58
N LEU C 55 13.33 -41.89 -12.60
CA LEU C 55 14.00 -40.92 -13.46
C LEU C 55 14.16 -39.55 -12.80
N VAL C 56 13.47 -39.36 -11.66
CA VAL C 56 13.50 -38.09 -10.93
C VAL C 56 14.41 -38.31 -9.71
N THR C 57 15.67 -37.87 -9.81
CA THR C 57 16.70 -38.13 -8.82
C THR C 57 17.17 -36.92 -8.00
N ALA C 58 17.01 -35.67 -8.52
CA ALA C 58 17.43 -34.45 -7.82
C ALA C 58 16.69 -34.26 -6.50
N HIS C 59 17.32 -33.55 -5.53
CA HIS C 59 16.74 -33.27 -4.22
C HIS C 59 15.61 -32.25 -4.42
N ALA C 60 14.37 -32.60 -4.03
CA ALA C 60 13.20 -31.75 -4.22
C ALA C 60 13.37 -30.40 -3.51
N LEU C 61 14.05 -30.38 -2.35
CA LEU C 61 14.24 -29.14 -1.59
C LEU C 61 15.45 -28.32 -1.96
N TYR C 62 16.60 -28.99 -2.16
CA TYR C 62 17.85 -28.29 -2.36
C TYR C 62 18.28 -28.15 -3.83
N ALA C 63 17.54 -28.79 -4.76
CA ALA C 63 17.74 -28.68 -6.20
C ALA C 63 16.36 -28.69 -6.86
N ALA C 64 15.45 -27.84 -6.34
CA ALA C 64 14.03 -27.77 -6.75
C ALA C 64 13.83 -27.62 -8.27
N HIS C 65 14.55 -26.71 -8.91
CA HIS C 65 14.42 -26.51 -10.35
C HIS C 65 14.81 -27.77 -11.14
N ASP C 66 15.95 -28.39 -10.82
CA ASP C 66 16.42 -29.64 -11.45
C ASP C 66 15.42 -30.77 -11.21
N PHE C 67 14.90 -30.88 -9.99
CA PHE C 67 13.89 -31.87 -9.60
C PHE C 67 12.62 -31.72 -10.48
N CYS C 68 12.08 -30.48 -10.54
CA CYS C 68 10.87 -30.18 -11.31
C CYS C 68 11.09 -30.35 -12.80
N ALA C 69 12.26 -29.93 -13.33
CA ALA C 69 12.62 -30.11 -14.76
C ALA C 69 12.75 -31.60 -15.10
N GLN C 70 13.31 -32.41 -14.17
CA GLN C 70 13.41 -33.88 -14.37
C GLN C 70 12.02 -34.50 -14.41
N ALA C 71 11.10 -34.01 -13.55
CA ALA C 71 9.73 -34.52 -13.53
C ALA C 71 9.05 -34.17 -14.85
N GLN C 72 9.22 -32.91 -15.32
CA GLN C 72 8.61 -32.46 -16.58
C GLN C 72 9.02 -33.35 -17.73
N LEU C 73 10.32 -33.71 -17.78
CA LEU C 73 10.82 -34.56 -18.86
C LEU C 73 10.33 -36.03 -18.72
N ALA C 74 10.43 -36.59 -17.50
CA ALA C 74 10.02 -37.97 -17.20
C ALA C 74 8.50 -38.19 -17.40
N ALA C 75 7.68 -37.12 -17.25
CA ALA C 75 6.22 -37.16 -17.43
C ALA C 75 5.82 -37.65 -18.85
N ALA C 76 6.72 -37.46 -19.85
CA ALA C 76 6.52 -37.95 -21.22
C ALA C 76 6.44 -39.50 -21.24
N GLU C 77 7.02 -40.16 -20.22
CA GLU C 77 7.01 -41.62 -20.12
C GLU C 77 5.75 -42.16 -19.40
N LEU C 78 4.85 -41.30 -18.91
CA LEU C 78 3.63 -41.74 -18.23
C LEU C 78 2.60 -42.39 -19.20
N PRO C 79 1.62 -43.23 -18.74
CA PRO C 79 0.64 -43.80 -19.69
C PRO C 79 -0.14 -42.70 -20.42
N SER C 80 -0.25 -42.79 -21.77
CA SER C 80 -0.91 -41.81 -22.62
C SER C 80 -2.35 -41.46 -22.17
N ARG C 81 -3.13 -42.44 -21.64
CA ARG C 81 -4.49 -42.21 -21.14
C ARG C 81 -4.47 -41.21 -19.96
N VAL C 82 -3.49 -41.35 -19.06
CA VAL C 82 -3.29 -40.50 -17.88
C VAL C 82 -2.87 -39.07 -18.33
N VAL C 83 -1.87 -38.98 -19.21
CA VAL C 83 -1.37 -37.72 -19.77
C VAL C 83 -2.52 -36.97 -20.45
N ALA C 84 -3.34 -37.67 -21.32
CA ALA C 84 -4.50 -37.06 -22.02
C ALA C 84 -5.47 -36.39 -21.04
N ARG C 85 -5.84 -37.11 -19.97
N ARG C 85 -5.85 -37.11 -19.97
CA ARG C 85 -6.76 -36.61 -18.94
CA ARG C 85 -6.76 -36.61 -18.95
C ARG C 85 -6.19 -35.37 -18.24
C ARG C 85 -6.20 -35.38 -18.24
N LEU C 86 -4.89 -35.40 -17.88
CA LEU C 86 -4.23 -34.26 -17.20
C LEU C 86 -4.09 -33.03 -18.10
N GLN C 87 -3.78 -33.22 -19.40
CA GLN C 87 -3.67 -32.12 -20.38
C GLN C 87 -5.06 -31.49 -20.62
N GLU C 88 -6.13 -32.31 -20.61
CA GLU C 88 -7.51 -31.86 -20.77
C GLU C 88 -7.91 -31.01 -19.57
N PHE C 89 -7.62 -31.50 -18.37
CA PHE C 89 -7.89 -30.77 -17.13
C PHE C 89 -7.10 -29.45 -17.10
N ALA C 90 -5.79 -29.48 -17.49
CA ALA C 90 -4.92 -28.30 -17.55
C ALA C 90 -5.42 -27.24 -18.52
N TRP C 91 -5.95 -27.63 -19.71
CA TRP C 91 -6.50 -26.69 -20.70
C TRP C 91 -7.63 -25.88 -20.02
N GLY C 92 -8.39 -26.56 -19.18
CA GLY C 92 -9.39 -25.98 -18.30
C GLY C 92 -10.81 -25.84 -18.75
N ASP C 93 -11.03 -25.71 -20.07
CA ASP C 93 -12.37 -25.48 -20.62
C ASP C 93 -13.34 -26.51 -20.11
N MET C 94 -14.35 -25.99 -19.39
CA MET C 94 -15.48 -26.71 -18.82
C MET C 94 -15.06 -27.85 -17.88
N ASN C 95 -13.83 -27.76 -17.26
CA ASN C 95 -13.36 -28.74 -16.27
C ASN C 95 -14.24 -28.53 -15.01
N GLU C 96 -14.33 -29.53 -14.14
CA GLU C 96 -15.20 -29.47 -12.96
C GLU C 96 -14.64 -28.62 -11.79
N GLY C 97 -13.48 -27.98 -11.98
CA GLY C 97 -12.81 -27.19 -10.94
C GLY C 97 -11.79 -28.00 -10.16
N HIS C 98 -11.79 -29.34 -10.36
CA HIS C 98 -10.89 -30.27 -9.66
C HIS C 98 -10.80 -31.60 -10.36
N LEU C 99 -9.74 -32.35 -10.02
CA LEU C 99 -9.53 -33.68 -10.51
C LEU C 99 -9.00 -34.53 -9.37
N LEU C 100 -9.75 -35.58 -9.03
CA LEU C 100 -9.33 -36.51 -7.99
C LEU C 100 -8.71 -37.72 -8.68
N ILE C 101 -7.47 -38.05 -8.32
CA ILE C 101 -6.74 -39.20 -8.85
C ILE C 101 -6.68 -40.30 -7.76
N LYS C 102 -7.14 -41.51 -8.10
CA LYS C 102 -7.10 -42.67 -7.20
C LYS C 102 -6.15 -43.70 -7.78
N GLY C 103 -5.63 -44.57 -6.93
CA GLY C 103 -4.78 -45.66 -7.37
C GLY C 103 -3.31 -45.36 -7.50
N LEU C 104 -2.84 -44.35 -6.79
CA LEU C 104 -1.41 -44.04 -6.82
C LEU C 104 -0.59 -45.16 -6.13
N PRO C 105 0.69 -45.36 -6.51
CA PRO C 105 1.48 -46.39 -5.81
C PRO C 105 1.49 -46.16 -4.32
N GLN C 106 1.31 -47.28 -3.60
CA GLN C 106 1.26 -47.37 -2.15
C GLN C 106 2.64 -47.00 -1.63
N VAL C 107 2.74 -45.87 -0.89
CA VAL C 107 4.02 -45.44 -0.35
C VAL C 107 4.37 -46.32 0.85
N ARG C 108 5.50 -47.00 0.71
CA ARG C 108 6.02 -47.91 1.71
C ARG C 108 6.95 -47.13 2.65
N SER C 109 7.03 -47.57 3.93
CA SER C 109 7.81 -46.98 5.02
C SER C 109 7.58 -45.46 5.16
N LEU C 110 6.32 -45.05 5.40
CA LEU C 110 5.98 -43.66 5.63
C LEU C 110 6.42 -43.30 7.07
N PRO C 111 7.25 -42.25 7.27
CA PRO C 111 7.66 -41.90 8.64
C PRO C 111 6.47 -41.37 9.46
N PRO C 112 6.58 -41.24 10.82
CA PRO C 112 5.44 -40.70 11.57
C PRO C 112 5.05 -39.30 11.09
N THR C 113 3.76 -38.97 11.21
CA THR C 113 3.21 -37.67 10.84
C THR C 113 3.89 -36.61 11.71
N PRO C 114 4.57 -35.61 11.12
CA PRO C 114 5.23 -34.60 11.96
C PRO C 114 4.22 -33.75 12.73
N THR C 115 4.59 -33.30 13.94
CA THR C 115 3.75 -32.46 14.79
C THR C 115 3.70 -30.99 14.31
N SER C 116 4.63 -30.60 13.41
CA SER C 116 4.70 -29.26 12.80
C SER C 116 5.08 -29.38 11.30
N ASN C 117 5.05 -28.27 10.52
CA ASN C 117 5.41 -28.26 9.09
C ASN C 117 6.92 -28.03 8.79
N VAL C 118 7.74 -28.00 9.86
CA VAL C 118 9.18 -27.73 9.85
C VAL C 118 10.01 -28.82 9.13
N HIS C 119 9.79 -30.09 9.47
CA HIS C 119 10.55 -31.24 8.97
C HIS C 119 10.57 -31.41 7.44
N ALA C 120 9.52 -30.94 6.73
CA ALA C 120 9.34 -31.10 5.27
C ALA C 120 9.57 -32.57 4.89
N VAL C 121 8.89 -33.47 5.64
CA VAL C 121 8.96 -34.93 5.55
C VAL C 121 8.45 -35.46 4.22
N ALA C 122 7.36 -34.87 3.69
CA ALA C 122 6.75 -35.33 2.44
C ALA C 122 7.66 -35.21 1.23
N ALA C 123 8.50 -34.15 1.19
CA ALA C 123 9.42 -33.86 0.06
C ALA C 123 10.53 -34.94 -0.22
N THR C 124 10.75 -35.91 0.69
CA THR C 124 11.74 -36.97 0.47
C THR C 124 11.08 -38.36 0.44
N THR C 125 9.75 -38.42 0.29
CA THR C 125 9.03 -39.69 0.23
C THR C 125 8.83 -40.09 -1.24
N PRO C 126 8.55 -41.37 -1.59
CA PRO C 126 8.26 -41.72 -3.00
C PRO C 126 7.04 -40.99 -3.57
N MET C 127 6.10 -40.57 -2.70
CA MET C 127 4.90 -39.84 -3.09
C MET C 127 5.22 -38.50 -3.73
N SER C 128 6.29 -37.82 -3.28
CA SER C 128 6.71 -36.52 -3.79
C SER C 128 7.12 -36.59 -5.27
N ARG C 129 7.80 -37.69 -5.69
CA ARG C 129 8.17 -37.93 -7.09
C ARG C 129 6.91 -38.28 -7.90
N TYR C 130 5.96 -39.09 -7.33
CA TYR C 130 4.72 -39.43 -8.03
C TYR C 130 3.88 -38.16 -8.25
N GLN C 131 3.79 -37.32 -7.21
CA GLN C 131 3.05 -36.06 -7.23
C GLN C 131 3.68 -35.09 -8.22
N ALA C 132 5.02 -35.02 -8.26
CA ALA C 132 5.75 -34.13 -9.16
C ALA C 132 5.49 -34.49 -10.61
N LEU C 133 5.47 -35.80 -10.93
CA LEU C 133 5.26 -36.31 -12.29
C LEU C 133 3.88 -35.92 -12.82
N ILE C 134 2.84 -36.09 -12.00
CA ILE C 134 1.47 -35.71 -12.32
C ILE C 134 1.39 -34.18 -12.43
N ASN C 135 1.95 -33.42 -11.43
CA ASN C 135 1.95 -31.96 -11.43
C ASN C 135 2.54 -31.39 -12.73
N GLU C 136 3.70 -31.92 -13.13
CA GLU C 136 4.46 -31.43 -14.26
C GLU C 136 3.83 -31.76 -15.61
N CYS C 137 2.82 -32.65 -15.63
N CYS C 137 2.83 -32.64 -15.61
CA CYS C 137 2.00 -32.94 -16.80
CA CYS C 137 2.04 -32.99 -16.78
C CYS C 137 1.10 -31.74 -16.96
C CYS C 137 0.89 -31.96 -16.93
N VAL C 138 0.56 -31.26 -15.82
CA VAL C 138 -0.43 -30.18 -15.76
C VAL C 138 0.23 -28.81 -16.04
N GLY C 139 1.32 -28.48 -15.33
CA GLY C 139 2.00 -27.21 -15.49
C GLY C 139 3.31 -27.19 -14.72
N ARG C 140 3.84 -25.98 -14.47
CA ARG C 140 5.12 -25.81 -13.77
C ARG C 140 4.94 -25.67 -12.26
N MET C 141 5.66 -26.49 -11.51
CA MET C 141 5.67 -26.42 -10.04
C MET C 141 6.35 -25.14 -9.62
N ILE C 142 5.84 -24.54 -8.57
CA ILE C 142 6.35 -23.27 -8.03
C ILE C 142 6.15 -23.29 -6.52
N ALA C 143 6.95 -22.49 -5.80
CA ALA C 143 6.81 -22.37 -4.37
C ALA C 143 6.94 -20.87 -4.01
N TYR C 144 6.56 -20.52 -2.79
CA TYR C 144 6.51 -19.14 -2.30
C TYR C 144 7.25 -19.05 -1.03
N GLU C 145 8.24 -18.16 -0.97
CA GLU C 145 9.06 -17.93 0.23
C GLU C 145 8.17 -17.69 1.45
N ALA C 146 7.07 -16.89 1.29
CA ALA C 146 6.19 -16.57 2.43
C ALA C 146 5.23 -17.71 2.86
N GLU C 147 5.10 -18.79 2.06
CA GLU C 147 4.22 -19.92 2.38
C GLU C 147 5.06 -21.19 2.64
N GLY C 148 5.05 -21.64 3.89
CA GLY C 148 5.78 -22.81 4.34
C GLY C 148 7.25 -22.83 3.97
N HIS C 149 7.92 -21.66 4.13
N HIS C 149 7.93 -21.67 4.15
CA HIS C 149 9.36 -21.41 3.90
CA HIS C 149 9.37 -21.42 3.90
C HIS C 149 9.83 -21.76 2.46
C HIS C 149 9.84 -21.75 2.46
N GLY C 150 8.93 -21.68 1.50
CA GLY C 150 9.21 -21.96 0.09
C GLY C 150 9.56 -23.40 -0.21
N HIS C 151 9.15 -24.35 0.67
CA HIS C 151 9.41 -25.79 0.47
C HIS C 151 8.62 -26.25 -0.76
N THR C 152 9.26 -27.08 -1.61
CA THR C 152 8.70 -27.61 -2.88
C THR C 152 7.40 -28.34 -2.59
N PHE C 153 7.41 -29.13 -1.51
CA PHE C 153 6.26 -29.85 -0.99
C PHE C 153 6.15 -29.44 0.46
N GLN C 154 4.97 -29.00 0.87
CA GLN C 154 4.73 -28.61 2.25
C GLN C 154 3.99 -29.73 2.97
N ASP C 155 4.30 -29.95 4.25
CA ASP C 155 3.59 -30.93 5.05
C ASP C 155 2.32 -30.28 5.56
N MET C 156 1.17 -30.81 5.14
N MET C 156 1.17 -30.80 5.13
CA MET C 156 -0.14 -30.33 5.57
CA MET C 156 -0.15 -30.32 5.56
C MET C 156 -0.54 -31.25 6.70
C MET C 156 -0.57 -31.23 6.70
N VAL C 157 -0.18 -30.83 7.91
CA VAL C 157 -0.37 -31.58 9.14
C VAL C 157 -1.04 -30.69 10.17
N PRO C 158 -1.82 -31.25 11.12
CA PRO C 158 -2.45 -30.38 12.12
C PRO C 158 -1.41 -29.76 13.04
N SER C 159 -1.59 -28.51 13.44
CA SER C 159 -0.67 -27.86 14.37
C SER C 159 -1.39 -27.71 15.68
N ALA C 160 -0.72 -28.01 16.79
CA ALA C 160 -1.32 -27.88 18.12
C ALA C 160 -1.57 -26.41 18.45
N MET C 161 -0.64 -25.52 18.08
CA MET C 161 -0.73 -24.08 18.30
C MET C 161 -1.85 -23.43 17.48
N SER C 162 -1.75 -23.55 16.15
CA SER C 162 -2.67 -22.96 15.19
C SER C 162 -3.84 -23.90 14.82
N ALA C 163 -4.37 -24.61 15.83
CA ALA C 163 -5.51 -25.53 15.69
C ALA C 163 -6.82 -24.79 15.42
N HIS C 164 -6.99 -23.61 16.06
CA HIS C 164 -8.17 -22.74 15.96
C HIS C 164 -7.97 -21.60 14.94
N SER C 165 -6.97 -21.75 14.05
CA SER C 165 -6.56 -20.78 13.07
C SER C 165 -7.08 -21.05 11.65
N GLN C 166 -7.22 -19.96 10.85
CA GLN C 166 -7.62 -20.02 9.44
C GLN C 166 -6.38 -20.30 8.57
N THR C 167 -5.78 -21.48 8.78
CA THR C 167 -4.60 -21.98 8.08
C THR C 167 -4.76 -23.46 7.77
N SER C 168 -3.94 -23.95 6.84
CA SER C 168 -3.90 -25.34 6.42
C SER C 168 -3.39 -26.29 7.54
N LEU C 169 -2.96 -25.70 8.66
CA LEU C 169 -2.48 -26.42 9.84
C LEU C 169 -3.59 -26.44 10.93
N GLY C 170 -4.74 -25.80 10.64
CA GLY C 170 -5.89 -25.76 11.54
C GLY C 170 -6.60 -27.11 11.61
N SER C 171 -7.55 -27.27 12.58
CA SER C 171 -8.32 -28.51 12.78
C SER C 171 -9.55 -28.32 13.66
N ALA C 172 -9.40 -27.72 14.86
CA ALA C 172 -10.50 -27.50 15.82
C ALA C 172 -11.62 -26.64 15.22
N VAL C 173 -11.27 -25.79 14.25
CA VAL C 173 -12.23 -24.95 13.53
C VAL C 173 -12.26 -25.37 12.05
N GLU C 174 -13.36 -25.09 11.36
CA GLU C 174 -13.52 -25.38 9.94
C GLU C 174 -12.68 -24.36 9.17
N LEU C 175 -11.90 -24.82 8.19
CA LEU C 175 -11.15 -23.95 7.32
C LEU C 175 -12.15 -23.36 6.30
N GLU C 176 -12.44 -22.07 6.44
CA GLU C 176 -13.41 -21.36 5.64
C GLU C 176 -13.07 -21.32 4.14
N LEU C 177 -14.10 -21.17 3.29
CA LEU C 177 -13.95 -21.21 1.84
C LEU C 177 -13.03 -20.11 1.31
N HIS C 178 -12.13 -20.54 0.45
CA HIS C 178 -11.15 -19.62 -0.10
C HIS C 178 -10.54 -20.09 -1.39
N THR C 179 -10.04 -19.11 -2.12
CA THR C 179 -9.15 -19.19 -3.25
C THR C 179 -7.77 -19.21 -2.54
N GLU C 180 -6.83 -20.02 -3.03
CA GLU C 180 -5.47 -20.04 -2.51
C GLU C 180 -4.83 -18.70 -2.89
N GLN C 181 -4.30 -17.94 -1.88
CA GLN C 181 -3.66 -16.63 -2.06
C GLN C 181 -4.58 -15.65 -2.83
N ALA C 182 -5.83 -15.48 -2.35
CA ALA C 182 -6.81 -14.58 -2.99
C ALA C 182 -6.26 -13.14 -3.17
N PHE C 183 -5.37 -12.72 -2.26
CA PHE C 183 -4.78 -11.37 -2.24
C PHE C 183 -3.70 -11.17 -3.31
N SER C 184 -3.13 -12.28 -3.82
CA SER C 184 -1.96 -12.25 -4.69
C SER C 184 -2.19 -12.42 -6.19
N PRO C 185 -1.66 -11.49 -7.01
CA PRO C 185 -1.70 -11.69 -8.47
C PRO C 185 -0.81 -12.86 -8.90
N LEU C 186 0.13 -13.28 -8.05
CA LEU C 186 1.01 -14.42 -8.34
C LEU C 186 0.52 -15.75 -7.76
N ARG C 187 -0.75 -15.77 -7.30
CA ARG C 187 -1.43 -16.95 -6.76
C ARG C 187 -1.30 -18.16 -7.69
N PRO C 188 -1.30 -19.40 -7.15
CA PRO C 188 -1.14 -20.55 -8.05
C PRO C 188 -2.35 -20.79 -8.96
N ASP C 189 -2.12 -21.40 -10.12
CA ASP C 189 -3.20 -21.79 -11.04
C ASP C 189 -3.82 -23.07 -10.51
N PHE C 190 -3.00 -23.93 -9.87
CA PHE C 190 -3.50 -25.17 -9.26
C PHE C 190 -2.89 -25.44 -7.92
N VAL C 191 -3.68 -26.08 -7.07
CA VAL C 191 -3.20 -26.56 -5.77
C VAL C 191 -3.19 -28.10 -5.93
N SER C 192 -2.09 -28.73 -5.53
CA SER C 192 -1.90 -30.19 -5.63
C SER C 192 -1.80 -30.78 -4.23
N LEU C 193 -2.70 -31.71 -3.90
CA LEU C 193 -2.69 -32.34 -2.57
C LEU C 193 -2.60 -33.86 -2.67
N ALA C 194 -1.49 -34.44 -2.25
CA ALA C 194 -1.33 -35.89 -2.25
C ALA C 194 -1.47 -36.40 -0.82
N CYS C 195 -2.35 -37.40 -0.63
CA CYS C 195 -2.61 -37.93 0.70
C CYS C 195 -1.62 -39.05 1.11
N LEU C 196 -0.90 -38.81 2.22
CA LEU C 196 0.03 -39.78 2.81
C LEU C 196 -0.68 -40.57 3.92
N ARG C 197 -1.38 -39.85 4.80
CA ARG C 197 -2.26 -40.38 5.85
C ARG C 197 -3.52 -39.54 5.80
N GLY C 198 -4.67 -40.18 5.82
CA GLY C 198 -5.93 -39.47 5.84
C GLY C 198 -6.52 -39.47 7.24
N ASP C 199 -7.66 -38.83 7.41
CA ASP C 199 -8.41 -38.87 8.67
C ASP C 199 -9.89 -38.96 8.25
N PRO C 200 -10.63 -39.98 8.73
CA PRO C 200 -12.05 -40.15 8.33
C PRO C 200 -12.97 -38.96 8.59
N ARG C 201 -12.60 -38.12 9.56
CA ARG C 201 -13.37 -36.96 9.97
C ARG C 201 -12.99 -35.69 9.21
N ALA C 202 -11.87 -35.71 8.47
CA ALA C 202 -11.40 -34.55 7.70
C ALA C 202 -11.85 -34.59 6.24
N LEU C 203 -12.86 -33.77 5.94
CA LEU C 203 -13.44 -33.65 4.61
C LEU C 203 -12.90 -32.42 3.87
N THR C 204 -12.55 -32.60 2.62
CA THR C 204 -12.16 -31.51 1.76
C THR C 204 -13.45 -31.06 1.07
N TYR C 205 -13.73 -29.75 1.08
CA TYR C 205 -14.92 -29.22 0.42
C TYR C 205 -14.51 -28.49 -0.82
N LEU C 206 -15.23 -28.72 -1.93
CA LEU C 206 -14.97 -28.09 -3.21
C LEU C 206 -16.25 -27.42 -3.70
N PHE C 207 -16.10 -26.26 -4.32
CA PHE C 207 -17.25 -25.49 -4.80
C PHE C 207 -16.79 -24.67 -5.97
N SER C 208 -17.34 -24.96 -7.14
CA SER C 208 -16.90 -24.29 -8.37
C SER C 208 -17.62 -22.97 -8.62
N ALA C 209 -16.97 -22.09 -9.39
CA ALA C 209 -17.53 -20.81 -9.85
C ALA C 209 -18.79 -21.10 -10.70
N ARG C 210 -18.81 -22.20 -11.46
CA ARG C 210 -20.00 -22.61 -12.25
C ARG C 210 -21.17 -23.01 -11.33
N GLN C 211 -20.89 -23.74 -10.21
CA GLN C 211 -21.92 -24.08 -9.23
C GLN C 211 -22.50 -22.81 -8.62
N LEU C 212 -21.64 -21.84 -8.28
CA LEU C 212 -22.05 -20.56 -7.71
C LEU C 212 -23.01 -19.78 -8.64
N VAL C 213 -22.57 -19.52 -9.89
CA VAL C 213 -23.30 -18.75 -10.90
C VAL C 213 -24.69 -19.37 -11.16
N ALA C 214 -24.82 -20.72 -11.12
CA ALA C 214 -26.09 -21.43 -11.32
C ALA C 214 -27.16 -21.10 -10.24
N THR C 215 -26.74 -20.63 -9.05
CA THR C 215 -27.64 -20.30 -7.93
C THR C 215 -28.02 -18.80 -7.86
N LEU C 216 -27.28 -17.96 -8.59
CA LEU C 216 -27.43 -16.51 -8.55
C LEU C 216 -28.34 -15.90 -9.61
N THR C 217 -28.87 -14.72 -9.31
CA THR C 217 -29.68 -13.94 -10.26
C THR C 217 -28.70 -13.19 -11.17
N THR C 218 -29.18 -12.71 -12.33
CA THR C 218 -28.41 -11.93 -13.31
C THR C 218 -27.73 -10.72 -12.64
N GLN C 219 -28.46 -10.03 -11.72
CA GLN C 219 -27.99 -8.85 -10.99
C GLN C 219 -26.83 -9.18 -10.04
N GLU C 220 -26.92 -10.30 -9.28
CA GLU C 220 -25.86 -10.75 -8.36
C GLU C 220 -24.60 -11.10 -9.12
N ILE C 221 -24.72 -11.78 -10.29
CA ILE C 221 -23.58 -12.16 -11.14
C ILE C 221 -22.85 -10.90 -11.62
N ALA C 222 -23.62 -9.88 -12.10
CA ALA C 222 -23.09 -8.61 -12.57
C ALA C 222 -22.39 -7.85 -11.45
N MET C 223 -22.95 -7.86 -10.23
CA MET C 223 -22.32 -7.20 -9.08
C MET C 223 -21.02 -7.91 -8.65
N LEU C 224 -20.99 -9.25 -8.68
CA LEU C 224 -19.79 -10.04 -8.36
C LEU C 224 -18.66 -9.78 -9.34
N ARG C 225 -19.00 -9.39 -10.59
CA ARG C 225 -18.05 -9.03 -11.63
C ARG C 225 -17.53 -7.58 -11.49
N GLU C 226 -18.09 -6.81 -10.53
CA GLU C 226 -17.67 -5.43 -10.29
C GLU C 226 -16.56 -5.36 -9.24
N PRO C 227 -15.61 -4.40 -9.33
CA PRO C 227 -14.54 -4.36 -8.32
C PRO C 227 -15.04 -3.78 -6.99
N MET C 228 -15.72 -4.62 -6.17
CA MET C 228 -16.34 -4.19 -4.92
C MET C 228 -15.78 -4.80 -3.65
N TRP C 229 -14.70 -5.59 -3.73
CA TRP C 229 -14.13 -6.26 -2.56
C TRP C 229 -12.65 -6.02 -2.41
N THR C 230 -12.24 -5.55 -1.23
CA THR C 230 -10.83 -5.43 -0.90
C THR C 230 -10.49 -6.76 -0.19
N THR C 231 -9.22 -7.10 -0.13
CA THR C 231 -8.75 -8.28 0.61
C THR C 231 -7.39 -7.98 1.20
N THR C 232 -7.03 -8.72 2.23
CA THR C 232 -5.77 -8.50 2.91
C THR C 232 -4.89 -9.74 2.77
N VAL C 233 -3.59 -9.57 3.03
CA VAL C 233 -2.62 -10.66 2.95
C VAL C 233 -2.88 -11.65 4.11
N ASP C 234 -2.84 -12.96 3.84
CA ASP C 234 -3.00 -14.02 4.83
C ASP C 234 -2.00 -13.71 5.98
N GLU C 235 -2.47 -13.68 7.26
CA GLU C 235 -1.62 -13.34 8.43
C GLU C 235 -0.29 -14.14 8.47
N SER C 236 -0.31 -15.41 8.01
CA SER C 236 0.83 -16.31 7.98
C SER C 236 1.93 -15.86 7.00
N PHE C 237 1.55 -15.10 5.92
CA PHE C 237 2.48 -14.53 4.97
C PHE C 237 3.24 -13.34 5.60
N LEU C 238 2.74 -12.78 6.74
CA LEU C 238 3.42 -11.66 7.40
C LEU C 238 4.63 -12.13 8.21
N ALA C 239 5.61 -11.22 8.42
CA ALA C 239 6.86 -11.47 9.17
C ALA C 239 7.54 -10.15 9.55
N GLU C 240 8.46 -10.18 10.55
CA GLU C 240 9.21 -9.01 11.00
C GLU C 240 10.04 -8.44 9.84
N GLY C 241 9.93 -7.12 9.64
CA GLY C 241 10.61 -6.41 8.57
C GLY C 241 10.15 -6.78 7.16
N ARG C 242 9.00 -7.46 7.04
CA ARG C 242 8.49 -7.87 5.73
C ARG C 242 7.46 -6.89 5.21
N THR C 243 7.81 -6.24 4.09
CA THR C 243 6.95 -5.31 3.38
C THR C 243 6.64 -5.91 2.01
N PHE C 244 5.39 -5.88 1.61
CA PHE C 244 4.98 -6.36 0.29
C PHE C 244 4.88 -5.16 -0.62
N LEU C 245 5.41 -5.31 -1.84
CA LEU C 245 5.38 -4.28 -2.89
C LEU C 245 3.95 -3.77 -3.11
N LEU C 246 2.95 -4.68 -3.02
CA LEU C 246 1.53 -4.36 -3.25
C LEU C 246 0.73 -4.02 -1.96
N GLY C 247 1.45 -3.91 -0.84
CA GLY C 247 0.85 -3.55 0.45
C GLY C 247 0.18 -4.69 1.18
N PHE C 248 -0.45 -4.37 2.31
CA PHE C 248 -1.19 -5.36 3.13
C PHE C 248 -2.61 -5.51 2.62
N GLU C 249 -3.26 -4.39 2.26
CA GLU C 249 -4.62 -4.38 1.75
C GLU C 249 -4.59 -4.15 0.25
N ARG C 250 -5.30 -5.00 -0.48
CA ARG C 250 -5.35 -4.98 -1.93
C ARG C 250 -6.77 -4.75 -2.47
N GLY C 251 -6.84 -4.25 -3.70
CA GLY C 251 -8.08 -4.01 -4.40
C GLY C 251 -8.61 -2.58 -4.30
N PRO C 252 -9.93 -2.37 -4.47
CA PRO C 252 -11.00 -3.35 -4.67
C PRO C 252 -10.85 -4.19 -5.93
N ILE C 253 -11.24 -5.47 -5.84
CA ILE C 253 -11.20 -6.42 -6.95
C ILE C 253 -12.57 -7.08 -7.12
N PRO C 254 -12.92 -7.59 -8.31
CA PRO C 254 -14.16 -8.37 -8.43
C PRO C 254 -14.00 -9.79 -7.85
N ILE C 255 -15.10 -10.46 -7.52
CA ILE C 255 -15.04 -11.86 -7.08
C ILE C 255 -15.07 -12.73 -8.33
N LEU C 256 -15.91 -12.39 -9.31
CA LEU C 256 -16.00 -13.14 -10.55
C LEU C 256 -15.39 -12.41 -11.73
N SER C 257 -14.85 -13.18 -12.69
CA SER C 257 -14.28 -12.64 -13.94
C SER C 257 -14.31 -13.74 -15.01
N GLY C 258 -13.82 -13.41 -16.20
CA GLY C 258 -13.72 -14.36 -17.30
C GLY C 258 -14.98 -14.56 -18.07
N ALA C 259 -15.02 -15.65 -18.87
CA ALA C 259 -16.16 -16.00 -19.73
C ALA C 259 -17.43 -16.22 -18.89
N ASP C 260 -18.60 -15.89 -19.47
CA ASP C 260 -19.90 -16.06 -18.81
C ASP C 260 -20.18 -17.53 -18.49
N ASP C 261 -19.83 -18.45 -19.42
CA ASP C 261 -20.04 -19.89 -19.27
C ASP C 261 -18.90 -20.65 -18.59
N ASP C 262 -17.75 -19.99 -18.35
CA ASP C 262 -16.59 -20.60 -17.67
C ASP C 262 -15.98 -19.57 -16.72
N PRO C 263 -16.71 -19.10 -15.67
CA PRO C 263 -16.18 -18.01 -14.83
C PRO C 263 -15.00 -18.36 -13.94
N PHE C 264 -14.17 -17.34 -13.67
CA PHE C 264 -13.06 -17.46 -12.75
C PHE C 264 -13.49 -16.79 -11.46
N ILE C 265 -13.01 -17.33 -10.34
CA ILE C 265 -13.37 -16.84 -9.01
C ILE C 265 -12.13 -16.53 -8.18
N VAL C 266 -12.23 -15.45 -7.39
CA VAL C 266 -11.25 -15.04 -6.38
C VAL C 266 -12.14 -14.79 -5.15
N PHE C 267 -11.97 -15.58 -4.10
CA PHE C 267 -12.82 -15.41 -2.92
C PHE C 267 -12.09 -15.74 -1.64
N ASP C 268 -12.39 -15.01 -0.59
CA ASP C 268 -11.84 -15.32 0.70
C ASP C 268 -12.85 -14.81 1.71
N GLN C 269 -13.71 -15.70 2.20
CA GLN C 269 -14.79 -15.33 3.08
C GLN C 269 -14.33 -14.62 4.36
N ASP C 270 -13.11 -14.90 4.81
CA ASP C 270 -12.56 -14.35 6.03
C ASP C 270 -11.89 -12.99 5.83
N LEU C 271 -11.10 -12.86 4.76
CA LEU C 271 -10.31 -11.66 4.53
C LEU C 271 -10.96 -10.62 3.62
N MET C 272 -11.92 -11.02 2.76
CA MET C 272 -12.61 -10.05 1.90
C MET C 272 -13.55 -9.17 2.64
N ARG C 273 -13.66 -7.91 2.19
CA ARG C 273 -14.56 -6.90 2.75
C ARG C 273 -15.17 -6.13 1.61
N GLY C 274 -16.51 -6.11 1.58
CA GLY C 274 -17.25 -5.35 0.59
C GLY C 274 -17.09 -3.86 0.85
N ILE C 275 -16.95 -3.07 -0.23
CA ILE C 275 -16.78 -1.60 -0.14
C ILE C 275 -18.11 -0.89 0.14
N SER C 276 -19.24 -1.59 -0.01
CA SER C 276 -20.60 -1.07 0.26
C SER C 276 -21.43 -2.16 0.95
N ALA C 277 -22.56 -1.77 1.58
CA ALA C 277 -23.48 -2.70 2.26
C ALA C 277 -23.97 -3.81 1.29
N PRO C 278 -24.41 -3.49 0.03
CA PRO C 278 -24.79 -4.57 -0.90
C PRO C 278 -23.67 -5.58 -1.20
N ALA C 279 -22.41 -5.10 -1.35
CA ALA C 279 -21.23 -5.91 -1.65
C ALA C 279 -20.92 -6.87 -0.50
N GLN C 280 -21.15 -6.42 0.77
CA GLN C 280 -20.98 -7.20 1.99
C GLN C 280 -22.05 -8.30 2.07
N GLU C 281 -23.32 -7.99 1.73
CA GLU C 281 -24.40 -8.98 1.75
C GLU C 281 -24.21 -10.01 0.62
N LEU C 282 -23.64 -9.59 -0.54
CA LEU C 282 -23.33 -10.48 -1.66
C LEU C 282 -22.26 -11.51 -1.26
N GLN C 283 -21.31 -11.11 -0.40
CA GLN C 283 -20.28 -12.01 0.10
C GLN C 283 -20.97 -13.10 0.95
N GLN C 284 -22.01 -12.72 1.75
CA GLN C 284 -22.81 -13.66 2.55
C GLN C 284 -23.62 -14.62 1.67
N THR C 285 -24.14 -14.12 0.54
CA THR C 285 -24.87 -14.89 -0.46
C THR C 285 -23.96 -15.99 -1.03
N VAL C 286 -22.69 -15.65 -1.35
CA VAL C 286 -21.69 -16.61 -1.86
C VAL C 286 -21.45 -17.70 -0.82
N ILE C 287 -21.33 -17.32 0.48
CA ILE C 287 -21.08 -18.24 1.58
C ILE C 287 -22.24 -19.24 1.75
N ARG C 288 -23.50 -18.74 1.72
CA ARG C 288 -24.69 -19.59 1.85
C ARG C 288 -24.79 -20.57 0.67
N ALA C 289 -24.48 -20.13 -0.56
CA ALA C 289 -24.49 -20.96 -1.77
C ALA C 289 -23.44 -22.07 -1.62
N TYR C 290 -22.28 -21.73 -1.02
CA TYR C 290 -21.21 -22.68 -0.74
C TYR C 290 -21.68 -23.80 0.22
N TYR C 291 -22.29 -23.41 1.38
CA TYR C 291 -22.77 -24.39 2.35
C TYR C 291 -23.87 -25.29 1.78
N ALA C 292 -24.70 -24.74 0.86
CA ALA C 292 -25.78 -25.48 0.23
C ALA C 292 -25.32 -26.44 -0.89
N GLU C 293 -24.33 -26.02 -1.69
CA GLU C 293 -23.91 -26.77 -2.89
C GLU C 293 -22.55 -27.48 -2.87
N ARG C 294 -21.67 -27.15 -1.92
CA ARG C 294 -20.31 -27.71 -1.90
C ARG C 294 -20.29 -29.25 -1.98
N VAL C 295 -19.28 -29.79 -2.67
CA VAL C 295 -19.11 -31.23 -2.71
C VAL C 295 -18.06 -31.56 -1.66
N SER C 296 -18.10 -32.77 -1.10
CA SER C 296 -17.09 -33.17 -0.12
C SER C 296 -16.40 -34.46 -0.52
N HIS C 297 -15.16 -34.60 -0.08
CA HIS C 297 -14.36 -35.81 -0.28
C HIS C 297 -13.40 -35.99 0.88
N CYS C 298 -13.32 -37.20 1.42
CA CYS C 298 -12.38 -37.52 2.49
C CYS C 298 -11.14 -38.11 1.84
N LEU C 299 -10.04 -37.35 1.83
CA LEU C 299 -8.81 -37.85 1.23
C LEU C 299 -8.27 -39.09 1.95
N ALA C 300 -7.93 -40.13 1.17
CA ALA C 300 -7.41 -41.42 1.65
C ALA C 300 -6.02 -41.69 1.07
N PRO C 301 -5.15 -42.49 1.72
CA PRO C 301 -3.81 -42.76 1.16
C PRO C 301 -3.87 -43.29 -0.29
N GLY C 302 -2.94 -42.85 -1.11
CA GLY C 302 -2.91 -43.22 -2.52
C GLY C 302 -3.76 -42.30 -3.39
N GLU C 303 -4.39 -41.29 -2.77
CA GLU C 303 -5.18 -40.35 -3.56
C GLU C 303 -4.43 -39.04 -3.67
N MET C 304 -4.72 -38.34 -4.74
CA MET C 304 -4.17 -37.05 -5.06
C MET C 304 -5.29 -36.18 -5.62
N LEU C 305 -5.42 -34.96 -5.10
CA LEU C 305 -6.42 -34.00 -5.56
C LEU C 305 -5.77 -32.76 -6.18
N LEU C 306 -6.17 -32.45 -7.43
CA LEU C 306 -5.74 -31.23 -8.11
C LEU C 306 -6.91 -30.29 -8.06
N ILE C 307 -6.71 -29.09 -7.54
CA ILE C 307 -7.77 -28.08 -7.47
C ILE C 307 -7.42 -27.00 -8.51
N ASP C 308 -8.36 -26.66 -9.38
CA ASP C 308 -8.15 -25.55 -10.33
C ASP C 308 -8.48 -24.28 -9.51
N ASN C 309 -7.42 -23.55 -9.14
CA ASN C 309 -7.49 -22.37 -8.29
C ASN C 309 -8.14 -21.14 -8.95
N ARG C 310 -8.45 -21.21 -10.24
CA ARG C 310 -9.16 -20.10 -10.91
C ARG C 310 -10.64 -20.44 -10.99
N ARG C 311 -10.99 -21.74 -10.97
CA ARG C 311 -12.35 -22.22 -11.22
C ARG C 311 -13.10 -22.75 -10.00
N ALA C 312 -12.43 -22.93 -8.88
CA ALA C 312 -13.05 -23.48 -7.69
C ALA C 312 -12.42 -22.92 -6.42
N VAL C 313 -13.20 -22.94 -5.36
CA VAL C 313 -12.78 -22.51 -4.03
C VAL C 313 -12.85 -23.76 -3.15
N HIS C 314 -12.11 -23.76 -2.07
CA HIS C 314 -12.04 -24.94 -1.23
C HIS C 314 -12.05 -24.60 0.26
N GLY C 315 -12.40 -25.62 1.03
CA GLY C 315 -12.45 -25.53 2.50
C GLY C 315 -12.18 -26.90 3.09
N ARG C 316 -12.25 -26.99 4.42
CA ARG C 316 -11.98 -28.23 5.13
C ARG C 316 -12.76 -28.30 6.44
N SER C 317 -13.29 -29.49 6.75
CA SER C 317 -14.09 -29.69 7.96
C SER C 317 -13.24 -29.74 9.22
N ILE C 318 -13.91 -29.67 10.38
CA ILE C 318 -13.29 -29.86 11.68
C ILE C 318 -12.93 -31.36 11.77
N PHE C 319 -11.82 -31.67 12.44
CA PHE C 319 -11.42 -33.05 12.72
C PHE C 319 -10.70 -33.02 14.08
N ALA C 320 -10.49 -34.18 14.72
CA ALA C 320 -9.86 -34.20 16.04
C ALA C 320 -8.50 -34.90 16.04
N PRO C 321 -7.41 -34.17 15.71
CA PRO C 321 -6.09 -34.82 15.67
C PRO C 321 -5.60 -35.25 17.05
N ARG C 322 -4.72 -36.26 17.07
CA ARG C 322 -4.19 -36.82 18.31
C ARG C 322 -2.73 -36.43 18.58
N PHE C 323 -1.98 -36.00 17.55
CA PHE C 323 -0.54 -35.63 17.62
C PHE C 323 0.31 -36.80 18.16
N ASP C 324 -0.02 -38.02 17.70
CA ASP C 324 0.57 -39.31 18.11
C ASP C 324 1.47 -39.96 17.01
N GLY C 325 1.68 -39.22 15.91
CA GLY C 325 2.47 -39.69 14.78
C GLY C 325 1.66 -40.34 13.67
N ALA C 326 0.35 -40.51 13.87
CA ALA C 326 -0.50 -41.17 12.88
C ALA C 326 -1.62 -40.27 12.34
N ASP C 327 -1.49 -38.96 12.55
CA ASP C 327 -2.47 -37.97 12.10
C ASP C 327 -2.46 -37.79 10.59
N ARG C 328 -3.51 -37.12 10.09
CA ARG C 328 -3.67 -36.76 8.70
C ARG C 328 -2.41 -36.04 8.22
N PHE C 329 -1.93 -36.43 7.05
CA PHE C 329 -0.69 -35.93 6.49
C PHE C 329 -0.84 -35.83 4.99
N LEU C 330 -0.87 -34.61 4.48
CA LEU C 330 -0.94 -34.38 3.04
C LEU C 330 0.34 -33.68 2.62
N SER C 331 0.70 -33.86 1.35
CA SER C 331 1.83 -33.21 0.73
C SER C 331 1.23 -32.20 -0.23
N ARG C 332 1.43 -30.89 0.08
CA ARG C 332 0.92 -29.83 -0.78
C ARG C 332 1.99 -29.25 -1.66
N SER C 333 1.64 -28.99 -2.92
CA SER C 333 2.48 -28.29 -3.86
C SER C 333 1.61 -27.38 -4.72
N PHE C 334 2.26 -26.46 -5.45
CA PHE C 334 1.54 -25.49 -6.27
C PHE C 334 2.00 -25.57 -7.70
N ILE C 335 1.09 -25.24 -8.63
CA ILE C 335 1.35 -25.28 -10.07
C ILE C 335 0.91 -23.97 -10.71
N VAL C 336 1.70 -23.50 -11.69
CA VAL C 336 1.39 -22.34 -12.53
C VAL C 336 1.52 -22.79 -14.00
N ALA C 337 0.67 -22.27 -14.87
CA ALA C 337 0.77 -22.65 -16.29
C ALA C 337 1.99 -21.99 -16.91
N ASP C 338 2.26 -20.76 -16.45
CA ASP C 338 3.30 -19.91 -16.98
C ASP C 338 4.27 -19.44 -15.91
N GLY C 339 5.48 -20.00 -15.94
CA GLY C 339 6.57 -19.63 -15.05
C GLY C 339 7.13 -18.24 -15.33
N SER C 340 6.91 -17.68 -16.55
CA SER C 340 7.40 -16.33 -16.91
C SER C 340 6.71 -15.22 -16.13
N ARG C 341 5.45 -15.43 -15.70
CA ARG C 341 4.70 -14.45 -14.95
C ARG C 341 5.33 -14.13 -13.59
N SER C 342 6.10 -15.08 -13.02
CA SER C 342 6.75 -14.88 -11.73
C SER C 342 8.26 -14.66 -11.88
N ARG C 343 8.81 -14.60 -13.14
CA ARG C 343 10.27 -14.46 -13.32
C ARG C 343 10.88 -13.24 -12.57
N HIS C 344 10.19 -12.09 -12.55
CA HIS C 344 10.61 -10.86 -11.86
C HIS C 344 10.76 -11.09 -10.33
N ALA C 345 10.06 -12.11 -9.80
CA ALA C 345 10.00 -12.47 -8.38
C ALA C 345 10.88 -13.66 -8.00
N ARG C 346 11.55 -14.28 -9.00
CA ARG C 346 12.37 -15.46 -8.77
C ARG C 346 13.82 -15.18 -9.15
N SER C 347 14.70 -16.12 -8.80
CA SER C 347 16.06 -16.05 -9.28
C SER C 347 16.12 -16.95 -10.55
N SER C 348 17.17 -16.76 -11.37
CA SER C 348 17.40 -17.57 -12.57
C SER C 348 17.51 -19.04 -12.11
N PHE C 349 16.76 -19.94 -12.77
CA PHE C 349 16.69 -21.38 -12.45
C PHE C 349 16.18 -21.59 -10.99
N GLY C 350 15.32 -20.70 -10.54
CA GLY C 350 14.73 -20.77 -9.20
C GLY C 350 13.24 -21.05 -9.28
N ARG C 351 12.71 -21.75 -8.30
CA ARG C 351 11.28 -22.08 -8.25
C ARG C 351 10.54 -21.35 -7.14
N VAL C 352 11.23 -20.46 -6.40
CA VAL C 352 10.65 -19.78 -5.23
C VAL C 352 10.35 -18.30 -5.50
N VAL C 353 9.06 -17.90 -5.32
CA VAL C 353 8.62 -16.51 -5.44
C VAL C 353 9.05 -15.80 -4.14
N SER C 354 9.82 -14.70 -4.28
CA SER C 354 10.26 -13.93 -3.09
C SER C 354 9.08 -13.27 -2.39
N ALA C 355 9.07 -13.33 -1.04
CA ALA C 355 8.01 -12.84 -0.18
C ALA C 355 7.43 -11.46 -0.56
N ARG C 356 8.31 -10.45 -0.81
CA ARG C 356 7.85 -9.08 -1.11
C ARG C 356 6.98 -8.97 -2.37
N PHE C 357 7.08 -9.96 -3.29
CA PHE C 357 6.35 -9.97 -4.55
C PHE C 357 4.97 -10.62 -4.46
N SER C 358 4.65 -11.30 -3.34
CA SER C 358 3.33 -11.92 -3.16
C SER C 358 2.26 -10.83 -2.91
N PRO D 33 26.57 -11.28 -37.80
CA PRO D 33 26.17 -12.10 -36.64
C PRO D 33 25.03 -13.08 -36.97
N GLU D 34 25.35 -14.38 -36.86
CA GLU D 34 24.42 -15.49 -37.14
C GLU D 34 23.82 -16.01 -35.83
N VAL D 35 22.77 -16.85 -35.96
CA VAL D 35 22.09 -17.50 -34.84
C VAL D 35 23.04 -18.56 -34.23
N SER D 36 22.96 -18.75 -32.89
CA SER D 36 23.77 -19.69 -32.12
C SER D 36 22.88 -20.77 -31.50
N ALA D 37 21.73 -20.34 -30.89
CA ALA D 37 20.69 -21.19 -30.26
C ALA D 37 20.04 -22.03 -31.37
N ILE D 38 20.67 -23.17 -31.67
CA ILE D 38 20.28 -24.06 -32.76
C ILE D 38 20.07 -25.48 -32.28
N LEU D 39 18.97 -26.09 -32.71
CA LEU D 39 18.67 -27.49 -32.44
C LEU D 39 18.67 -28.20 -33.81
N VAL D 40 19.66 -29.08 -34.03
CA VAL D 40 19.78 -29.81 -35.29
C VAL D 40 19.22 -31.22 -35.07
N LEU D 41 18.12 -31.55 -35.76
CA LEU D 41 17.52 -32.88 -35.66
C LEU D 41 18.35 -33.85 -36.48
N THR D 42 18.65 -35.03 -35.90
CA THR D 42 19.36 -36.06 -36.65
C THR D 42 18.33 -36.73 -37.58
N SER D 43 18.81 -37.53 -38.55
CA SER D 43 17.95 -38.26 -39.49
C SER D 43 16.94 -39.15 -38.76
N SER D 44 17.40 -39.83 -37.69
CA SER D 44 16.59 -40.70 -36.84
C SER D 44 15.51 -39.88 -36.08
N GLU D 45 15.89 -38.71 -35.53
CA GLU D 45 14.97 -37.81 -34.80
C GLU D 45 13.89 -37.26 -35.74
N ALA D 46 14.31 -36.84 -36.99
CA ALA D 46 13.40 -36.35 -38.02
C ALA D 46 12.41 -37.46 -38.43
N SER D 47 12.91 -38.73 -38.53
CA SER D 47 12.07 -39.89 -38.87
C SER D 47 11.05 -40.17 -37.75
N THR D 48 11.45 -40.03 -36.48
CA THR D 48 10.57 -40.17 -35.31
C THR D 48 9.44 -39.12 -35.38
N LEU D 49 9.78 -37.84 -35.66
CA LEU D 49 8.83 -36.72 -35.77
C LEU D 49 7.79 -37.05 -36.86
N GLU D 50 8.25 -37.55 -38.01
CA GLU D 50 7.41 -37.95 -39.14
C GLU D 50 6.41 -39.07 -38.75
N ARG D 51 6.89 -40.07 -38.01
CA ARG D 51 6.09 -41.20 -37.50
C ARG D 51 5.09 -40.72 -36.43
N VAL D 52 5.54 -39.87 -35.50
CA VAL D 52 4.70 -39.33 -34.41
C VAL D 52 3.56 -38.44 -34.98
N ALA D 53 3.81 -37.73 -36.11
CA ALA D 53 2.82 -36.90 -36.81
C ALA D 53 1.56 -37.70 -37.22
N ASP D 54 1.71 -39.02 -37.47
CA ASP D 54 0.58 -39.91 -37.83
C ASP D 54 -0.44 -40.03 -36.70
N LEU D 55 -0.04 -39.70 -35.46
CA LEU D 55 -0.94 -39.71 -34.30
C LEU D 55 -1.83 -38.47 -34.26
N VAL D 56 -1.53 -37.45 -35.09
CA VAL D 56 -2.29 -36.20 -35.17
C VAL D 56 -3.15 -36.31 -36.44
N THR D 57 -4.42 -36.68 -36.27
CA THR D 57 -5.37 -36.98 -37.36
C THR D 57 -6.50 -35.94 -37.53
N ALA D 58 -6.75 -35.09 -36.51
CA ALA D 58 -7.82 -34.07 -36.63
C ALA D 58 -7.44 -32.99 -37.64
N HIS D 59 -8.45 -32.31 -38.22
CA HIS D 59 -8.22 -31.28 -39.22
C HIS D 59 -7.76 -30.02 -38.51
N ALA D 60 -6.58 -29.47 -38.89
CA ALA D 60 -6.00 -28.27 -38.28
C ALA D 60 -6.92 -27.06 -38.37
N LEU D 61 -7.70 -26.94 -39.45
CA LEU D 61 -8.60 -25.79 -39.60
C LEU D 61 -10.00 -25.98 -39.06
N TYR D 62 -10.57 -27.15 -39.28
CA TYR D 62 -11.98 -27.42 -38.96
C TYR D 62 -12.19 -28.12 -37.60
N ALA D 63 -11.10 -28.56 -36.96
CA ALA D 63 -11.14 -29.16 -35.62
C ALA D 63 -9.85 -28.75 -34.90
N ALA D 64 -9.55 -27.44 -34.92
CA ALA D 64 -8.33 -26.85 -34.37
C ALA D 64 -8.00 -27.31 -32.93
N HIS D 65 -8.99 -27.26 -32.02
CA HIS D 65 -8.76 -27.68 -30.65
C HIS D 65 -8.35 -29.16 -30.55
N ASP D 66 -9.08 -30.06 -31.22
CA ASP D 66 -8.76 -31.49 -31.25
C ASP D 66 -7.38 -31.74 -31.85
N PHE D 67 -7.06 -31.02 -32.95
CA PHE D 67 -5.77 -31.11 -33.62
C PHE D 67 -4.63 -30.74 -32.65
N CYS D 68 -4.74 -29.58 -32.00
CA CYS D 68 -3.74 -29.08 -31.06
C CYS D 68 -3.62 -29.99 -29.85
N ALA D 69 -4.76 -30.50 -29.32
CA ALA D 69 -4.77 -31.42 -28.16
C ALA D 69 -4.09 -32.74 -28.53
N GLN D 70 -4.33 -33.24 -29.77
CA GLN D 70 -3.68 -34.46 -30.23
C GLN D 70 -2.17 -34.27 -30.36
N ALA D 71 -1.72 -33.11 -30.84
CA ALA D 71 -0.29 -32.80 -30.96
C ALA D 71 0.36 -32.65 -29.57
N GLN D 72 -0.39 -32.11 -28.57
CA GLN D 72 0.12 -32.00 -27.20
C GLN D 72 0.34 -33.41 -26.60
N LEU D 73 -0.59 -34.33 -26.86
CA LEU D 73 -0.46 -35.70 -26.35
C LEU D 73 0.65 -36.49 -27.07
N ALA D 74 0.66 -36.41 -28.42
CA ALA D 74 1.63 -37.12 -29.27
C ALA D 74 3.07 -36.62 -29.06
N ALA D 75 3.25 -35.36 -28.63
CA ALA D 75 4.56 -34.75 -28.35
C ALA D 75 5.35 -35.54 -27.29
N ALA D 76 4.65 -36.30 -26.40
CA ALA D 76 5.29 -37.19 -25.43
C ALA D 76 6.08 -38.31 -26.13
N GLU D 77 5.72 -38.64 -27.41
CA GLU D 77 6.41 -39.67 -28.16
C GLU D 77 7.66 -39.14 -28.94
N LEU D 78 7.94 -37.82 -28.86
CA LEU D 78 9.10 -37.25 -29.56
C LEU D 78 10.44 -37.68 -28.93
N PRO D 79 11.61 -37.58 -29.64
CA PRO D 79 12.90 -37.96 -28.99
C PRO D 79 13.15 -37.11 -27.73
N SER D 80 13.52 -37.77 -26.62
CA SER D 80 13.77 -37.16 -25.29
C SER D 80 14.71 -35.95 -25.35
N ARG D 81 15.77 -36.01 -26.19
CA ARG D 81 16.75 -34.92 -26.36
C ARG D 81 16.05 -33.65 -26.89
N VAL D 82 15.14 -33.82 -27.84
CA VAL D 82 14.38 -32.74 -28.47
C VAL D 82 13.39 -32.13 -27.45
N VAL D 83 12.63 -32.98 -26.74
CA VAL D 83 11.67 -32.59 -25.71
C VAL D 83 12.37 -31.78 -24.63
N ALA D 84 13.55 -32.28 -24.13
CA ALA D 84 14.34 -31.60 -23.08
C ALA D 84 14.72 -30.17 -23.49
N ARG D 85 15.22 -29.99 -24.75
CA ARG D 85 15.63 -28.70 -25.32
C ARG D 85 14.45 -27.74 -25.40
N LEU D 86 13.28 -28.22 -25.87
CA LEU D 86 12.05 -27.42 -25.98
C LEU D 86 11.47 -27.01 -24.63
N GLN D 87 11.48 -27.92 -23.64
CA GLN D 87 10.99 -27.62 -22.28
C GLN D 87 11.90 -26.60 -21.58
N GLU D 88 13.23 -26.67 -21.83
CA GLU D 88 14.21 -25.72 -21.29
C GLU D 88 14.00 -24.35 -21.93
N PHE D 89 13.81 -24.30 -23.25
CA PHE D 89 13.54 -23.05 -23.95
C PHE D 89 12.19 -22.45 -23.46
N ALA D 90 11.15 -23.30 -23.28
CA ALA D 90 9.82 -22.86 -22.81
C ALA D 90 9.89 -22.28 -21.38
N TRP D 91 10.70 -22.90 -20.48
CA TRP D 91 10.86 -22.38 -19.09
C TRP D 91 11.35 -20.93 -19.16
N GLY D 92 12.25 -20.68 -20.11
CA GLY D 92 12.70 -19.35 -20.49
C GLY D 92 13.94 -18.79 -19.83
N ASP D 93 14.22 -19.18 -18.58
CA ASP D 93 15.33 -18.62 -17.82
C ASP D 93 16.62 -18.68 -18.60
N MET D 94 17.14 -17.48 -18.88
CA MET D 94 18.38 -17.21 -19.59
C MET D 94 18.44 -17.81 -21.01
N ASN D 95 17.26 -18.07 -21.64
CA ASN D 95 17.20 -18.56 -23.04
C ASN D 95 17.67 -17.36 -23.94
N GLU D 96 18.09 -17.63 -25.16
CA GLU D 96 18.64 -16.62 -26.08
C GLU D 96 17.59 -15.72 -26.76
N GLY D 97 16.32 -15.93 -26.45
CA GLY D 97 15.21 -15.18 -27.05
C GLY D 97 14.63 -15.89 -28.26
N HIS D 98 15.31 -16.96 -28.74
CA HIS D 98 14.87 -17.74 -29.91
C HIS D 98 15.51 -19.09 -29.95
N LEU D 99 14.93 -19.99 -30.76
CA LEU D 99 15.47 -21.31 -30.99
C LEU D 99 15.22 -21.67 -32.45
N LEU D 100 16.30 -21.90 -33.17
CA LEU D 100 16.24 -22.30 -34.56
C LEU D 100 16.38 -23.82 -34.63
N ILE D 101 15.41 -24.49 -35.27
CA ILE D 101 15.42 -25.94 -35.45
C ILE D 101 15.71 -26.26 -36.91
N LYS D 102 16.72 -27.11 -37.15
CA LYS D 102 17.12 -27.54 -38.50
C LYS D 102 16.84 -29.04 -38.60
N GLY D 103 16.67 -29.52 -39.83
CA GLY D 103 16.48 -30.94 -40.13
C GLY D 103 15.07 -31.48 -40.00
N LEU D 104 14.04 -30.62 -40.08
CA LEU D 104 12.63 -31.06 -39.98
C LEU D 104 12.19 -31.80 -41.25
N PRO D 105 11.30 -32.82 -41.18
CA PRO D 105 10.81 -33.43 -42.43
C PRO D 105 10.09 -32.36 -43.30
N GLN D 106 10.24 -32.46 -44.60
CA GLN D 106 9.66 -31.54 -45.59
C GLN D 106 8.52 -32.15 -46.42
N VAL D 107 7.59 -31.29 -46.89
CA VAL D 107 6.44 -31.67 -47.73
C VAL D 107 6.99 -32.18 -49.07
N ARG D 108 6.51 -33.36 -49.50
CA ARG D 108 6.94 -34.01 -50.76
C ARG D 108 6.46 -33.29 -52.00
N SER D 109 5.22 -32.78 -51.97
CA SER D 109 4.60 -32.10 -53.12
C SER D 109 3.97 -30.81 -52.61
N LEU D 110 4.80 -29.82 -52.41
CA LEU D 110 4.37 -28.53 -51.89
C LEU D 110 3.61 -27.77 -52.98
N PRO D 111 2.35 -27.32 -52.73
CA PRO D 111 1.63 -26.57 -53.78
C PRO D 111 2.28 -25.22 -54.08
N PRO D 112 1.93 -24.50 -55.18
CA PRO D 112 2.58 -23.20 -55.42
C PRO D 112 2.31 -22.23 -54.28
N THR D 113 3.24 -21.29 -54.08
CA THR D 113 3.12 -20.31 -53.00
C THR D 113 1.86 -19.46 -53.28
N PRO D 114 0.89 -19.39 -52.33
CA PRO D 114 -0.33 -18.60 -52.61
C PRO D 114 -0.03 -17.12 -52.77
N THR D 115 -0.83 -16.42 -53.58
CA THR D 115 -0.66 -15.00 -53.87
C THR D 115 -1.11 -14.11 -52.69
N SER D 116 -1.88 -14.69 -51.73
CA SER D 116 -2.39 -14.04 -50.51
C SER D 116 -2.51 -15.08 -49.40
N ASN D 117 -2.90 -14.66 -48.16
CA ASN D 117 -3.06 -15.51 -46.97
C ASN D 117 -4.50 -15.98 -46.70
N VAL D 118 -5.43 -15.75 -47.62
CA VAL D 118 -6.84 -16.12 -47.42
C VAL D 118 -7.14 -17.63 -47.45
N HIS D 119 -6.26 -18.44 -48.08
CA HIS D 119 -6.52 -19.87 -48.28
C HIS D 119 -6.09 -20.83 -47.15
N ALA D 120 -5.14 -20.44 -46.26
CA ALA D 120 -4.60 -21.30 -45.20
C ALA D 120 -4.08 -22.64 -45.80
N VAL D 121 -3.20 -22.50 -46.80
CA VAL D 121 -2.59 -23.58 -47.55
C VAL D 121 -1.72 -24.45 -46.63
N ALA D 122 -0.70 -23.83 -45.96
CA ALA D 122 0.22 -24.50 -45.04
C ALA D 122 -0.51 -25.43 -44.04
N ALA D 123 -1.70 -25.00 -43.54
CA ALA D 123 -2.49 -25.73 -42.54
C ALA D 123 -3.05 -27.07 -43.03
N THR D 124 -3.22 -27.22 -44.38
CA THR D 124 -3.71 -28.45 -44.99
C THR D 124 -2.58 -29.19 -45.78
N THR D 125 -1.33 -29.02 -45.37
CA THR D 125 -0.18 -29.76 -45.93
C THR D 125 0.31 -30.68 -44.76
N PRO D 126 1.04 -31.79 -45.02
CA PRO D 126 1.49 -32.66 -43.92
C PRO D 126 2.44 -32.04 -42.88
N MET D 127 3.06 -30.91 -43.22
CA MET D 127 3.99 -30.28 -42.31
C MET D 127 3.29 -29.55 -41.16
N SER D 128 1.97 -29.22 -41.29
CA SER D 128 1.23 -28.56 -40.20
C SER D 128 1.33 -29.41 -38.91
N ARG D 129 1.44 -30.74 -39.10
CA ARG D 129 1.56 -31.69 -38.01
C ARG D 129 2.94 -31.65 -37.32
N TYR D 130 4.03 -31.47 -38.09
CA TYR D 130 5.39 -31.42 -37.53
C TYR D 130 5.54 -30.18 -36.68
N GLN D 131 5.07 -29.03 -37.20
CA GLN D 131 5.14 -27.75 -36.52
C GLN D 131 4.31 -27.78 -35.26
N ALA D 132 3.11 -28.40 -35.31
CA ALA D 132 2.23 -28.50 -34.12
C ALA D 132 2.88 -29.33 -33.02
N LEU D 133 3.54 -30.45 -33.37
CA LEU D 133 4.19 -31.33 -32.41
C LEU D 133 5.28 -30.62 -31.63
N ILE D 134 6.12 -29.83 -32.32
CA ILE D 134 7.15 -29.03 -31.69
C ILE D 134 6.49 -27.90 -30.87
N ASN D 135 5.51 -27.18 -31.47
CA ASN D 135 4.79 -26.10 -30.78
C ASN D 135 4.20 -26.56 -29.45
N GLU D 136 3.47 -27.69 -29.48
CA GLU D 136 2.76 -28.20 -28.30
C GLU D 136 3.70 -28.81 -27.22
N CYS D 137 5.00 -28.95 -27.52
N CYS D 137 4.99 -28.94 -27.53
CA CYS D 137 6.01 -29.30 -26.53
CA CYS D 137 6.00 -29.36 -26.58
C CYS D 137 6.20 -28.05 -25.70
C CYS D 137 6.48 -28.10 -25.81
N VAL D 138 6.29 -26.91 -26.41
CA VAL D 138 6.59 -25.61 -25.85
C VAL D 138 5.41 -25.04 -25.06
N GLY D 139 4.20 -25.01 -25.66
CA GLY D 139 3.02 -24.46 -25.00
C GLY D 139 1.78 -24.72 -25.82
N ARG D 140 0.70 -23.99 -25.52
CA ARG D 140 -0.59 -24.15 -26.22
C ARG D 140 -0.71 -23.27 -27.46
N MET D 141 -1.05 -23.88 -28.58
CA MET D 141 -1.30 -23.15 -29.82
C MET D 141 -2.58 -22.34 -29.68
N ILE D 142 -2.57 -21.18 -30.30
CA ILE D 142 -3.70 -20.25 -30.23
C ILE D 142 -3.72 -19.45 -31.53
N ALA D 143 -4.89 -18.93 -31.90
CA ALA D 143 -5.05 -18.10 -33.08
C ALA D 143 -5.93 -16.90 -32.72
N TYR D 144 -5.91 -15.89 -33.56
CA TYR D 144 -6.61 -14.63 -33.33
C TYR D 144 -7.49 -14.34 -34.52
N GLU D 145 -8.78 -14.12 -34.29
CA GLU D 145 -9.76 -13.82 -35.34
C GLU D 145 -9.27 -12.65 -36.22
N ALA D 146 -8.64 -11.63 -35.60
CA ALA D 146 -8.16 -10.43 -36.27
C ALA D 146 -6.85 -10.60 -37.06
N GLU D 147 -6.14 -11.73 -36.86
CA GLU D 147 -4.87 -11.99 -37.54
C GLU D 147 -4.99 -13.24 -38.42
N GLY D 148 -4.86 -13.02 -39.72
CA GLY D 148 -4.96 -14.08 -40.71
C GLY D 148 -6.20 -14.93 -40.61
N HIS D 149 -7.37 -14.29 -40.32
CA HIS D 149 -8.71 -14.91 -40.27
C HIS D 149 -8.87 -16.00 -39.19
N GLY D 150 -8.00 -15.98 -38.17
CA GLY D 150 -8.00 -16.97 -37.10
C GLY D 150 -7.55 -18.35 -37.52
N HIS D 151 -6.87 -18.47 -38.66
CA HIS D 151 -6.37 -19.75 -39.18
C HIS D 151 -5.31 -20.30 -38.22
N THR D 152 -5.36 -21.62 -37.95
CA THR D 152 -4.45 -22.30 -37.01
C THR D 152 -2.97 -22.04 -37.42
N PHE D 153 -2.74 -22.09 -38.72
CA PHE D 153 -1.47 -21.80 -39.35
C PHE D 153 -1.76 -20.75 -40.39
N GLN D 154 -0.97 -19.68 -40.40
N GLN D 154 -1.01 -19.64 -40.39
CA GLN D 154 -1.12 -18.58 -41.35
CA GLN D 154 -1.18 -18.56 -41.38
C GLN D 154 -0.02 -18.62 -42.41
C GLN D 154 -0.06 -18.65 -42.42
N ASP D 155 -0.41 -18.45 -43.69
CA ASP D 155 0.53 -18.43 -44.79
C ASP D 155 1.26 -17.10 -44.80
N MET D 156 2.60 -17.13 -44.72
CA MET D 156 3.45 -15.94 -44.72
C MET D 156 4.11 -15.96 -46.05
N VAL D 157 3.56 -15.16 -46.97
CA VAL D 157 3.92 -15.07 -48.36
C VAL D 157 3.95 -13.60 -48.82
N PRO D 158 4.77 -13.22 -49.84
CA PRO D 158 4.72 -11.83 -50.32
C PRO D 158 3.45 -11.53 -51.14
N SER D 159 2.82 -10.40 -50.84
CA SER D 159 1.62 -9.97 -51.56
C SER D 159 2.02 -8.83 -52.48
N ALA D 160 1.48 -8.81 -53.71
CA ALA D 160 1.79 -7.74 -54.67
C ALA D 160 1.18 -6.42 -54.18
N MET D 161 -0.07 -6.47 -53.67
CA MET D 161 -0.79 -5.30 -53.12
C MET D 161 -0.14 -4.79 -51.84
N SER D 162 0.15 -5.70 -50.90
CA SER D 162 0.73 -5.43 -49.58
C SER D 162 2.28 -5.52 -49.57
N ALA D 163 2.92 -5.19 -50.71
CA ALA D 163 4.39 -5.22 -50.88
C ALA D 163 5.13 -4.13 -50.07
N HIS D 164 4.51 -2.95 -49.92
CA HIS D 164 5.09 -1.78 -49.25
C HIS D 164 4.51 -1.53 -47.83
N SER D 165 3.86 -2.55 -47.26
CA SER D 165 3.23 -2.48 -45.94
C SER D 165 4.07 -3.10 -44.82
N GLN D 166 3.82 -2.66 -43.58
CA GLN D 166 4.44 -3.18 -42.35
C GLN D 166 3.62 -4.38 -41.89
N THR D 167 3.45 -5.36 -42.80
CA THR D 167 2.69 -6.59 -42.57
C THR D 167 3.54 -7.80 -42.96
N SER D 168 3.11 -9.00 -42.53
CA SER D 168 3.74 -10.28 -42.82
C SER D 168 3.77 -10.58 -44.33
N LEU D 169 2.88 -9.91 -45.11
CA LEU D 169 2.77 -10.05 -46.57
C LEU D 169 3.63 -9.03 -47.33
N GLY D 170 4.49 -8.30 -46.60
CA GLY D 170 5.40 -7.31 -47.14
C GLY D 170 6.61 -7.90 -47.84
N SER D 171 7.38 -7.04 -48.55
CA SER D 171 8.60 -7.44 -49.27
C SER D 171 9.46 -6.24 -49.72
N ALA D 172 8.86 -5.25 -50.43
CA ALA D 172 9.55 -4.07 -50.97
C ALA D 172 10.16 -3.16 -49.89
N VAL D 173 9.57 -3.16 -48.69
CA VAL D 173 10.06 -2.38 -47.55
C VAL D 173 10.47 -3.31 -46.40
N GLU D 174 11.43 -2.86 -45.60
CA GLU D 174 11.92 -3.57 -44.43
C GLU D 174 10.81 -3.64 -43.38
N LEU D 175 10.61 -4.85 -42.83
CA LEU D 175 9.65 -5.06 -41.76
C LEU D 175 10.40 -4.64 -40.51
N GLU D 176 9.96 -3.51 -39.95
CA GLU D 176 10.54 -2.84 -38.78
C GLU D 176 10.41 -3.63 -37.49
N LEU D 177 11.33 -3.36 -36.55
CA LEU D 177 11.44 -4.02 -35.26
C LEU D 177 10.15 -4.04 -34.46
N HIS D 178 9.76 -5.24 -34.00
CA HIS D 178 8.55 -5.35 -33.21
C HIS D 178 8.45 -6.59 -32.39
N THR D 179 7.64 -6.47 -31.34
CA THR D 179 7.10 -7.53 -30.53
C THR D 179 5.84 -7.90 -31.35
N GLU D 180 5.48 -9.18 -31.41
CA GLU D 180 4.26 -9.60 -32.05
C GLU D 180 3.09 -9.11 -31.17
N GLN D 181 2.15 -8.35 -31.78
CA GLN D 181 0.98 -7.76 -31.11
C GLN D 181 1.39 -6.94 -29.87
N ALA D 182 2.33 -5.98 -30.05
CA ALA D 182 2.83 -5.12 -28.97
C ALA D 182 1.70 -4.39 -28.23
N PHE D 183 0.60 -4.11 -28.94
CA PHE D 183 -0.57 -3.40 -28.43
C PHE D 183 -1.46 -4.26 -27.54
N SER D 184 -1.36 -5.58 -27.65
CA SER D 184 -2.28 -6.50 -27.02
C SER D 184 -1.83 -7.19 -25.74
N PRO D 185 -2.64 -7.14 -24.66
CA PRO D 185 -2.33 -7.92 -23.47
C PRO D 185 -2.48 -9.44 -23.73
N LEU D 186 -3.17 -9.82 -24.82
CA LEU D 186 -3.36 -11.22 -25.18
C LEU D 186 -2.35 -11.71 -26.21
N ARG D 187 -1.27 -10.91 -26.45
CA ARG D 187 -0.20 -11.21 -27.40
C ARG D 187 0.40 -12.59 -27.14
N PRO D 188 0.92 -13.26 -28.18
CA PRO D 188 1.48 -14.60 -27.94
C PRO D 188 2.76 -14.60 -27.10
N ASP D 189 3.03 -15.71 -26.42
CA ASP D 189 4.27 -15.90 -25.67
C ASP D 189 5.37 -16.30 -26.66
N PHE D 190 5.00 -17.03 -27.71
CA PHE D 190 5.94 -17.43 -28.78
C PHE D 190 5.35 -17.30 -30.15
N VAL D 191 6.23 -16.99 -31.11
CA VAL D 191 5.88 -16.98 -32.53
C VAL D 191 6.62 -18.18 -33.12
N SER D 192 5.90 -19.00 -33.91
CA SER D 192 6.46 -20.22 -34.54
C SER D 192 6.45 -20.05 -36.06
N LEU D 193 7.62 -20.11 -36.68
CA LEU D 193 7.72 -19.95 -38.14
C LEU D 193 8.39 -21.14 -38.77
N ALA D 194 7.64 -21.93 -39.56
CA ALA D 194 8.21 -23.07 -40.27
C ALA D 194 8.38 -22.68 -41.72
N CYS D 195 9.59 -22.86 -42.26
CA CYS D 195 9.87 -22.52 -43.63
C CYS D 195 9.51 -23.63 -44.64
N LEU D 196 8.61 -23.33 -45.59
CA LEU D 196 8.21 -24.23 -46.70
C LEU D 196 9.06 -23.92 -47.92
N ARG D 197 9.18 -22.63 -48.25
CA ARG D 197 10.05 -22.11 -49.32
C ARG D 197 10.73 -20.89 -48.74
N GLY D 198 12.03 -20.79 -48.91
CA GLY D 198 12.77 -19.63 -48.42
C GLY D 198 13.08 -18.70 -49.58
N ASP D 199 13.76 -17.59 -49.29
CA ASP D 199 14.24 -16.66 -50.29
C ASP D 199 15.62 -16.18 -49.80
N PRO D 200 16.69 -16.35 -50.63
CA PRO D 200 18.06 -15.94 -50.20
C PRO D 200 18.23 -14.49 -49.73
N ARG D 201 17.40 -13.58 -50.25
CA ARG D 201 17.43 -12.15 -49.89
C ARG D 201 16.60 -11.84 -48.64
N ALA D 202 15.68 -12.73 -48.22
CA ALA D 202 14.82 -12.50 -47.07
C ALA D 202 15.44 -12.95 -45.73
N LEU D 203 15.99 -11.99 -44.97
CA LEU D 203 16.62 -12.23 -43.68
C LEU D 203 15.68 -11.94 -42.54
N THR D 204 15.62 -12.85 -41.56
CA THR D 204 14.87 -12.64 -40.33
C THR D 204 15.87 -12.01 -39.36
N TYR D 205 15.50 -10.91 -38.72
CA TYR D 205 16.37 -10.24 -37.74
C TYR D 205 15.85 -10.52 -36.36
N LEU D 206 16.77 -10.81 -35.43
CA LEU D 206 16.41 -11.11 -34.03
C LEU D 206 17.26 -10.25 -33.13
N PHE D 207 16.66 -9.74 -32.05
CA PHE D 207 17.34 -8.85 -31.13
C PHE D 207 16.72 -9.03 -29.77
N SER D 208 17.50 -9.55 -28.84
CA SER D 208 16.98 -9.84 -27.50
C SER D 208 17.02 -8.64 -26.57
N ALA D 209 16.15 -8.66 -25.53
CA ALA D 209 16.09 -7.66 -24.47
C ALA D 209 17.44 -7.65 -23.74
N ARG D 210 18.09 -8.83 -23.59
CA ARG D 210 19.44 -8.94 -22.98
C ARG D 210 20.50 -8.25 -23.85
N GLN D 211 20.41 -8.37 -25.18
CA GLN D 211 21.35 -7.68 -26.08
C GLN D 211 21.17 -6.17 -25.94
N LEU D 212 19.90 -5.70 -25.87
CA LEU D 212 19.59 -4.29 -25.72
C LEU D 212 20.18 -3.69 -24.43
N VAL D 213 19.85 -4.30 -23.26
CA VAL D 213 20.27 -3.86 -21.93
C VAL D 213 21.80 -3.78 -21.83
N ALA D 214 22.56 -4.71 -22.50
CA ALA D 214 24.02 -4.73 -22.54
C ALA D 214 24.64 -3.47 -23.18
N THR D 215 23.89 -2.75 -24.06
CA THR D 215 24.37 -1.54 -24.74
C THR D 215 23.97 -0.22 -24.04
N LEU D 216 22.99 -0.28 -23.13
CA LEU D 216 22.42 0.89 -22.46
C LEU D 216 23.06 1.26 -21.14
N THR D 217 22.89 2.52 -20.74
CA THR D 217 23.33 3.03 -19.44
C THR D 217 22.24 2.65 -18.43
N THR D 218 22.58 2.68 -17.13
CA THR D 218 21.65 2.39 -16.04
C THR D 218 20.43 3.34 -16.08
N GLN D 219 20.65 4.61 -16.52
CA GLN D 219 19.60 5.64 -16.63
C GLN D 219 18.58 5.28 -17.73
N GLU D 220 19.06 4.87 -18.90
CA GLU D 220 18.22 4.44 -20.05
C GLU D 220 17.39 3.22 -19.71
N ILE D 221 18.01 2.23 -19.01
CA ILE D 221 17.30 0.99 -18.59
C ILE D 221 16.13 1.36 -17.65
N ALA D 222 16.39 2.25 -16.67
CA ALA D 222 15.37 2.72 -15.70
C ALA D 222 14.23 3.46 -16.39
N MET D 223 14.55 4.31 -17.39
CA MET D 223 13.53 5.02 -18.15
C MET D 223 12.68 4.07 -19.02
N LEU D 224 13.31 3.05 -19.62
CA LEU D 224 12.61 2.05 -20.43
C LEU D 224 11.65 1.22 -19.60
N ARG D 225 11.92 1.11 -18.27
CA ARG D 225 11.07 0.41 -17.31
C ARG D 225 9.91 1.29 -16.82
N GLU D 226 9.86 2.56 -17.24
CA GLU D 226 8.78 3.48 -16.85
C GLU D 226 7.65 3.45 -17.88
N PRO D 227 6.36 3.66 -17.48
CA PRO D 227 5.28 3.62 -18.49
C PRO D 227 5.23 4.90 -19.33
N MET D 228 6.12 5.00 -20.34
CA MET D 228 6.25 6.22 -21.15
C MET D 228 5.92 6.07 -22.64
N TRP D 229 5.42 4.91 -23.09
CA TRP D 229 5.11 4.69 -24.50
C TRP D 229 3.73 4.16 -24.75
N THR D 230 3.00 4.84 -25.63
CA THR D 230 1.68 4.38 -26.07
C THR D 230 1.96 3.61 -27.37
N THR D 231 1.01 2.81 -27.82
CA THR D 231 1.10 2.08 -29.08
C THR D 231 -0.30 1.91 -29.65
N THR D 232 -0.38 1.64 -30.95
CA THR D 232 -1.66 1.47 -31.62
C THR D 232 -1.78 0.07 -32.18
N VAL D 233 -3.00 -0.33 -32.57
CA VAL D 233 -3.31 -1.64 -33.16
C VAL D 233 -2.69 -1.77 -34.59
N ASP D 234 -1.97 -2.89 -34.85
CA ASP D 234 -1.33 -3.23 -36.13
C ASP D 234 -2.29 -3.13 -37.30
N GLU D 235 -1.75 -2.82 -38.50
CA GLU D 235 -2.46 -2.68 -39.77
C GLU D 235 -3.19 -3.99 -40.11
N SER D 236 -2.49 -5.14 -39.97
CA SER D 236 -2.99 -6.46 -40.29
C SER D 236 -4.24 -6.83 -39.49
N PHE D 237 -4.36 -6.27 -38.27
CA PHE D 237 -5.46 -6.45 -37.31
C PHE D 237 -6.68 -5.59 -37.64
N LEU D 238 -6.53 -4.63 -38.57
CA LEU D 238 -7.64 -3.74 -38.95
C LEU D 238 -8.53 -4.34 -40.04
N ALA D 239 -9.84 -4.03 -39.96
CA ALA D 239 -10.90 -4.45 -40.90
C ALA D 239 -12.12 -3.51 -40.78
N GLU D 240 -12.96 -3.46 -41.83
CA GLU D 240 -14.15 -2.60 -41.90
C GLU D 240 -15.15 -2.81 -40.74
N GLY D 241 -15.40 -1.74 -40.00
CA GLY D 241 -16.28 -1.74 -38.84
C GLY D 241 -15.75 -2.54 -37.65
N ARG D 242 -14.45 -2.91 -37.65
CA ARG D 242 -13.86 -3.67 -36.54
C ARG D 242 -13.37 -2.71 -35.45
N THR D 243 -13.83 -2.98 -34.23
CA THR D 243 -13.52 -2.21 -33.03
C THR D 243 -13.06 -3.12 -31.90
N PHE D 244 -12.27 -2.56 -30.97
CA PHE D 244 -11.70 -3.31 -29.86
C PHE D 244 -12.15 -2.67 -28.54
N LEU D 245 -12.39 -3.51 -27.52
CA LEU D 245 -12.81 -3.10 -26.17
C LEU D 245 -11.79 -2.15 -25.55
N LEU D 246 -10.48 -2.45 -25.73
CA LEU D 246 -9.38 -1.63 -25.21
C LEU D 246 -9.01 -0.43 -26.11
N GLY D 247 -9.78 -0.22 -27.18
CA GLY D 247 -9.60 0.86 -28.14
C GLY D 247 -8.52 0.64 -29.16
N PHE D 248 -8.25 1.67 -30.00
CA PHE D 248 -7.19 1.61 -31.02
C PHE D 248 -5.82 2.00 -30.45
N GLU D 249 -5.78 2.93 -29.48
CA GLU D 249 -4.55 3.38 -28.83
C GLU D 249 -4.49 2.82 -27.41
N ARG D 250 -3.34 2.21 -27.08
CA ARG D 250 -3.11 1.58 -25.78
C ARG D 250 -1.94 2.16 -25.00
N GLY D 251 -1.98 2.00 -23.68
CA GLY D 251 -0.96 2.45 -22.75
C GLY D 251 -1.23 3.79 -22.10
N PRO D 252 -0.20 4.55 -21.66
CA PRO D 252 1.25 4.27 -21.77
C PRO D 252 1.69 3.00 -21.04
N ILE D 253 2.66 2.31 -21.63
CA ILE D 253 3.22 1.10 -21.07
C ILE D 253 4.76 1.21 -21.07
N PRO D 254 5.48 0.47 -20.19
CA PRO D 254 6.96 0.47 -20.29
C PRO D 254 7.41 -0.38 -21.48
N ILE D 255 8.65 -0.17 -21.95
CA ILE D 255 9.22 -1.01 -23.01
C ILE D 255 9.82 -2.22 -22.30
N LEU D 256 10.52 -1.99 -21.17
CA LEU D 256 11.14 -3.09 -20.42
C LEU D 256 10.41 -3.41 -19.14
N SER D 257 10.45 -4.69 -18.74
CA SER D 257 9.86 -5.14 -17.47
C SER D 257 10.56 -6.43 -17.04
N GLY D 258 10.11 -7.02 -15.95
CA GLY D 258 10.64 -8.28 -15.43
C GLY D 258 11.93 -8.15 -14.68
N ALA D 259 12.60 -9.30 -14.46
CA ALA D 259 13.86 -9.41 -13.72
C ALA D 259 14.96 -8.56 -14.39
N ASP D 260 15.90 -8.04 -13.58
CA ASP D 260 17.01 -7.24 -14.06
C ASP D 260 17.92 -8.04 -14.98
N ASP D 261 18.19 -9.31 -14.63
CA ASP D 261 19.06 -10.21 -15.40
C ASP D 261 18.36 -10.98 -16.54
N ASP D 262 17.02 -10.93 -16.58
CA ASP D 262 16.24 -11.62 -17.62
C ASP D 262 15.07 -10.70 -18.04
N PRO D 263 15.34 -9.53 -18.67
CA PRO D 263 14.24 -8.59 -18.95
C PRO D 263 13.27 -9.00 -20.05
N PHE D 264 12.01 -8.54 -19.90
CA PHE D 264 10.97 -8.73 -20.89
C PHE D 264 10.82 -7.43 -21.66
N ILE D 265 10.52 -7.54 -22.95
CA ILE D 265 10.42 -6.39 -23.83
C ILE D 265 9.08 -6.37 -24.56
N VAL D 266 8.53 -5.16 -24.77
CA VAL D 266 7.38 -4.87 -25.62
C VAL D 266 7.86 -3.67 -26.41
N PHE D 267 7.97 -3.84 -27.72
CA PHE D 267 8.46 -2.73 -28.56
C PHE D 267 7.82 -2.74 -29.92
N ASP D 268 7.60 -1.55 -30.47
CA ASP D 268 7.07 -1.37 -31.81
C ASP D 268 7.70 -0.10 -32.41
N GLN D 269 8.73 -0.30 -33.25
CA GLN D 269 9.51 0.77 -33.91
C GLN D 269 8.62 1.81 -34.60
N ASP D 270 7.68 1.32 -35.43
CA ASP D 270 6.75 2.13 -36.21
C ASP D 270 5.53 2.67 -35.44
N LEU D 271 4.93 1.88 -34.51
CA LEU D 271 3.69 2.28 -33.82
C LEU D 271 3.84 2.91 -32.43
N MET D 272 4.97 2.71 -31.74
CA MET D 272 5.14 3.34 -30.42
C MET D 272 5.40 4.81 -30.52
N ARG D 273 4.92 5.54 -29.51
CA ARG D 273 5.09 6.98 -29.38
C ARG D 273 5.39 7.31 -27.93
N GLY D 274 6.52 7.98 -27.70
CA GLY D 274 6.90 8.44 -26.37
C GLY D 274 5.99 9.56 -25.92
N ILE D 275 5.60 9.54 -24.63
CA ILE D 275 4.71 10.56 -24.05
C ILE D 275 5.44 11.89 -23.74
N SER D 276 6.79 11.88 -23.78
CA SER D 276 7.64 13.04 -23.54
C SER D 276 8.83 13.00 -24.51
N ALA D 277 9.55 14.13 -24.67
CA ALA D 277 10.73 14.21 -25.55
C ALA D 277 11.80 13.18 -25.15
N PRO D 278 12.17 12.99 -23.84
CA PRO D 278 13.15 11.93 -23.50
C PRO D 278 12.74 10.52 -23.93
N ALA D 279 11.44 10.14 -23.75
CA ALA D 279 10.89 8.85 -24.12
C ALA D 279 10.96 8.62 -25.65
N GLN D 280 10.76 9.70 -26.45
CA GLN D 280 10.84 9.65 -27.91
C GLN D 280 12.30 9.42 -28.33
N GLU D 281 13.26 10.07 -27.62
CA GLU D 281 14.71 9.94 -27.82
C GLU D 281 15.15 8.50 -27.52
N LEU D 282 14.63 7.92 -26.43
CA LEU D 282 14.92 6.57 -25.99
C LEU D 282 14.45 5.50 -26.97
N GLN D 283 13.32 5.77 -27.66
CA GLN D 283 12.79 4.86 -28.67
C GLN D 283 13.81 4.80 -29.83
N GLN D 284 14.43 5.95 -30.19
CA GLN D 284 15.47 6.05 -31.22
C GLN D 284 16.76 5.31 -30.79
N THR D 285 17.08 5.37 -29.51
CA THR D 285 18.22 4.67 -28.91
C THR D 285 18.05 3.16 -29.07
N VAL D 286 16.82 2.64 -28.80
CA VAL D 286 16.48 1.22 -28.95
C VAL D 286 16.69 0.79 -30.43
N ILE D 287 16.23 1.63 -31.38
CA ILE D 287 16.33 1.38 -32.82
C ILE D 287 17.81 1.30 -33.26
N ARG D 288 18.66 2.26 -32.80
CA ARG D 288 20.09 2.28 -33.13
C ARG D 288 20.81 1.05 -32.59
N ALA D 289 20.48 0.64 -31.35
CA ALA D 289 21.05 -0.55 -30.71
C ALA D 289 20.67 -1.80 -31.52
N TYR D 290 19.43 -1.83 -32.04
CA TYR D 290 18.92 -2.92 -32.87
C TYR D 290 19.72 -3.03 -34.17
N TYR D 291 19.91 -1.93 -34.92
CA TYR D 291 20.68 -1.94 -36.17
C TYR D 291 22.14 -2.34 -35.97
N ALA D 292 22.71 -1.99 -34.80
CA ALA D 292 24.09 -2.29 -34.46
C ALA D 292 24.31 -3.74 -34.00
N GLU D 293 23.36 -4.31 -33.24
CA GLU D 293 23.51 -5.63 -32.60
C GLU D 293 22.67 -6.79 -33.14
N ARG D 294 21.59 -6.54 -33.90
CA ARG D 294 20.68 -7.60 -34.37
C ARG D 294 21.40 -8.78 -35.02
N VAL D 295 20.89 -10.00 -34.80
CA VAL D 295 21.43 -11.17 -35.47
C VAL D 295 20.51 -11.43 -36.66
N SER D 296 21.04 -12.03 -37.72
CA SER D 296 20.22 -12.33 -38.88
C SER D 296 20.31 -13.81 -39.23
N HIS D 297 19.24 -14.32 -39.86
CA HIS D 297 19.16 -15.68 -40.34
C HIS D 297 18.26 -15.72 -41.55
N CYS D 298 18.71 -16.40 -42.61
CA CYS D 298 17.89 -16.58 -43.79
C CYS D 298 17.21 -17.93 -43.66
N LEU D 299 15.89 -17.94 -43.38
CA LEU D 299 15.14 -19.19 -43.24
C LEU D 299 15.15 -20.00 -44.54
N ALA D 300 15.45 -21.30 -44.41
CA ALA D 300 15.57 -22.26 -45.50
C ALA D 300 14.58 -23.41 -45.30
N PRO D 301 14.15 -24.14 -46.37
CA PRO D 301 13.22 -25.25 -46.17
C PRO D 301 13.71 -26.29 -45.15
N GLY D 302 12.77 -26.81 -44.36
CA GLY D 302 13.09 -27.77 -43.31
C GLY D 302 13.51 -27.10 -42.02
N GLU D 303 13.53 -25.75 -41.99
CA GLU D 303 13.86 -25.03 -40.76
C GLU D 303 12.59 -24.51 -40.13
N MET D 304 12.66 -24.35 -38.82
CA MET D 304 11.59 -23.84 -37.98
C MET D 304 12.23 -22.92 -36.94
N LEU D 305 11.68 -21.71 -36.80
CA LEU D 305 12.17 -20.73 -35.84
C LEU D 305 11.11 -20.45 -34.79
N LEU D 306 11.49 -20.59 -33.51
CA LEU D 306 10.65 -20.23 -32.37
C LEU D 306 11.21 -18.94 -31.81
N ILE D 307 10.37 -17.90 -31.74
CA ILE D 307 10.78 -16.63 -31.17
C ILE D 307 10.12 -16.50 -29.81
N ASP D 308 10.89 -16.21 -28.74
CA ASP D 308 10.30 -15.93 -27.44
C ASP D 308 9.85 -14.47 -27.50
N ASN D 309 8.54 -14.26 -27.64
CA ASN D 309 7.89 -12.96 -27.80
C ASN D 309 7.95 -12.05 -26.56
N ARG D 310 8.45 -12.55 -25.43
CA ARG D 310 8.64 -11.71 -24.23
C ARG D 310 10.10 -11.29 -24.12
N ARG D 311 11.01 -12.07 -24.71
CA ARG D 311 12.45 -11.85 -24.56
C ARG D 311 13.18 -11.31 -25.79
N ALA D 312 12.51 -11.26 -26.93
CA ALA D 312 13.15 -10.79 -28.16
C ALA D 312 12.17 -10.11 -29.07
N VAL D 313 12.69 -9.24 -29.93
CA VAL D 313 11.94 -8.50 -30.94
C VAL D 313 12.47 -8.93 -32.29
N HIS D 314 11.66 -8.82 -33.31
CA HIS D 314 12.08 -9.29 -34.62
C HIS D 314 11.72 -8.34 -35.75
N GLY D 315 12.43 -8.53 -36.84
CA GLY D 315 12.26 -7.80 -38.09
C GLY D 315 12.52 -8.72 -39.27
N ARG D 316 12.37 -8.18 -40.48
CA ARG D 316 12.59 -8.88 -41.74
C ARG D 316 13.09 -7.90 -42.82
N SER D 317 14.14 -8.28 -43.57
CA SER D 317 14.76 -7.46 -44.62
C SER D 317 13.89 -7.32 -45.87
N ILE D 318 14.31 -6.41 -46.78
CA ILE D 318 13.68 -6.23 -48.08
C ILE D 318 14.10 -7.44 -48.90
N PHE D 319 13.17 -7.96 -49.70
CA PHE D 319 13.44 -9.04 -50.66
C PHE D 319 12.68 -8.77 -51.95
N ALA D 320 13.08 -9.39 -53.07
CA ALA D 320 12.45 -9.15 -54.37
C ALA D 320 11.66 -10.38 -54.90
N PRO D 321 10.38 -10.53 -54.47
CA PRO D 321 9.58 -11.67 -54.93
C PRO D 321 9.27 -11.62 -56.43
N ARG D 322 9.01 -12.79 -57.02
CA ARG D 322 8.75 -12.93 -58.44
C ARG D 322 7.28 -13.17 -58.78
N PHE D 323 6.48 -13.65 -57.81
CA PHE D 323 5.04 -13.99 -57.96
C PHE D 323 4.83 -15.02 -59.08
N ASP D 324 5.73 -16.03 -59.10
CA ASP D 324 5.79 -17.11 -60.10
C ASP D 324 5.37 -18.50 -59.53
N GLY D 325 4.90 -18.51 -58.29
CA GLY D 325 4.49 -19.71 -57.55
C GLY D 325 5.58 -20.33 -56.70
N ALA D 326 6.83 -19.81 -56.77
CA ALA D 326 7.99 -20.34 -56.06
C ALA D 326 8.59 -19.38 -55.01
N ASP D 327 7.80 -18.35 -54.64
CA ASP D 327 8.23 -17.36 -53.66
C ASP D 327 8.29 -17.92 -52.25
N ARG D 328 8.96 -17.17 -51.37
CA ARG D 328 9.10 -17.47 -49.95
C ARG D 328 7.70 -17.78 -49.38
N PHE D 329 7.64 -18.84 -48.58
CA PHE D 329 6.41 -19.33 -48.00
C PHE D 329 6.72 -19.89 -46.62
N LEU D 330 6.23 -19.21 -45.58
CA LEU D 330 6.38 -19.67 -44.20
C LEU D 330 5.01 -20.00 -43.68
N SER D 331 4.96 -20.90 -42.68
CA SER D 331 3.75 -21.27 -41.96
C SER D 331 3.92 -20.68 -40.58
N ARG D 332 3.08 -19.71 -40.23
CA ARG D 332 3.13 -19.08 -38.92
C ARG D 332 2.04 -19.58 -37.99
N SER D 333 2.43 -19.80 -36.75
CA SER D 333 1.50 -20.15 -35.68
C SER D 333 1.94 -19.44 -34.40
N PHE D 334 1.05 -19.42 -33.40
CA PHE D 334 1.30 -18.71 -32.14
C PHE D 334 1.14 -19.66 -30.99
N ILE D 335 1.89 -19.40 -29.91
CA ILE D 335 1.90 -20.24 -28.71
C ILE D 335 1.75 -19.37 -27.48
N VAL D 336 0.98 -19.85 -26.50
CA VAL D 336 0.78 -19.22 -25.18
C VAL D 336 1.05 -20.29 -24.13
N ALA D 337 1.65 -19.91 -23.01
CA ALA D 337 1.91 -20.89 -21.95
C ALA D 337 0.62 -21.27 -21.28
N ASP D 338 -0.29 -20.30 -21.16
CA ASP D 338 -1.55 -20.41 -20.44
C ASP D 338 -2.74 -20.03 -21.28
N GLY D 339 -3.52 -21.04 -21.68
CA GLY D 339 -4.77 -20.89 -22.42
C GLY D 339 -5.89 -20.26 -21.60
N SER D 340 -5.82 -20.30 -20.22
CA SER D 340 -6.83 -19.68 -19.37
C SER D 340 -6.84 -18.17 -19.44
N ARG D 341 -5.69 -17.54 -19.79
CA ARG D 341 -5.62 -16.07 -19.89
C ARG D 341 -6.51 -15.51 -20.99
N SER D 342 -6.78 -16.31 -22.03
CA SER D 342 -7.63 -15.90 -23.14
C SER D 342 -9.03 -16.53 -23.09
N ARG D 343 -9.36 -17.31 -22.05
CA ARG D 343 -10.65 -18.01 -22.00
C ARG D 343 -11.89 -17.07 -22.15
N HIS D 344 -11.82 -15.86 -21.55
CA HIS D 344 -12.89 -14.85 -21.61
C HIS D 344 -13.12 -14.39 -23.09
N ALA D 345 -12.11 -14.57 -23.95
CA ALA D 345 -12.07 -14.15 -25.36
C ALA D 345 -12.31 -15.29 -26.35
N ARG D 346 -12.48 -16.51 -25.84
CA ARG D 346 -12.65 -17.69 -26.70
C ARG D 346 -13.98 -18.35 -26.42
N SER D 347 -14.33 -19.31 -27.28
CA SER D 347 -15.48 -20.15 -27.02
C SER D 347 -14.94 -21.42 -26.33
N SER D 348 -15.81 -22.16 -25.67
CA SER D 348 -15.45 -23.41 -25.00
C SER D 348 -14.89 -24.38 -26.07
N PHE D 349 -13.69 -24.93 -25.82
CA PHE D 349 -12.95 -25.83 -26.73
C PHE D 349 -12.62 -25.11 -28.05
N GLY D 350 -12.40 -23.81 -27.97
CA GLY D 350 -12.03 -22.97 -29.10
C GLY D 350 -10.60 -22.50 -28.97
N ARG D 351 -9.91 -22.34 -30.09
CA ARG D 351 -8.51 -21.88 -30.10
C ARG D 351 -8.38 -20.45 -30.63
N VAL D 352 -9.49 -19.78 -30.92
CA VAL D 352 -9.48 -18.46 -31.54
C VAL D 352 -9.90 -17.34 -30.59
N VAL D 353 -9.03 -16.33 -30.43
CA VAL D 353 -9.31 -15.14 -29.65
C VAL D 353 -10.22 -14.23 -30.52
N SER D 354 -11.43 -13.90 -30.04
CA SER D 354 -12.35 -13.02 -30.79
C SER D 354 -11.74 -11.65 -30.93
N ALA D 355 -11.89 -11.04 -32.12
CA ALA D 355 -11.31 -9.75 -32.53
C ALA D 355 -11.37 -8.64 -31.48
N ARG D 356 -12.56 -8.35 -30.92
CA ARG D 356 -12.79 -7.28 -29.95
C ARG D 356 -11.96 -7.37 -28.67
N PHE D 357 -11.44 -8.57 -28.34
CA PHE D 357 -10.64 -8.77 -27.14
C PHE D 357 -9.13 -8.55 -27.35
N SER D 358 -8.70 -8.38 -28.61
CA SER D 358 -7.29 -8.14 -28.91
C SER D 358 -6.89 -6.71 -28.49
FE FE E . 8.85 19.15 -0.17
C1 SIN F . 11.28 17.46 -0.17
C1 SIN F . 13.35 14.86 -2.13
O1 SIN F . 10.60 17.27 -1.27
O1 SIN F . 13.67 15.25 -3.35
O2 SIN F . 10.83 17.30 0.95
O2 SIN F . 12.46 14.08 -1.91
C2 SIN F . 12.69 17.89 -0.45
C2 SIN F . 14.20 15.43 -1.05
C3 SIN F . 13.73 17.12 0.35
C3 SIN F . 14.20 16.95 -0.99
C4 SIN F . 15.07 17.00 -0.31
C4 SIN F . 15.20 17.50 -0.01
O3 SIN F . 15.08 16.22 -1.38
O3 SIN F . 16.38 17.68 -0.51
O4 SIN F . 16.04 17.57 0.10
O4 SIN F . 14.93 17.77 1.14
N CUW G . 4.66 17.58 -1.93
CA CUW G . 5.49 17.44 -3.12
C CUW G . 6.11 16.02 -3.19
OXT CUW G . 6.60 15.50 -2.21
CB CUW G . 6.63 18.52 -3.23
OB CUW G . 7.36 18.54 -2.00
CG CUW G . 6.09 19.91 -3.54
CD CUW G . 5.87 20.21 -5.01
CE CUW G . 5.22 21.58 -5.14
NZ CUW G . 5.02 22.02 -6.52
O CUW G . 6.03 15.47 -4.36
C ACT H . -3.10 18.30 10.61
O ACT H . -2.65 19.38 10.14
OXT ACT H . -3.36 18.10 11.81
CH3 ACT H . -3.28 17.12 9.66
FE FE I . -15.55 26.33 32.79
C1 SIN J . -14.45 24.93 35.44
O1 SIN J . -13.49 24.93 34.68
O2 SIN J . -15.59 25.53 35.18
C2 SIN J . -14.41 24.25 36.79
C3 SIN J . -15.77 23.86 37.36
C4 SIN J . -15.72 23.29 38.74
O3 SIN J . -15.88 22.11 38.99
O4 SIN J . -15.50 24.20 39.67
N CUW K . -16.80 32.44 32.99
CA CUW K . -16.59 31.24 33.81
C CUW K . -15.20 31.29 34.46
OXT CUW K . -14.97 32.41 35.08
CB CUW K . -16.83 29.87 33.04
OB CUW K . -15.86 29.72 31.99
CG CUW K . -18.26 29.63 32.53
CD CUW K . -18.69 30.46 31.33
CE CUW K . -19.92 29.90 30.66
NZ CUW K . -20.39 30.75 29.56
O CUW K . -14.41 30.37 34.41
FE FE L . -6.17 -23.53 1.22
C1 SIN M . -7.33 -30.06 2.92
C1 SIN M . -7.32 -29.61 2.81
O1 SIN M . -8.28 -30.73 2.59
O1 SIN M . -8.01 -30.51 2.38
O2 SIN M . -6.71 -30.19 4.06
O2 SIN M . -6.51 -29.75 3.83
C2 SIN M . -6.76 -28.95 2.07
C2 SIN M . -7.33 -28.21 2.24
C3 SIN M . -7.31 -27.58 2.44
C3 SIN M . -6.09 -27.88 1.40
C4 SIN M . -8.67 -27.31 1.89
C4 SIN M . -5.68 -26.44 1.43
O3 SIN M . -9.27 -28.03 1.11
O3 SIN M . -6.05 -25.65 2.28
O4 SIN M . -9.14 -26.17 2.32
O4 SIN M . -4.88 -26.11 0.44
N CUW N . -4.18 -20.97 2.23
CA CUW N . -4.12 -20.80 3.67
C CUW N . -2.84 -21.41 4.27
OXT CUW N . -2.58 -20.97 5.48
CB CUW N . -5.38 -21.39 4.41
OB CUW N . -5.50 -22.76 4.01
CG CUW N . -6.68 -20.66 4.07
CD CUW N . -6.75 -19.22 4.60
CE CUW N . -7.39 -18.35 3.55
NZ CUW N . -7.48 -16.98 3.96
O CUW N . -2.15 -22.21 3.66
FE FE O . 5.85 -10.28 -36.70
C1 SIN P . 6.71 -11.50 -39.51
O1 SIN P . 5.83 -11.11 -40.26
O2 SIN P . 6.90 -11.00 -38.32
C2 SIN P . 7.68 -12.58 -39.86
C3 SIN P . 8.98 -12.07 -40.45
C4 SIN P . 9.74 -13.09 -41.23
O3 SIN P . 9.05 -13.59 -42.24
O4 SIN P . 10.88 -13.44 -40.98
N CUW Q . 2.92 -8.87 -37.02
CA CUW Q . 2.55 -8.06 -38.17
C CUW Q . 1.94 -8.93 -39.28
OXT CUW Q . 2.10 -10.22 -39.10
CB CUW Q . 3.78 -7.20 -38.74
OB CUW Q . 4.78 -8.11 -39.22
CG CUW Q . 4.41 -6.27 -37.70
CD CUW Q . 3.64 -5.00 -37.46
CE CUW Q . 4.06 -4.36 -36.14
NZ CUW Q . 3.35 -3.11 -35.94
O CUW Q . 1.35 -8.45 -40.23
C ACT R . -6.78 -30.99 -24.24
O ACT R . -7.22 -32.11 -24.07
OXT ACT R . -7.49 -29.98 -24.36
CH3 ACT R . -5.27 -30.83 -24.31
#